data_7CKL
#
_entry.id   7CKL
#
_cell.length_a   1.00
_cell.length_b   1.00
_cell.length_c   1.00
_cell.angle_alpha   90.00
_cell.angle_beta   90.00
_cell.angle_gamma   90.00
#
_symmetry.space_group_name_H-M   'P 1'
#
loop_
_entity.id
_entity.type
_entity.pdbx_description
1 polymer 'RNA-directed RNA polymerase L'
2 polymer 'RING finger protein Z'
3 non-polymer 'MANGANESE (II) ION'
4 non-polymer 'ZINC ION'
#
loop_
_entity_poly.entity_id
_entity_poly.type
_entity_poly.pdbx_seq_one_letter_code
_entity_poly.pdbx_strand_id
1 'polypeptide(L)'
;MEEDIACVKDLVSKYLANNERLSRQKLAFLVQTEPRMLLMEGLKLLSLCIEVDSCNANGCEHNSEDKSVERILHDHGVLT
PSLCFVVPDGYKLTGNVLILLECFVRSSPANFEQKYVEDFKKLEQLKEDLKSVDINLIPLIDGRTSFYNEQIPDWVNDKL
RDTLFSLLKYAQESNSLFEESEYSRLCESLSMTSGRLSGVESLNALLDNRSNHYEEVIASCHQGINNKLTAHEVKLQIEE
EYQVFRNRLRKGEIEGQFLKVEKNQLLNEFNNLYADKVAEKDSVEHLTHQFKRASPILRFLYANISKGDNGEGNLIIGEC
QMQCWRSFLNKVKSMRILNTRRKLLLIFDALILLASKHDQVRKKPLRGWLGTCFVSVNDRLVSLESTKKDLKKWVERRQQ
VERSRTMQSFQCPSKNQILNSIFQKTISKATTALRDVGISVDHYKIDMEVICPDGYDLIMDFDVSGVTPTISYQRSEEEA
FPYIMGDVDLLKTTDLERLSSLSLALVNSMKTSSTVKLRQNEFGPARYQVVKCKEAYCQEFSLGETEFQLIYQKTGECSK
CYAINDNRVGEVCSFYADPKRYFPAIFSAEVLQTTVSTMISWIEDCNELEEQLDKIRSLTKMILILILAHPSKRSQKLLQ
NLRYFIMAYVSDYYHKDLIDKVREELITDVEFLLYRLLRTLMGLVLSEDVKSMMTNRFKFILNISYMCHFITKETPDRLT
DQIKCFEKFLEPKVKFGHVSINPADTATEEELDDMVYNAKKFLSKGGCTSAKGPSYKKPGVSKKYLSLLTSSFNNGSLFK
EREVKKEIKDPLITSGCATALDLASNKSVVVNKYTDGSRVLNYDFNKLTALAVSQLTEVFSRKGKHLLNKQDYEYKVQQA
MSNLVLGSKQHKGDADEADLDEILLDGGASTYFNQLKETVEKIVDQYREPVKMGSGSNDGDQPSINDLDEIVSNKFYIRL
IKGELSNHMVEDFDHDVLPDKFYEEFCDAVYENSKLKEKYFYCGHMSQCPIGELTKAVSTRTYLDHEYFQCFKSILLIMN
ANALMGKYTHYKSRNLNFKFDMGKLSDDARISERESNSEALSKALSLTNCTTAMLKNLCFYSQESPQSYNSVGPDTGRLK
FSLSYKEQVGGNRELYIGDLRTKMFTRLIEDYFEALSSQLSGSCLNNEKEFENAILSMKLNVSMAHVSYSMDHSKWGPMM
CPFLFLTVLQNLIFLSKDLQADIKGRDYLSTLLMWHMHKMVEIPFNVVSAMMKSFIKAQLGLRKKTKQSITEDFFYSNFQ
IGVVPSHISSILDMGQGILHNTSDFYALITERFINYAISCVCGGTIDAYTSSDDQISLFDQTLTELLHRDPEEFRALMEF
HYYMSDQLNKFVSPKSVIGRFVAEFKSRFFVWGDEVPLLTKFVAAALHNIKCKEPHQLAETIDTIVDQSVANGVPVHLCN
LIQIRTLSLLQYARYPIDPFLLNCETDVRDWVDGNRSYRIMRQIEGLIPDACSKIRSMLRRLYNRLKTGQLHEEFTTNYL
SSEHLSSLKNLCELLGVEPPSESDLEYSWLNLAAHHPLRMVLRQKIIYSGAVNLDDEKIPTIVKTIQNKLSSTFTRGAQK
LLSEAINKSAFQSSIASGFVGLCRTLGSKCVRGPNKENLYIKSIQSLITGTQGIELLTNSIGVQYWRVPLGLRNKSESVV
SYFRPLLWDYMCISLSTAIELGAWVLGDPKTTKALDFFKHNPCDYFPLKPTASKLLEDRVGLNHIIHSLRRLYPSVFEKH
ILPFMSDLASTKMKWSPRIKFLDLCVALDVNCEALSLVSHIVKWKREEHYIVLSSELRFSHTRTHEPMVEERVVSTSDAV
DNFMRQIYFESYVRPFVATTRTLGSFTWFPHRTSIPEGEGLHRLGPFSSFVEKVIHKGVERPMFKHDLMMGYAWIDFDIE
PARFNQNQLIASGLVDSKFDSLEDFFDAVASLPTGSAKLSQTVRFRIKSQDASFRESFAIHLDYIGSMNQQAKYLVHDVT
AMYSGAVSPCVLSDCWRLVLSGPTFKGKPVWYVDTEVINEFLVDTNQLGHVTPVEVVVDMEKLQFAEYDFMLVGPCAEPV
PLVVRRGGLWECEKKLASFTPVIQDQDLEMFVREVGDTSSDLLIRALSDMITDRLGLRMQWSGVDIVSTLRAAAPGNAEV
LSAVLEVVDNWVEFKGYALCYSKSRGRVMVQSSSGKLRLKGRTCEELTEGGEHVEDIE
;
A
2 'polypeptide(L)'
;MGNKQVKAPEARNSPRASLIPDATHLGPQFCKSCWFENKGLVECNNHYLCLNCLTLLLGVSSRCPICKMPLPTRLRPSAA
PTAPPAEAGDNTRPPPYSP
;
B
#
loop_
_chem_comp.id
_chem_comp.type
_chem_comp.name
_chem_comp.formula
MN non-polymer 'MANGANESE (II) ION' 'Mn 2'
ZN non-polymer 'ZINC ION' 'Zn 2'
#
# COMPACT_ATOMS: atom_id res chain seq x y z
N MET A 1 14.17 23.67 -56.89
CA MET A 1 13.45 22.85 -55.93
C MET A 1 13.94 21.40 -55.98
N GLU A 2 14.32 20.95 -57.17
CA GLU A 2 14.81 19.60 -57.37
C GLU A 2 16.25 19.42 -56.90
N GLU A 3 16.92 20.50 -56.48
CA GLU A 3 18.30 20.40 -56.01
C GLU A 3 18.38 19.52 -54.76
N ASP A 4 17.60 19.86 -53.73
CA ASP A 4 17.61 19.03 -52.51
C ASP A 4 17.03 17.65 -52.76
N ILE A 5 16.09 17.54 -53.72
CA ILE A 5 15.53 16.22 -54.05
C ILE A 5 16.61 15.30 -54.60
N ALA A 6 17.35 15.77 -55.60
CA ALA A 6 18.45 14.98 -56.14
C ALA A 6 19.54 14.76 -55.10
N CYS A 7 19.77 15.74 -54.21
CA CYS A 7 20.76 15.56 -53.16
C CYS A 7 20.38 14.41 -52.23
N VAL A 8 19.13 14.38 -51.77
CA VAL A 8 18.73 13.31 -50.87
C VAL A 8 18.65 11.98 -51.61
N LYS A 9 18.38 12.01 -52.92
CA LYS A 9 18.43 10.78 -53.70
C LYS A 9 19.86 10.23 -53.76
N ASP A 10 20.84 11.11 -53.95
CA ASP A 10 22.24 10.68 -53.87
C ASP A 10 22.57 10.14 -52.48
N LEU A 11 22.09 10.82 -51.43
CA LEU A 11 22.37 10.37 -50.07
C LEU A 11 21.79 8.99 -49.80
N VAL A 12 20.55 8.75 -50.22
CA VAL A 12 19.94 7.45 -49.96
C VAL A 12 20.57 6.37 -50.85
N SER A 13 21.07 6.75 -52.02
CA SER A 13 21.76 5.77 -52.85
C SER A 13 23.15 5.42 -52.34
N LYS A 14 23.82 6.33 -51.60
CA LYS A 14 25.15 6.00 -51.10
C LYS A 14 25.08 5.35 -49.72
N TYR A 15 24.35 5.96 -48.78
CA TYR A 15 24.28 5.48 -47.40
C TYR A 15 22.91 4.87 -47.16
N LEU A 16 22.87 3.54 -47.08
CA LEU A 16 21.63 2.81 -46.81
C LEU A 16 21.98 1.37 -46.48
N ALA A 17 21.20 0.75 -45.60
CA ALA A 17 21.30 -0.68 -45.34
C ALA A 17 20.69 -1.49 -46.48
N ASN A 18 21.50 -2.26 -47.20
CA ASN A 18 21.06 -3.03 -48.35
C ASN A 18 20.86 -4.50 -48.02
N ASN A 19 20.40 -4.84 -46.81
CA ASN A 19 20.45 -6.22 -46.36
C ASN A 19 19.67 -7.17 -47.25
N GLU A 20 18.34 -7.11 -47.24
CA GLU A 20 17.56 -7.81 -48.26
C GLU A 20 16.29 -7.07 -48.65
N ARG A 21 15.97 -5.99 -47.94
CA ARG A 21 14.65 -5.38 -48.10
C ARG A 21 14.71 -3.91 -48.44
N LEU A 22 15.51 -3.14 -47.70
CA LEU A 22 15.49 -1.69 -47.84
C LEU A 22 15.91 -1.22 -49.23
N SER A 23 16.59 -2.08 -49.99
CA SER A 23 16.88 -1.75 -51.38
C SER A 23 15.60 -1.67 -52.20
N ARG A 24 14.58 -2.45 -51.83
CA ARG A 24 13.29 -2.36 -52.52
C ARG A 24 12.63 -1.01 -52.26
N GLN A 25 12.65 -0.54 -51.02
CA GLN A 25 12.12 0.80 -50.73
C GLN A 25 12.95 1.86 -51.43
N LYS A 26 14.27 1.65 -51.53
CA LYS A 26 15.12 2.61 -52.22
C LYS A 26 14.76 2.71 -53.70
N LEU A 27 14.55 1.57 -54.36
CA LEU A 27 14.19 1.60 -55.78
C LEU A 27 12.75 2.07 -55.98
N ALA A 28 11.89 1.88 -54.98
CA ALA A 28 10.53 2.39 -55.07
C ALA A 28 10.46 3.89 -54.83
N PHE A 29 11.43 4.45 -54.11
CA PHE A 29 11.50 5.89 -53.90
C PHE A 29 12.22 6.63 -55.02
N LEU A 30 13.34 6.07 -55.50
CA LEU A 30 14.14 6.77 -56.50
C LEU A 30 13.40 6.96 -57.82
N VAL A 31 12.31 6.22 -58.06
CA VAL A 31 11.51 6.44 -59.25
C VAL A 31 10.46 7.52 -59.06
N GLN A 32 10.12 7.86 -57.82
CA GLN A 32 9.16 8.92 -57.56
C GLN A 32 9.74 10.28 -57.90
N MET A 37 7.19 15.56 -50.74
CA MET A 37 7.38 14.13 -50.93
C MET A 37 8.73 13.70 -50.37
N LEU A 38 9.68 14.65 -50.34
CA LEU A 38 11.00 14.37 -49.79
C LEU A 38 10.93 14.09 -48.30
N LEU A 39 10.22 14.94 -47.56
CA LEU A 39 10.13 14.80 -46.11
C LEU A 39 9.41 13.51 -45.73
N MET A 40 8.32 13.22 -46.43
CA MET A 40 7.53 12.04 -46.13
C MET A 40 8.34 10.76 -46.29
N GLU A 41 9.05 10.62 -47.42
CA GLU A 41 9.83 9.42 -47.65
C GLU A 41 11.09 9.39 -46.80
N GLY A 42 11.63 10.54 -46.41
CA GLY A 42 12.70 10.53 -45.44
C GLY A 42 12.26 9.95 -44.11
N LEU A 43 11.13 10.44 -43.60
CA LEU A 43 10.55 9.84 -42.40
C LEU A 43 10.21 8.37 -42.61
N LYS A 44 9.76 8.01 -43.81
CA LYS A 44 9.37 6.63 -44.07
C LYS A 44 10.57 5.70 -44.02
N LEU A 45 11.69 6.09 -44.66
CA LEU A 45 12.88 5.26 -44.62
C LEU A 45 13.44 5.19 -43.19
N LEU A 46 13.41 6.31 -42.46
CA LEU A 46 13.86 6.29 -41.07
C LEU A 46 13.03 5.30 -40.25
N SER A 47 11.71 5.41 -40.34
CA SER A 47 10.83 4.54 -39.55
C SER A 47 10.93 3.08 -39.99
N LEU A 48 11.18 2.85 -41.28
CA LEU A 48 11.36 1.49 -41.76
C LEU A 48 12.65 0.89 -41.23
N CYS A 49 13.69 1.71 -41.09
CA CYS A 49 14.90 1.24 -40.43
C CYS A 49 14.62 0.90 -38.96
N ILE A 50 13.86 1.77 -38.28
CA ILE A 50 13.47 1.45 -36.90
C ILE A 50 12.72 0.13 -36.85
N GLU A 51 11.82 -0.11 -37.80
CA GLU A 51 10.99 -1.31 -37.79
C GLU A 51 11.82 -2.56 -38.06
N VAL A 52 12.74 -2.50 -39.02
CA VAL A 52 13.55 -3.69 -39.30
C VAL A 52 14.49 -3.97 -38.13
N ASP A 53 15.04 -2.92 -37.51
CA ASP A 53 15.84 -3.13 -36.31
C ASP A 53 15.01 -3.75 -35.20
N SER A 54 13.74 -3.34 -35.08
CA SER A 54 12.87 -3.89 -34.05
C SER A 54 12.59 -5.37 -34.30
N CYS A 55 12.28 -5.74 -35.54
CA CYS A 55 11.93 -7.14 -35.80
C CYS A 55 13.15 -8.04 -35.75
N ASN A 56 14.34 -7.53 -36.10
CA ASN A 56 15.55 -8.32 -35.93
C ASN A 56 16.04 -8.36 -34.49
N ALA A 57 15.68 -7.37 -33.67
CA ALA A 57 16.08 -7.39 -32.27
C ALA A 57 15.17 -8.26 -31.42
N ASN A 58 13.89 -8.40 -31.81
CA ASN A 58 12.92 -9.20 -31.07
C ASN A 58 12.68 -10.56 -31.73
N GLY A 59 13.50 -10.92 -32.73
CA GLY A 59 13.40 -12.19 -33.40
C GLY A 59 12.07 -12.51 -34.05
N CYS A 60 11.26 -11.49 -34.34
CA CYS A 60 9.96 -11.68 -34.95
C CYS A 60 10.04 -11.53 -36.46
N GLU A 61 9.16 -12.26 -37.15
CA GLU A 61 9.11 -12.19 -38.61
C GLU A 61 8.44 -10.90 -39.04
N HIS A 62 9.08 -10.17 -39.95
CA HIS A 62 8.60 -8.85 -40.35
C HIS A 62 7.28 -8.97 -41.12
N ASN A 63 6.29 -8.21 -40.70
CA ASN A 63 4.98 -8.16 -41.35
C ASN A 63 4.94 -6.92 -42.21
N SER A 64 5.31 -7.08 -43.49
CA SER A 64 5.44 -5.95 -44.39
C SER A 64 4.22 -5.74 -45.28
N GLU A 65 3.52 -6.82 -45.63
CA GLU A 65 2.41 -6.75 -46.58
C GLU A 65 1.11 -6.26 -45.96
N ASP A 66 1.17 -5.64 -44.78
CA ASP A 66 0.00 -5.10 -44.10
C ASP A 66 -1.04 -6.20 -43.87
N LYS A 67 -0.57 -7.36 -43.43
CA LYS A 67 -1.45 -8.48 -43.12
C LYS A 67 -2.01 -8.31 -41.71
N SER A 68 -3.34 -8.35 -41.59
CA SER A 68 -3.97 -8.26 -40.28
C SER A 68 -3.99 -9.64 -39.64
N VAL A 69 -4.68 -9.76 -38.49
CA VAL A 69 -4.73 -11.03 -37.79
C VAL A 69 -5.56 -12.04 -38.57
N GLU A 70 -6.57 -11.57 -39.30
CA GLU A 70 -7.39 -12.48 -40.11
C GLU A 70 -6.56 -13.10 -41.23
N ARG A 71 -5.68 -12.32 -41.85
CA ARG A 71 -4.82 -12.86 -42.90
C ARG A 71 -3.86 -13.91 -42.35
N ILE A 72 -3.24 -13.62 -41.20
CA ILE A 72 -2.31 -14.56 -40.59
C ILE A 72 -3.02 -15.84 -40.17
N LEU A 73 -4.26 -15.71 -39.66
CA LEU A 73 -5.01 -16.88 -39.25
C LEU A 73 -5.58 -17.67 -40.43
N HIS A 74 -5.79 -17.02 -41.57
CA HIS A 74 -6.24 -17.74 -42.76
C HIS A 74 -5.10 -18.45 -43.46
N ASP A 75 -3.90 -17.85 -43.43
CA ASP A 75 -2.74 -18.47 -44.04
C ASP A 75 -2.29 -19.73 -43.29
N HIS A 76 -2.79 -19.94 -42.07
CA HIS A 76 -2.45 -21.10 -41.27
C HIS A 76 -3.63 -22.06 -41.09
N GLY A 77 -4.81 -21.71 -41.59
CA GLY A 77 -5.95 -22.60 -41.52
C GLY A 77 -6.82 -22.47 -40.30
N VAL A 78 -6.82 -21.32 -39.64
CA VAL A 78 -7.65 -21.07 -38.48
C VAL A 78 -8.85 -20.23 -38.93
N LEU A 79 -10.05 -20.78 -38.79
CA LEU A 79 -11.27 -20.07 -39.16
C LEU A 79 -11.83 -19.37 -37.93
N THR A 80 -11.97 -18.05 -38.02
CA THR A 80 -12.41 -17.23 -36.90
C THR A 80 -13.59 -16.35 -37.32
N PRO A 81 -14.49 -16.03 -36.38
CA PRO A 81 -15.60 -15.12 -36.71
C PRO A 81 -15.15 -13.67 -36.79
N SER A 82 -16.11 -12.75 -36.95
CA SER A 82 -15.83 -11.34 -37.14
C SER A 82 -15.28 -10.75 -35.84
N LEU A 83 -13.99 -10.47 -35.81
CA LEU A 83 -13.32 -9.88 -34.66
C LEU A 83 -12.69 -8.54 -35.07
N CYS A 84 -11.86 -7.99 -34.19
CA CYS A 84 -11.23 -6.70 -34.43
C CYS A 84 -10.16 -6.80 -35.50
N PHE A 85 -10.07 -5.77 -36.34
CA PHE A 85 -9.07 -5.71 -37.40
C PHE A 85 -7.88 -4.88 -36.93
N VAL A 86 -6.76 -5.55 -36.68
CA VAL A 86 -5.51 -4.89 -36.28
C VAL A 86 -4.37 -5.50 -37.08
N VAL A 87 -3.48 -4.66 -37.58
CA VAL A 87 -2.33 -5.08 -38.37
C VAL A 87 -1.07 -4.93 -37.52
N PRO A 88 -0.28 -5.98 -37.35
CA PRO A 88 0.96 -5.88 -36.58
C PRO A 88 2.15 -5.54 -37.47
N ASP A 89 3.27 -5.21 -36.80
CA ASP A 89 4.53 -4.99 -37.50
C ASP A 89 5.36 -6.26 -37.61
N GLY A 90 5.17 -7.21 -36.69
CA GLY A 90 5.86 -8.47 -36.74
C GLY A 90 5.04 -9.55 -36.10
N TYR A 91 5.25 -10.80 -36.55
CA TYR A 91 4.51 -11.93 -36.03
C TYR A 91 5.43 -13.13 -35.92
N LYS A 92 5.09 -14.03 -34.98
CA LYS A 92 5.86 -15.24 -34.76
C LYS A 92 4.91 -16.36 -34.34
N LEU A 93 4.95 -17.47 -35.08
CA LEU A 93 4.05 -18.59 -34.84
C LEU A 93 4.83 -19.78 -34.29
N THR A 94 4.43 -20.29 -33.13
CA THR A 94 5.00 -21.51 -32.56
C THR A 94 3.82 -22.32 -32.01
N GLY A 95 3.24 -23.17 -32.86
CA GLY A 95 2.12 -23.99 -32.44
C GLY A 95 0.95 -23.15 -32.01
N ASN A 96 0.59 -23.23 -30.73
CA ASN A 96 -0.51 -22.47 -30.16
C ASN A 96 -0.03 -21.19 -29.48
N VAL A 97 1.15 -20.69 -29.85
CA VAL A 97 1.75 -19.51 -29.25
C VAL A 97 2.03 -18.51 -30.36
N LEU A 98 1.34 -17.37 -30.34
CA LEU A 98 1.55 -16.30 -31.30
C LEU A 98 2.21 -15.12 -30.60
N ILE A 99 3.17 -14.51 -31.30
CA ILE A 99 3.88 -13.34 -30.83
C ILE A 99 3.56 -12.20 -31.79
N LEU A 100 2.97 -11.13 -31.25
CA LEU A 100 2.55 -9.98 -32.03
C LEU A 100 3.45 -8.79 -31.72
N LEU A 101 3.66 -7.93 -32.71
CA LEU A 101 4.54 -6.78 -32.56
C LEU A 101 3.83 -5.52 -33.01
N GLU A 102 3.93 -4.47 -32.20
CA GLU A 102 3.43 -3.14 -32.55
C GLU A 102 4.47 -2.11 -32.17
N CYS A 103 4.86 -1.27 -33.13
CA CYS A 103 5.92 -0.30 -32.93
C CYS A 103 5.42 1.10 -33.24
N PHE A 104 5.95 2.07 -32.50
CA PHE A 104 5.63 3.48 -32.70
C PHE A 104 6.73 4.33 -32.08
N VAL A 105 6.85 5.55 -32.59
CA VAL A 105 7.86 6.50 -32.12
C VAL A 105 7.18 7.83 -31.81
N ARG A 106 7.43 8.36 -30.62
CA ARG A 106 6.77 9.56 -30.15
C ARG A 106 7.77 10.47 -29.46
N SER A 107 7.64 11.78 -29.68
CA SER A 107 8.51 12.75 -29.05
C SER A 107 7.96 13.29 -27.74
N SER A 108 6.65 13.48 -27.66
CA SER A 108 6.04 13.97 -26.42
C SER A 108 5.66 12.78 -25.54
N PRO A 109 6.05 12.79 -24.26
CA PRO A 109 5.70 11.64 -23.40
C PRO A 109 4.21 11.41 -23.27
N ALA A 110 3.39 12.45 -23.39
CA ALA A 110 1.94 12.27 -23.30
C ALA A 110 1.44 11.39 -24.44
N ASN A 111 1.78 11.73 -25.68
CA ASN A 111 1.38 10.92 -26.82
C ASN A 111 1.98 9.53 -26.74
N PHE A 112 3.21 9.42 -26.23
CA PHE A 112 3.85 8.12 -26.09
C PHE A 112 3.05 7.21 -25.16
N GLU A 113 2.74 7.70 -23.96
CA GLU A 113 1.98 6.89 -23.02
C GLU A 113 0.55 6.64 -23.50
N GLN A 114 -0.03 7.60 -24.23
CA GLN A 114 -1.37 7.39 -24.76
C GLN A 114 -1.37 6.24 -25.76
N LYS A 115 -0.40 6.23 -26.69
CA LYS A 115 -0.34 5.12 -27.62
C LYS A 115 0.07 3.83 -26.93
N TYR A 116 0.87 3.91 -25.87
CA TYR A 116 1.20 2.71 -25.10
C TYR A 116 -0.05 2.07 -24.52
N VAL A 117 -0.90 2.86 -23.86
CA VAL A 117 -2.11 2.29 -23.25
C VAL A 117 -3.12 1.91 -24.33
N GLU A 118 -3.14 2.61 -25.46
CA GLU A 118 -4.03 2.22 -26.55
C GLU A 118 -3.62 0.87 -27.15
N ASP A 119 -2.32 0.68 -27.37
CA ASP A 119 -1.83 -0.61 -27.83
C ASP A 119 -2.11 -1.70 -26.80
N PHE A 120 -1.97 -1.36 -25.52
CA PHE A 120 -2.33 -2.32 -24.47
C PHE A 120 -3.80 -2.72 -24.57
N LYS A 121 -4.68 -1.74 -24.81
CA LYS A 121 -6.10 -2.02 -24.90
C LYS A 121 -6.41 -2.90 -26.11
N LYS A 122 -5.84 -2.57 -27.28
CA LYS A 122 -6.12 -3.38 -28.46
C LYS A 122 -5.54 -4.78 -28.32
N LEU A 123 -4.37 -4.92 -27.67
CA LEU A 123 -3.80 -6.25 -27.52
C LEU A 123 -4.58 -7.08 -26.51
N GLU A 124 -5.08 -6.48 -25.43
CA GLU A 124 -5.88 -7.26 -24.49
C GLU A 124 -7.21 -7.64 -25.12
N GLN A 125 -7.78 -6.76 -25.94
CA GLN A 125 -8.98 -7.13 -26.69
C GLN A 125 -8.70 -8.30 -27.64
N LEU A 126 -7.56 -8.27 -28.32
CA LEU A 126 -7.22 -9.36 -29.23
C LEU A 126 -6.97 -10.67 -28.47
N LYS A 127 -6.31 -10.59 -27.32
CA LYS A 127 -6.07 -11.79 -26.52
C LYS A 127 -7.40 -12.38 -26.04
N GLU A 128 -8.32 -11.52 -25.60
CA GLU A 128 -9.63 -12.00 -25.16
C GLU A 128 -10.41 -12.59 -26.32
N ASP A 129 -10.27 -12.03 -27.53
CA ASP A 129 -10.98 -12.57 -28.68
C ASP A 129 -10.42 -13.94 -29.08
N LEU A 130 -9.10 -14.05 -29.21
CA LEU A 130 -8.50 -15.32 -29.58
C LEU A 130 -8.60 -16.37 -28.48
N LYS A 131 -8.82 -15.93 -27.23
CA LYS A 131 -9.06 -16.90 -26.16
C LYS A 131 -10.40 -17.60 -26.36
N SER A 132 -11.40 -16.90 -26.89
CA SER A 132 -12.66 -17.54 -27.26
C SER A 132 -12.50 -18.54 -28.39
N VAL A 133 -11.39 -18.48 -29.12
CA VAL A 133 -11.04 -19.45 -30.15
C VAL A 133 -9.91 -20.37 -29.69
N ASP A 134 -9.47 -20.24 -28.44
CA ASP A 134 -8.46 -21.10 -27.84
C ASP A 134 -7.12 -20.99 -28.58
N ILE A 135 -6.69 -19.76 -28.81
CA ILE A 135 -5.40 -19.45 -29.40
C ILE A 135 -4.66 -18.53 -28.43
N ASN A 136 -3.53 -18.99 -27.90
CA ASN A 136 -2.76 -18.23 -26.92
C ASN A 136 -1.78 -17.32 -27.64
N LEU A 137 -1.88 -16.02 -27.37
CA LEU A 137 -0.98 -15.02 -27.95
C LEU A 137 -0.22 -14.32 -26.84
N ILE A 138 1.00 -13.90 -27.15
CA ILE A 138 1.85 -13.13 -26.25
C ILE A 138 2.11 -11.78 -26.91
N PRO A 139 1.79 -10.66 -26.25
CA PRO A 139 1.98 -9.35 -26.88
C PRO A 139 3.38 -8.80 -26.67
N LEU A 140 3.77 -7.89 -27.56
CA LEU A 140 5.03 -7.18 -27.45
C LEU A 140 4.84 -5.78 -27.99
N ILE A 141 5.31 -4.78 -27.22
CA ILE A 141 5.17 -3.38 -27.58
C ILE A 141 6.56 -2.79 -27.75
N ASP A 142 6.80 -2.15 -28.90
CA ASP A 142 8.08 -1.51 -29.20
C ASP A 142 7.85 0.01 -29.25
N GLY A 143 7.97 0.66 -28.10
CA GLY A 143 7.89 2.09 -28.02
C GLY A 143 9.28 2.69 -27.92
N ARG A 144 9.63 3.50 -28.91
CA ARG A 144 10.95 4.12 -28.99
C ARG A 144 10.78 5.63 -28.92
N THR A 145 11.23 6.23 -27.81
CA THR A 145 11.12 7.66 -27.63
C THR A 145 12.08 8.43 -28.54
N SER A 146 13.09 7.77 -29.08
CA SER A 146 14.09 8.40 -29.93
C SER A 146 13.94 7.89 -31.37
N PHE A 147 14.76 8.47 -32.25
CA PHE A 147 14.77 8.11 -33.66
C PHE A 147 16.04 7.37 -34.06
N TYR A 148 16.83 6.90 -33.10
CA TYR A 148 18.09 6.26 -33.41
C TYR A 148 17.87 4.85 -33.94
N ASN A 149 18.88 4.34 -34.65
CA ASN A 149 18.82 3.03 -35.27
C ASN A 149 20.24 2.50 -35.40
N GLU A 150 20.37 1.33 -36.05
CA GLU A 150 21.67 0.71 -36.27
C GLU A 150 22.01 0.58 -37.75
N GLN A 151 21.32 1.33 -38.61
CA GLN A 151 21.55 1.28 -40.05
C GLN A 151 22.18 2.53 -40.61
N ILE A 152 21.79 3.71 -40.13
CA ILE A 152 22.37 4.98 -40.55
C ILE A 152 23.10 5.60 -39.37
N PRO A 153 24.30 6.15 -39.56
CA PRO A 153 25.00 6.81 -38.45
C PRO A 153 24.17 7.92 -37.85
N ASP A 154 24.50 8.25 -36.59
CA ASP A 154 23.70 9.21 -35.82
C ASP A 154 23.75 10.60 -36.45
N TRP A 155 24.96 11.12 -36.66
CA TRP A 155 25.08 12.46 -37.24
C TRP A 155 24.56 12.50 -38.67
N VAL A 156 24.64 11.39 -39.39
CA VAL A 156 24.07 11.34 -40.75
C VAL A 156 22.56 11.47 -40.68
N ASN A 157 21.92 10.77 -39.73
CA ASN A 157 20.48 10.87 -39.59
C ASN A 157 20.07 12.27 -39.14
N ASP A 158 20.88 12.89 -38.27
CA ASP A 158 20.59 14.26 -37.85
C ASP A 158 20.71 15.23 -39.01
N LYS A 159 21.72 15.05 -39.87
CA LYS A 159 21.84 15.89 -41.06
C LYS A 159 20.68 15.67 -42.01
N LEU A 160 20.23 14.42 -42.14
CA LEU A 160 19.04 14.14 -42.95
C LEU A 160 17.82 14.89 -42.43
N ARG A 161 17.57 14.80 -41.11
CA ARG A 161 16.43 15.49 -40.53
C ARG A 161 16.55 17.00 -40.67
N ASP A 162 17.77 17.53 -40.53
CA ASP A 162 17.97 18.96 -40.71
C ASP A 162 17.74 19.39 -42.16
N THR A 163 18.10 18.53 -43.12
CA THR A 163 17.81 18.85 -44.51
C THR A 163 16.30 18.82 -44.78
N LEU A 164 15.59 17.88 -44.15
CA LEU A 164 14.13 17.88 -44.25
C LEU A 164 13.56 19.18 -43.69
N PHE A 165 14.04 19.60 -42.52
CA PHE A 165 13.55 20.82 -41.90
C PHE A 165 13.88 22.05 -42.74
N SER A 166 15.05 22.06 -43.39
CA SER A 166 15.40 23.20 -44.24
C SER A 166 14.64 23.19 -45.55
N LEU A 167 14.22 22.03 -46.04
CA LEU A 167 13.33 22.00 -47.19
C LEU A 167 11.89 22.31 -46.81
N LEU A 168 11.56 22.25 -45.52
CA LEU A 168 10.27 22.69 -45.02
C LEU A 168 10.13 24.21 -45.01
N LYS A 169 11.22 24.94 -45.27
CA LYS A 169 11.16 26.40 -45.26
C LYS A 169 10.41 26.96 -46.46
N TYR A 170 10.19 26.16 -47.50
CA TYR A 170 9.51 26.63 -48.69
C TYR A 170 8.02 26.77 -48.41
N ALA A 171 7.27 27.24 -49.43
CA ALA A 171 5.84 27.44 -49.32
C ALA A 171 5.03 26.61 -50.29
N GLN A 172 5.65 26.03 -51.32
CA GLN A 172 4.90 25.25 -52.30
C GLN A 172 4.34 23.97 -51.69
N GLU A 173 5.13 23.29 -50.85
CA GLU A 173 4.63 22.09 -50.20
C GLU A 173 3.51 22.42 -49.22
N SER A 174 3.58 23.59 -48.57
CA SER A 174 2.59 23.94 -47.57
C SER A 174 1.26 24.35 -48.20
N ASN A 175 1.28 24.95 -49.39
CA ASN A 175 0.04 25.40 -50.01
C ASN A 175 -0.54 24.37 -50.97
N SER A 176 0.30 23.55 -51.61
CA SER A 176 -0.22 22.51 -52.49
C SER A 176 -0.84 21.38 -51.68
N LEU A 177 -0.17 20.95 -50.62
CA LEU A 177 -0.63 19.85 -49.78
C LEU A 177 -0.31 20.23 -48.34
N PHE A 178 -0.33 19.24 -47.44
CA PHE A 178 -0.06 19.45 -46.02
C PHE A 178 -1.07 20.41 -45.40
N GLU A 179 -2.33 19.95 -45.38
CA GLU A 179 -3.39 20.69 -44.73
C GLU A 179 -3.05 20.97 -43.26
N GLU A 180 -3.77 21.95 -42.69
CA GLU A 180 -3.38 22.52 -41.41
C GLU A 180 -3.18 21.46 -40.33
N SER A 181 -4.12 20.52 -40.20
CA SER A 181 -4.04 19.54 -39.12
C SER A 181 -2.86 18.59 -39.33
N GLU A 182 -2.81 17.93 -40.50
CA GLU A 182 -1.75 16.97 -40.76
C GLU A 182 -0.38 17.64 -40.82
N TYR A 183 -0.30 18.85 -41.39
CA TYR A 183 0.98 19.55 -41.42
C TYR A 183 1.42 19.95 -40.03
N SER A 184 0.49 20.35 -39.16
CA SER A 184 0.84 20.68 -37.79
C SER A 184 1.36 19.46 -37.05
N ARG A 185 0.70 18.31 -37.23
CA ARG A 185 1.15 17.10 -36.55
C ARG A 185 2.50 16.63 -37.10
N LEU A 186 2.74 16.82 -38.40
CA LEU A 186 4.03 16.48 -38.98
C LEU A 186 5.13 17.39 -38.44
N CYS A 187 4.84 18.69 -38.31
CA CYS A 187 5.84 19.62 -37.80
C CYS A 187 6.13 19.38 -36.34
N GLU A 188 5.10 19.04 -35.55
CA GLU A 188 5.32 18.72 -34.14
C GLU A 188 5.98 17.37 -33.94
N SER A 189 5.83 16.45 -34.90
CA SER A 189 6.49 15.16 -34.80
C SER A 189 7.99 15.27 -35.03
N LEU A 190 8.41 16.16 -35.93
CA LEU A 190 9.83 16.38 -36.20
C LEU A 190 10.44 17.44 -35.30
N SER A 191 9.64 18.07 -34.44
CA SER A 191 10.15 19.06 -33.51
C SER A 191 10.73 18.37 -32.27
N MET A 192 11.16 19.16 -31.30
CA MET A 192 11.75 18.66 -30.07
C MET A 192 11.15 19.39 -28.87
N THR A 193 9.82 19.50 -28.85
CA THR A 193 9.16 20.18 -27.75
C THR A 193 9.29 19.38 -26.45
N SER A 194 8.82 18.14 -26.45
CA SER A 194 8.87 17.26 -25.28
C SER A 194 8.24 17.93 -24.05
N GLY A 195 7.01 18.40 -24.23
CA GLY A 195 6.29 19.07 -23.17
C GLY A 195 5.90 18.15 -22.03
N GLU A 201 7.20 25.67 -20.44
CA GLU A 201 6.55 25.02 -19.29
C GLU A 201 5.06 25.35 -19.24
N SER A 202 4.61 26.17 -20.19
CA SER A 202 3.21 26.58 -20.26
C SER A 202 2.50 26.02 -21.49
N LEU A 203 3.18 25.94 -22.63
CA LEU A 203 2.62 25.41 -23.87
C LEU A 203 1.37 26.19 -24.28
N ASN A 204 1.56 27.48 -24.50
CA ASN A 204 0.48 28.39 -24.85
C ASN A 204 0.17 28.44 -26.33
N ALA A 205 0.93 27.71 -27.16
CA ALA A 205 0.76 27.76 -28.61
C ALA A 205 -0.43 26.88 -29.01
N LEU A 206 -1.61 27.31 -28.60
CA LEU A 206 -2.85 26.62 -28.91
C LEU A 206 -3.82 27.58 -29.60
N LEU A 207 -4.81 27.01 -30.28
CA LEU A 207 -5.81 27.78 -31.02
C LEU A 207 -6.92 28.17 -30.05
N ASP A 208 -6.89 29.43 -29.59
CA ASP A 208 -7.87 29.91 -28.63
C ASP A 208 -9.14 30.34 -29.38
N ASN A 209 -10.20 29.54 -29.26
CA ASN A 209 -11.50 29.85 -29.81
C ASN A 209 -12.57 29.81 -28.72
N ARG A 210 -12.27 30.41 -27.57
CA ARG A 210 -13.18 30.38 -26.43
C ARG A 210 -14.46 31.15 -26.75
N SER A 211 -15.60 30.54 -26.46
CA SER A 211 -16.91 31.14 -26.71
C SER A 211 -17.23 32.13 -25.60
N ASN A 212 -18.47 32.64 -25.60
CA ASN A 212 -18.86 33.66 -24.64
C ASN A 212 -19.05 33.11 -23.23
N HIS A 213 -19.18 31.78 -23.09
CA HIS A 213 -19.41 31.19 -21.78
C HIS A 213 -18.28 31.51 -20.81
N TYR A 214 -17.05 31.60 -21.29
CA TYR A 214 -15.94 32.00 -20.43
C TYR A 214 -16.19 33.36 -19.81
N GLU A 215 -16.57 34.35 -20.64
CA GLU A 215 -16.87 35.67 -20.11
C GLU A 215 -18.09 35.64 -19.20
N GLU A 216 -19.06 34.77 -19.48
CA GLU A 216 -20.19 34.63 -18.57
C GLU A 216 -19.73 34.19 -17.19
N VAL A 217 -18.88 33.16 -17.12
CA VAL A 217 -18.40 32.67 -15.84
C VAL A 217 -17.54 33.72 -15.15
N ILE A 218 -16.71 34.44 -15.91
CA ILE A 218 -15.87 35.47 -15.30
C ILE A 218 -16.74 36.59 -14.71
N ALA A 219 -17.71 37.06 -15.47
CA ALA A 219 -18.61 38.10 -14.95
C ALA A 219 -19.39 37.60 -13.75
N SER A 220 -19.68 36.30 -13.69
CA SER A 220 -20.34 35.73 -12.53
C SER A 220 -19.48 35.86 -11.28
N CYS A 221 -18.16 35.77 -11.45
CA CYS A 221 -17.23 35.93 -10.33
C CYS A 221 -16.96 37.38 -9.99
N HIS A 222 -17.48 38.32 -10.77
CA HIS A 222 -17.23 39.74 -10.55
C HIS A 222 -18.45 40.53 -10.12
N GLN A 223 -19.66 40.08 -10.46
CA GLN A 223 -20.85 40.83 -10.12
C GLN A 223 -21.14 40.74 -8.62
N GLY A 224 -21.46 41.88 -8.02
CA GLY A 224 -21.82 41.93 -6.62
C GLY A 224 -20.64 42.06 -5.68
N ILE A 225 -19.49 41.51 -6.07
CA ILE A 225 -18.30 41.52 -5.23
C ILE A 225 -17.51 42.79 -5.52
N ASN A 226 -16.99 43.40 -4.45
CA ASN A 226 -16.25 44.66 -4.57
C ASN A 226 -14.76 44.44 -4.74
N ASN A 227 -14.14 43.71 -3.80
CA ASN A 227 -12.72 43.35 -3.80
C ASN A 227 -11.80 44.57 -3.95
N LYS A 228 -12.32 45.77 -3.71
CA LYS A 228 -11.51 46.99 -3.78
C LYS A 228 -11.84 47.92 -2.63
N LEU A 229 -12.11 47.36 -1.46
CA LEU A 229 -12.47 48.15 -0.30
C LEU A 229 -11.21 48.66 0.41
N THR A 230 -11.42 49.56 1.35
CA THR A 230 -10.33 50.12 2.14
C THR A 230 -10.16 49.33 3.44
N ALA A 231 -8.93 49.30 3.94
CA ALA A 231 -8.60 48.52 5.13
C ALA A 231 -9.38 48.95 6.37
N HIS A 232 -10.08 50.08 6.32
CA HIS A 232 -10.86 50.54 7.46
C HIS A 232 -12.33 50.14 7.39
N GLU A 233 -12.92 50.13 6.20
CA GLU A 233 -14.32 49.74 6.06
C GLU A 233 -14.53 48.27 6.37
N VAL A 234 -13.55 47.43 6.02
CA VAL A 234 -13.66 46.00 6.33
C VAL A 234 -13.73 45.79 7.83
N LYS A 235 -12.96 46.57 8.60
CA LYS A 235 -13.00 46.45 10.06
C LYS A 235 -14.36 46.86 10.60
N LEU A 236 -14.94 47.93 10.04
CA LEU A 236 -16.26 48.36 10.49
C LEU A 236 -17.32 47.30 10.18
N GLN A 237 -17.29 46.74 8.97
CA GLN A 237 -18.25 45.70 8.62
C GLN A 237 -18.08 44.48 9.53
N ILE A 238 -16.84 44.11 9.83
CA ILE A 238 -16.60 42.97 10.71
C ILE A 238 -17.16 43.24 12.10
N GLU A 239 -16.93 44.46 12.62
CA GLU A 239 -17.43 44.79 13.95
C GLU A 239 -18.95 44.76 14.00
N GLU A 240 -19.60 45.33 12.99
CA GLU A 240 -21.07 45.32 12.98
C GLU A 240 -21.62 43.92 12.84
N GLU A 241 -21.01 43.09 11.99
CA GLU A 241 -21.45 41.71 11.85
C GLU A 241 -21.28 40.95 13.15
N TYR A 242 -20.17 41.17 13.85
CA TYR A 242 -19.96 40.50 15.13
C TYR A 242 -20.98 40.95 16.16
N GLN A 243 -21.32 42.25 16.17
CA GLN A 243 -22.34 42.74 17.10
C GLN A 243 -23.68 42.08 16.83
N VAL A 244 -24.10 42.05 15.56
CA VAL A 244 -25.38 41.42 15.22
C VAL A 244 -25.36 39.94 15.57
N PHE A 245 -24.23 39.27 15.33
CA PHE A 245 -24.12 37.85 15.64
C PHE A 245 -24.25 37.61 17.13
N ARG A 246 -23.53 38.39 17.94
CA ARG A 246 -23.61 38.21 19.39
C ARG A 246 -25.02 38.49 19.90
N ASN A 247 -25.69 39.49 19.33
CA ASN A 247 -27.05 39.79 19.75
C ASN A 247 -27.99 38.63 19.41
N ARG A 248 -27.90 38.11 18.19
CA ARG A 248 -28.77 37.00 17.80
C ARG A 248 -28.47 35.71 18.55
N LEU A 249 -27.24 35.56 19.04
CA LEU A 249 -26.96 34.40 19.89
C LEU A 249 -27.50 34.59 21.30
N ARG A 250 -27.30 35.77 21.89
CA ARG A 250 -27.83 36.04 23.22
C ARG A 250 -29.36 36.06 23.24
N LYS A 251 -30.00 36.26 22.08
CA LYS A 251 -31.45 36.09 22.00
C LYS A 251 -31.83 34.62 21.93
N GLY A 252 -31.32 33.91 20.93
CA GLY A 252 -31.55 32.47 20.85
C GLY A 252 -31.93 31.96 19.48
N GLU A 253 -31.91 32.83 18.47
CA GLU A 253 -32.29 32.40 17.12
C GLU A 253 -31.23 31.51 16.48
N ILE A 254 -30.02 31.48 17.03
CA ILE A 254 -28.93 30.67 16.51
C ILE A 254 -28.52 29.65 17.57
N GLU A 255 -28.47 28.39 17.18
CA GLU A 255 -28.16 27.32 18.12
C GLU A 255 -26.69 27.37 18.50
N GLY A 256 -26.41 27.04 19.76
CA GLY A 256 -25.03 26.94 20.21
C GLY A 256 -24.36 25.70 19.65
N GLN A 257 -23.06 25.82 19.39
CA GLN A 257 -22.30 24.73 18.81
C GLN A 257 -21.17 24.23 19.70
N PHE A 258 -20.92 24.87 20.83
CA PHE A 258 -19.83 24.49 21.72
C PHE A 258 -20.34 24.39 23.14
N LEU A 259 -20.02 23.28 23.81
CA LEU A 259 -20.46 23.02 25.16
C LEU A 259 -19.25 22.82 26.07
N LYS A 260 -19.39 23.27 27.31
CA LYS A 260 -18.34 23.07 28.30
C LYS A 260 -18.24 21.60 28.68
N VAL A 261 -17.03 21.15 28.97
CA VAL A 261 -16.77 19.75 29.30
C VAL A 261 -17.06 19.52 30.77
N GLU A 262 -17.78 18.43 31.06
CA GLU A 262 -17.95 17.92 32.41
C GLU A 262 -17.62 16.44 32.39
N LYS A 263 -16.57 16.05 33.11
CA LYS A 263 -16.10 14.67 33.09
C LYS A 263 -17.21 13.70 33.50
N ASN A 264 -17.99 14.08 34.51
CA ASN A 264 -19.10 13.22 34.96
C ASN A 264 -20.10 13.02 33.83
N GLN A 265 -20.47 14.11 33.15
CA GLN A 265 -21.46 14.00 32.09
C GLN A 265 -20.93 13.21 30.90
N LEU A 266 -19.66 13.41 30.55
CA LEU A 266 -19.07 12.63 29.46
C LEU A 266 -19.05 11.14 29.80
N LEU A 267 -18.65 10.80 31.02
CA LEU A 267 -18.62 9.39 31.41
C LEU A 267 -20.03 8.80 31.39
N ASN A 268 -21.02 9.56 31.86
CA ASN A 268 -22.39 9.05 31.88
C ASN A 268 -22.94 8.90 30.47
N GLU A 269 -22.57 9.79 29.55
CA GLU A 269 -23.04 9.68 28.18
C GLU A 269 -22.35 8.55 27.44
N PHE A 270 -21.10 8.26 27.81
CA PHE A 270 -20.42 7.12 27.18
C PHE A 270 -20.94 5.80 27.72
N ASN A 271 -21.23 5.74 29.03
CA ASN A 271 -21.74 4.50 29.61
C ASN A 271 -23.12 4.17 29.07
N ASN A 272 -23.98 5.18 28.90
CA ASN A 272 -25.33 4.97 28.40
C ASN A 272 -25.39 4.69 26.91
N LEU A 273 -24.24 4.64 26.23
CA LEU A 273 -24.23 4.33 24.81
C LEU A 273 -24.69 2.89 24.59
N TYR A 274 -25.43 2.68 23.51
CA TYR A 274 -26.01 1.37 23.19
C TYR A 274 -26.89 0.85 24.32
N ALA A 275 -27.66 1.75 24.93
CA ALA A 275 -28.51 1.37 26.04
C ALA A 275 -29.63 0.42 25.63
N ASP A 276 -29.97 0.36 24.35
CA ASP A 276 -31.05 -0.49 23.88
C ASP A 276 -30.61 -1.94 23.66
N LYS A 277 -29.32 -2.23 23.72
CA LYS A 277 -28.83 -3.59 23.52
C LYS A 277 -27.86 -4.08 24.59
N VAL A 278 -27.18 -3.17 25.30
CA VAL A 278 -26.31 -3.54 26.41
C VAL A 278 -27.08 -3.34 27.70
N ALA A 279 -26.98 -4.30 28.62
CA ALA A 279 -27.83 -4.30 29.80
C ALA A 279 -27.45 -3.19 30.77
N GLU A 280 -26.24 -3.27 31.34
CA GLU A 280 -25.80 -2.33 32.36
C GLU A 280 -24.31 -2.57 32.59
N LYS A 281 -23.76 -1.91 33.60
CA LYS A 281 -22.36 -2.12 33.96
C LYS A 281 -22.15 -3.54 34.50
N ASP A 282 -21.07 -4.16 34.06
CA ASP A 282 -20.73 -5.53 34.45
C ASP A 282 -19.52 -5.53 35.37
N SER A 283 -19.46 -6.54 36.22
CA SER A 283 -18.29 -6.72 37.08
C SER A 283 -17.16 -7.37 36.28
N VAL A 284 -15.94 -7.25 36.82
CA VAL A 284 -14.77 -7.82 36.16
C VAL A 284 -14.84 -9.34 36.15
N GLU A 285 -15.34 -9.93 37.25
CA GLU A 285 -15.40 -11.38 37.35
C GLU A 285 -16.37 -11.97 36.33
N HIS A 286 -17.57 -11.40 36.23
CA HIS A 286 -18.53 -11.88 35.24
C HIS A 286 -18.00 -11.67 33.83
N LEU A 287 -17.26 -10.59 33.60
CA LEU A 287 -16.67 -10.35 32.27
C LEU A 287 -15.67 -11.44 31.93
N THR A 288 -14.75 -11.74 32.85
CA THR A 288 -13.78 -12.80 32.61
C THR A 288 -14.46 -14.15 32.45
N HIS A 289 -15.58 -14.35 33.15
CA HIS A 289 -16.32 -15.62 33.03
C HIS A 289 -16.95 -15.75 31.65
N GLN A 290 -17.59 -14.68 31.17
CA GLN A 290 -18.26 -14.75 29.88
C GLN A 290 -17.27 -14.71 28.71
N PHE A 291 -16.10 -14.12 28.90
CA PHE A 291 -15.16 -13.96 27.80
C PHE A 291 -14.60 -15.30 27.35
N LYS A 292 -14.25 -16.17 28.29
CA LYS A 292 -13.58 -17.42 27.97
C LYS A 292 -14.47 -18.41 27.24
N ARG A 293 -15.75 -18.09 27.02
CA ARG A 293 -16.65 -18.98 26.30
C ARG A 293 -17.55 -18.21 25.33
N ALA A 294 -17.03 -17.11 24.77
CA ALA A 294 -17.84 -16.25 23.92
C ALA A 294 -17.99 -16.83 22.51
N SER A 295 -16.87 -17.10 21.85
CA SER A 295 -16.83 -17.53 20.46
C SER A 295 -16.14 -18.88 20.34
N PRO A 296 -16.41 -19.64 19.27
CA PRO A 296 -15.71 -20.92 19.08
C PRO A 296 -14.19 -20.81 19.14
N ILE A 297 -13.61 -19.78 18.52
CA ILE A 297 -12.17 -19.60 18.63
C ILE A 297 -11.78 -19.27 20.07
N LEU A 298 -12.61 -18.47 20.75
CA LEU A 298 -12.37 -18.21 22.16
C LEU A 298 -12.66 -19.43 23.03
N ARG A 299 -13.53 -20.33 22.59
CA ARG A 299 -13.74 -21.57 23.32
C ARG A 299 -12.53 -22.49 23.20
N PHE A 300 -11.92 -22.54 22.01
CA PHE A 300 -10.73 -23.36 21.81
C PHE A 300 -9.62 -22.96 22.77
N LEU A 301 -9.43 -21.66 22.97
CA LEU A 301 -8.51 -21.19 23.98
C LEU A 301 -9.12 -21.38 25.37
N TYR A 302 -8.26 -21.56 26.35
CA TYR A 302 -8.67 -21.79 27.74
C TYR A 302 -9.62 -22.99 27.84
N ALA A 303 -9.24 -24.09 27.22
CA ALA A 303 -10.08 -25.28 27.19
C ALA A 303 -9.52 -26.41 28.03
N ASN A 304 -8.33 -26.26 28.60
CA ASN A 304 -7.70 -27.28 29.44
C ASN A 304 -7.65 -28.62 28.71
N ILE A 305 -6.93 -28.63 27.59
CA ILE A 305 -6.80 -29.81 26.75
C ILE A 305 -5.64 -30.62 27.34
N SER A 306 -5.99 -31.54 28.25
CA SER A 306 -5.01 -32.41 28.91
C SER A 306 -3.93 -31.60 29.62
N GLU A 319 13.14 -39.83 12.58
CA GLU A 319 11.84 -40.04 13.22
C GLU A 319 10.71 -39.51 12.35
N CYS A 320 9.48 -39.82 12.74
CA CYS A 320 8.27 -39.41 12.01
C CYS A 320 8.32 -39.90 10.57
N GLN A 321 8.32 -41.23 10.45
CA GLN A 321 8.43 -41.86 9.14
C GLN A 321 7.30 -41.42 8.21
N MET A 322 6.07 -41.34 8.74
CA MET A 322 4.96 -40.91 7.90
C MET A 322 5.13 -39.45 7.48
N GLN A 323 5.62 -38.60 8.39
CA GLN A 323 5.88 -37.21 8.02
C GLN A 323 7.00 -37.11 6.99
N CYS A 324 8.03 -37.93 7.13
CA CYS A 324 9.11 -37.92 6.15
C CYS A 324 8.61 -38.34 4.77
N TRP A 325 7.83 -39.42 4.71
CA TRP A 325 7.29 -39.87 3.43
C TRP A 325 6.33 -38.84 2.85
N ARG A 326 5.52 -38.20 3.71
CA ARG A 326 4.59 -37.18 3.24
C ARG A 326 5.34 -36.00 2.64
N SER A 327 6.36 -35.51 3.34
CA SER A 327 7.14 -34.39 2.82
C SER A 327 7.87 -34.76 1.54
N PHE A 328 8.41 -35.98 1.48
CA PHE A 328 9.14 -36.41 0.28
C PHE A 328 8.20 -36.47 -0.92
N LEU A 329 7.02 -37.07 -0.74
CA LEU A 329 6.08 -37.14 -1.86
C LEU A 329 5.53 -35.76 -2.21
N ASN A 330 5.45 -34.86 -1.23
CA ASN A 330 5.06 -33.49 -1.54
C ASN A 330 6.13 -32.79 -2.38
N LYS A 331 7.41 -33.11 -2.15
CA LYS A 331 8.48 -32.47 -2.90
C LYS A 331 8.47 -32.90 -4.36
N VAL A 332 8.09 -34.14 -4.65
CA VAL A 332 8.11 -34.68 -6.01
C VAL A 332 6.77 -34.47 -6.70
N LYS A 333 5.81 -33.81 -6.05
CA LYS A 333 4.49 -33.60 -6.64
C LYS A 333 4.46 -32.40 -7.57
N SER A 334 5.36 -31.44 -7.38
CA SER A 334 5.34 -30.22 -8.19
C SER A 334 5.90 -30.42 -9.59
N MET A 335 6.74 -31.44 -9.80
CA MET A 335 7.42 -31.61 -11.07
C MET A 335 6.58 -32.29 -12.14
N ARG A 336 5.40 -32.82 -11.77
CA ARG A 336 4.49 -33.49 -12.72
C ARG A 336 5.20 -34.64 -13.43
N ILE A 337 5.55 -35.65 -12.61
CA ILE A 337 6.32 -36.79 -13.10
C ILE A 337 5.56 -37.61 -14.13
N LEU A 338 4.23 -37.62 -14.07
CA LEU A 338 3.45 -38.47 -14.96
C LEU A 338 2.07 -37.86 -15.17
N ASN A 339 1.49 -38.13 -16.34
CA ASN A 339 0.17 -37.64 -16.67
C ASN A 339 -0.92 -38.56 -16.13
N THR A 340 -0.84 -38.88 -14.84
CA THR A 340 -1.78 -39.76 -14.16
C THR A 340 -2.19 -39.16 -12.82
N ARG A 341 -2.60 -37.88 -12.85
CA ARG A 341 -2.81 -37.07 -11.66
C ARG A 341 -3.52 -37.82 -10.53
N ARG A 342 -4.74 -38.29 -10.80
CA ARG A 342 -5.48 -39.03 -9.78
C ARG A 342 -4.77 -40.33 -9.43
N LYS A 343 -4.13 -40.97 -10.42
CA LYS A 343 -3.42 -42.21 -10.13
C LYS A 343 -2.16 -41.94 -9.32
N LEU A 344 -1.47 -40.83 -9.58
CA LEU A 344 -0.35 -40.45 -8.73
C LEU A 344 -0.82 -40.20 -7.30
N LEU A 345 -1.96 -39.52 -7.15
CA LEU A 345 -2.52 -39.31 -5.82
C LEU A 345 -2.82 -40.63 -5.13
N LEU A 346 -3.39 -41.59 -5.86
CA LEU A 346 -3.72 -42.88 -5.27
C LEU A 346 -2.47 -43.65 -4.85
N ILE A 347 -1.44 -43.65 -5.70
CA ILE A 347 -0.21 -44.34 -5.37
C ILE A 347 0.46 -43.70 -4.16
N PHE A 348 0.51 -42.37 -4.12
CA PHE A 348 1.08 -41.68 -2.97
C PHE A 348 0.27 -41.95 -1.71
N ASP A 349 -1.06 -42.10 -1.85
CA ASP A 349 -1.89 -42.42 -0.70
C ASP A 349 -1.56 -43.81 -0.17
N ALA A 350 -1.39 -44.78 -1.08
CA ALA A 350 -1.00 -46.13 -0.64
C ALA A 350 0.36 -46.10 0.05
N LEU A 351 1.31 -45.36 -0.52
CA LEU A 351 2.64 -45.27 0.08
C LEU A 351 2.60 -44.64 1.46
N ILE A 352 1.86 -43.54 1.63
CA ILE A 352 1.80 -42.92 2.95
C ILE A 352 1.03 -43.79 3.92
N LEU A 353 0.08 -44.58 3.44
CA LEU A 353 -0.62 -45.53 4.30
C LEU A 353 0.37 -46.56 4.84
N LEU A 354 1.17 -47.16 3.95
CA LEU A 354 2.16 -48.14 4.41
C LEU A 354 3.19 -47.51 5.33
N ALA A 355 3.60 -46.27 5.04
CA ALA A 355 4.56 -45.59 5.90
C ALA A 355 4.00 -45.36 7.29
N SER A 356 2.76 -44.89 7.38
CA SER A 356 2.13 -44.68 8.67
C SER A 356 1.98 -46.00 9.43
N LYS A 357 1.63 -47.07 8.71
CA LYS A 357 1.54 -48.39 9.34
C LYS A 357 2.88 -48.79 9.95
N HIS A 358 3.95 -48.72 9.16
CA HIS A 358 5.25 -49.16 9.63
C HIS A 358 5.80 -48.26 10.73
N ASP A 359 5.40 -46.99 10.75
CA ASP A 359 5.87 -46.12 11.82
C ASP A 359 5.05 -46.31 13.10
N GLN A 360 3.76 -46.64 12.97
CA GLN A 360 2.93 -46.82 14.14
C GLN A 360 3.11 -48.18 14.79
N VAL A 361 3.57 -49.19 14.03
CA VAL A 361 3.76 -50.49 14.65
C VAL A 361 4.99 -50.49 15.56
N ARG A 362 6.07 -49.84 15.13
CA ARG A 362 7.32 -49.92 15.88
C ARG A 362 7.23 -49.32 17.27
N LYS A 363 7.10 -47.99 17.37
CA LYS A 363 6.99 -47.33 18.67
C LYS A 363 5.99 -46.19 18.72
N LYS A 364 5.66 -45.55 17.61
CA LYS A 364 4.93 -44.29 17.65
C LYS A 364 3.42 -44.52 17.69
N PRO A 365 2.68 -43.64 18.34
CA PRO A 365 1.22 -43.66 18.25
C PRO A 365 0.77 -42.94 16.99
N LEU A 366 -0.55 -42.88 16.80
CA LEU A 366 -1.11 -42.22 15.63
C LEU A 366 -0.96 -40.70 15.76
N ARG A 367 -0.17 -40.11 14.88
CA ARG A 367 0.06 -38.68 14.86
C ARG A 367 -0.71 -37.96 13.76
N GLY A 368 -0.81 -38.57 12.59
CA GLY A 368 -1.52 -37.96 11.47
C GLY A 368 -2.80 -38.67 11.11
N TRP A 369 -3.57 -39.07 12.12
CA TRP A 369 -4.83 -39.76 11.92
C TRP A 369 -5.95 -39.03 12.64
N LEU A 370 -7.17 -39.18 12.12
CA LEU A 370 -8.35 -38.60 12.74
C LEU A 370 -9.46 -39.61 12.96
N GLY A 371 -9.39 -40.78 12.35
CA GLY A 371 -10.45 -41.77 12.48
C GLY A 371 -11.12 -42.06 11.16
N THR A 372 -10.77 -43.20 10.54
CA THR A 372 -11.25 -43.60 9.23
C THR A 372 -10.91 -42.57 8.15
N CYS A 373 -9.86 -41.78 8.37
CA CYS A 373 -9.39 -40.81 7.40
C CYS A 373 -8.01 -40.34 7.81
N PHE A 374 -7.15 -40.11 6.83
CA PHE A 374 -5.78 -39.70 7.10
C PHE A 374 -5.37 -38.56 6.17
N VAL A 375 -4.31 -37.88 6.56
CA VAL A 375 -3.77 -36.76 5.81
C VAL A 375 -2.78 -37.30 4.79
N SER A 376 -3.14 -37.22 3.52
CA SER A 376 -2.30 -37.68 2.43
C SER A 376 -1.43 -36.53 1.92
N VAL A 377 -0.81 -36.71 0.76
CA VAL A 377 -0.01 -35.67 0.14
C VAL A 377 -0.91 -34.49 -0.22
N ASN A 378 -0.30 -33.34 -0.51
CA ASN A 378 -1.04 -32.11 -0.79
C ASN A 378 -1.90 -31.69 0.40
N ASP A 379 -1.48 -32.12 1.60
CA ASP A 379 -2.14 -31.82 2.87
C ASP A 379 -3.67 -31.82 2.74
N ARG A 380 -4.20 -32.98 2.36
CA ARG A 380 -5.63 -33.17 2.21
C ARG A 380 -6.08 -34.42 2.94
N LEU A 381 -7.27 -34.37 3.51
CA LEU A 381 -7.85 -35.50 4.24
C LEU A 381 -8.56 -36.43 3.27
N VAL A 382 -8.16 -37.69 3.27
CA VAL A 382 -8.80 -38.71 2.45
C VAL A 382 -9.23 -39.85 3.38
N SER A 383 -10.47 -40.29 3.22
CA SER A 383 -11.01 -41.33 4.09
C SER A 383 -10.40 -42.69 3.72
N LEU A 384 -10.05 -43.45 4.76
CA LEU A 384 -9.36 -44.72 4.55
C LEU A 384 -10.22 -45.69 3.74
N GLU A 385 -11.52 -45.69 3.97
CA GLU A 385 -12.41 -46.59 3.23
C GLU A 385 -12.38 -46.26 1.75
N SER A 386 -12.38 -44.98 1.40
CA SER A 386 -12.30 -44.58 0.00
C SER A 386 -10.98 -45.02 -0.62
N THR A 387 -9.89 -44.88 0.13
CA THR A 387 -8.59 -45.34 -0.38
C THR A 387 -8.61 -46.83 -0.65
N LYS A 388 -9.11 -47.61 0.31
CA LYS A 388 -9.15 -49.06 0.12
C LYS A 388 -10.01 -49.43 -1.07
N LYS A 389 -11.20 -48.83 -1.19
CA LYS A 389 -12.08 -49.13 -2.31
C LYS A 389 -11.41 -48.80 -3.64
N ASP A 390 -10.88 -47.59 -3.78
CA ASP A 390 -10.33 -47.16 -5.06
C ASP A 390 -9.07 -47.95 -5.42
N LEU A 391 -8.23 -48.24 -4.43
CA LEU A 391 -7.04 -49.04 -4.71
C LEU A 391 -7.43 -50.47 -5.10
N LYS A 392 -8.49 -51.01 -4.50
CA LYS A 392 -8.97 -52.32 -4.87
C LYS A 392 -9.45 -52.32 -6.33
N LYS A 393 -10.25 -51.33 -6.71
CA LYS A 393 -10.70 -51.23 -8.10
C LYS A 393 -9.50 -51.11 -9.03
N TRP A 394 -8.50 -50.31 -8.66
CA TRP A 394 -7.36 -50.09 -9.53
C TRP A 394 -6.54 -51.36 -9.71
N VAL A 395 -6.27 -52.07 -8.62
CA VAL A 395 -5.44 -53.28 -8.72
C VAL A 395 -6.21 -54.37 -9.47
N GLU A 396 -7.53 -54.45 -9.28
CA GLU A 396 -8.27 -55.45 -10.03
C GLU A 396 -8.34 -55.10 -11.52
N ARG A 397 -8.47 -53.81 -11.85
CA ARG A 397 -8.50 -53.42 -13.25
C ARG A 397 -7.14 -53.68 -13.92
N ARG A 398 -6.05 -53.46 -13.18
CA ARG A 398 -4.74 -53.78 -13.71
C ARG A 398 -4.54 -55.29 -13.83
N GLN A 399 -5.19 -56.06 -12.96
CA GLN A 399 -5.08 -57.51 -13.01
C GLN A 399 -5.95 -58.15 -14.09
N GLN A 400 -6.99 -57.44 -14.57
CA GLN A 400 -7.79 -57.98 -15.66
C GLN A 400 -6.93 -58.24 -16.89
N VAL A 401 -5.98 -57.37 -17.17
CA VAL A 401 -5.05 -57.54 -18.29
C VAL A 401 -3.82 -58.27 -17.78
N GLU A 402 -3.35 -59.23 -18.56
CA GLU A 402 -2.20 -60.04 -18.18
C GLU A 402 -1.16 -60.07 -19.29
N CYS A 412 2.39 -66.24 -12.28
CA CYS A 412 1.55 -65.04 -12.30
C CYS A 412 1.67 -64.28 -10.98
N PRO A 413 1.74 -62.96 -11.06
CA PRO A 413 1.81 -62.15 -9.85
C PRO A 413 0.59 -62.35 -8.97
N SER A 414 0.83 -62.55 -7.68
CA SER A 414 -0.25 -62.87 -6.72
C SER A 414 -0.76 -61.61 -6.04
N LYS A 415 -1.30 -60.69 -6.86
CA LYS A 415 -2.01 -59.50 -6.42
C LYS A 415 -1.12 -58.53 -5.64
N ASN A 416 0.17 -58.81 -5.53
CA ASN A 416 1.09 -57.91 -4.83
C ASN A 416 2.34 -57.56 -5.62
N GLN A 417 2.76 -58.37 -6.58
CA GLN A 417 3.93 -58.02 -7.39
C GLN A 417 3.65 -56.83 -8.27
N ILE A 418 2.39 -56.62 -8.67
CA ILE A 418 2.04 -55.46 -9.49
C ILE A 418 2.30 -54.17 -8.73
N LEU A 419 1.73 -54.06 -7.53
CA LEU A 419 1.90 -52.85 -6.73
C LEU A 419 3.35 -52.65 -6.33
N ASN A 420 4.04 -53.75 -6.00
CA ASN A 420 5.45 -53.64 -5.64
C ASN A 420 6.27 -53.11 -6.79
N SER A 421 6.05 -53.66 -7.99
CA SER A 421 6.79 -53.20 -9.16
C SER A 421 6.49 -51.76 -9.49
N ILE A 422 5.21 -51.36 -9.45
CA ILE A 422 4.90 -49.98 -9.79
C ILE A 422 5.42 -49.02 -8.74
N PHE A 423 5.48 -49.46 -7.47
CA PHE A 423 6.06 -48.62 -6.44
C PHE A 423 7.56 -48.44 -6.66
N GLN A 424 8.23 -49.52 -7.07
CA GLN A 424 9.64 -49.41 -7.46
C GLN A 424 9.81 -48.42 -8.62
N LYS A 425 8.93 -48.50 -9.62
CA LYS A 425 9.01 -47.56 -10.75
C LYS A 425 8.86 -46.12 -10.28
N THR A 426 7.86 -45.87 -9.42
CA THR A 426 7.64 -44.51 -8.95
C THR A 426 8.81 -43.99 -8.12
N ILE A 427 9.33 -44.81 -7.21
CA ILE A 427 10.44 -44.33 -6.38
C ILE A 427 11.69 -44.13 -7.23
N SER A 428 11.91 -44.96 -8.24
CA SER A 428 13.06 -44.76 -9.12
C SER A 428 12.92 -43.48 -9.93
N LYS A 429 11.74 -43.24 -10.50
CA LYS A 429 11.51 -42.02 -11.25
C LYS A 429 11.67 -40.79 -10.35
N ALA A 430 11.20 -40.88 -9.11
CA ALA A 430 11.34 -39.77 -8.18
C ALA A 430 12.81 -39.50 -7.85
N THR A 431 13.57 -40.57 -7.59
CA THR A 431 14.99 -40.40 -7.30
C THR A 431 15.72 -39.80 -8.50
N THR A 432 15.36 -40.21 -9.72
CA THR A 432 15.99 -39.63 -10.90
C THR A 432 15.61 -38.16 -11.07
N ALA A 433 14.34 -37.84 -10.84
CA ALA A 433 13.89 -36.45 -10.99
C ALA A 433 14.44 -35.54 -9.90
N LEU A 434 14.85 -36.09 -8.76
CA LEU A 434 15.48 -35.28 -7.73
C LEU A 434 17.00 -35.30 -7.81
N ARG A 435 17.58 -36.24 -8.54
CA ARG A 435 19.04 -36.36 -8.58
C ARG A 435 19.66 -35.40 -9.59
N ASP A 436 19.01 -35.21 -10.75
CA ASP A 436 19.55 -34.30 -11.75
C ASP A 436 19.67 -32.89 -11.22
N VAL A 437 18.84 -32.52 -10.24
CA VAL A 437 18.97 -31.24 -9.55
C VAL A 437 19.75 -31.37 -8.24
N GLY A 438 20.00 -32.58 -7.76
CA GLY A 438 20.86 -32.78 -6.61
C GLY A 438 20.17 -32.69 -5.27
N ILE A 439 18.99 -33.29 -5.15
CA ILE A 439 18.27 -33.23 -3.88
C ILE A 439 18.91 -34.15 -2.83
N SER A 440 19.52 -35.25 -3.26
CA SER A 440 20.14 -36.22 -2.35
C SER A 440 19.11 -36.78 -1.38
N VAL A 441 18.22 -37.60 -1.93
CA VAL A 441 17.07 -38.18 -1.23
C VAL A 441 17.41 -38.64 0.19
N ASP A 442 18.65 -39.10 0.41
CA ASP A 442 19.05 -39.55 1.74
C ASP A 442 18.92 -38.48 2.80
N HIS A 443 18.83 -37.20 2.42
CA HIS A 443 18.66 -36.13 3.39
C HIS A 443 17.26 -36.15 4.02
N TYR A 444 16.28 -36.74 3.35
CA TYR A 444 14.93 -36.79 3.90
C TYR A 444 14.76 -37.84 4.99
N LYS A 445 15.80 -38.65 5.26
CA LYS A 445 15.75 -39.69 6.28
C LYS A 445 14.57 -40.63 6.05
N ILE A 446 14.38 -41.00 4.78
CA ILE A 446 13.23 -41.84 4.42
C ILE A 446 13.36 -43.22 5.02
N ASP A 447 14.57 -43.77 5.05
CA ASP A 447 14.82 -45.15 5.48
C ASP A 447 13.96 -46.12 4.66
N MET A 448 14.30 -46.17 3.37
CA MET A 448 13.44 -46.82 2.38
C MET A 448 13.44 -48.33 2.57
N GLU A 449 12.80 -48.79 3.65
CA GLU A 449 12.57 -50.20 3.90
C GLU A 449 11.10 -50.53 4.05
N VAL A 450 10.22 -49.53 4.09
CA VAL A 450 8.81 -49.77 4.30
C VAL A 450 8.14 -50.51 3.16
N ILE A 451 8.79 -50.58 2.01
CA ILE A 451 8.26 -51.33 0.86
C ILE A 451 8.44 -52.82 1.17
N CYS A 452 7.36 -53.47 1.54
CA CYS A 452 7.35 -54.88 1.89
C CYS A 452 6.68 -55.71 0.81
N PRO A 453 7.02 -56.99 0.69
CA PRO A 453 6.33 -57.84 -0.29
C PRO A 453 4.89 -58.10 0.06
N ASP A 454 4.55 -58.13 1.36
CA ASP A 454 3.16 -58.30 1.79
C ASP A 454 2.46 -56.95 1.98
N GLY A 455 2.52 -56.11 0.97
CA GLY A 455 1.94 -54.78 1.05
C GLY A 455 0.44 -54.77 0.87
N TYR A 456 -0.06 -55.57 -0.07
CA TYR A 456 -1.49 -55.60 -0.35
C TYR A 456 -2.27 -56.00 0.89
N ASP A 457 -1.82 -57.03 1.60
CA ASP A 457 -2.52 -57.49 2.79
C ASP A 457 -2.44 -56.45 3.90
N LEU A 458 -1.25 -55.90 4.14
CA LEU A 458 -1.08 -54.90 5.20
C LEU A 458 -1.93 -53.68 4.94
N ILE A 459 -2.15 -53.32 3.67
CA ILE A 459 -3.02 -52.20 3.36
C ILE A 459 -4.48 -52.60 3.52
N MET A 460 -4.85 -53.81 3.11
CA MET A 460 -6.24 -54.23 3.21
C MET A 460 -6.63 -54.54 4.65
N ASP A 461 -5.70 -55.05 5.44
CA ASP A 461 -5.98 -55.40 6.83
C ASP A 461 -5.84 -54.24 7.79
N PHE A 462 -5.66 -53.02 7.29
CA PHE A 462 -5.46 -51.86 8.16
C PHE A 462 -6.82 -51.28 8.57
N ASP A 463 -6.96 -50.98 9.86
CA ASP A 463 -8.18 -50.41 10.39
C ASP A 463 -7.87 -49.67 11.69
N VAL A 464 -8.59 -48.58 11.92
CA VAL A 464 -8.42 -47.82 13.16
C VAL A 464 -9.70 -47.92 14.00
N GLU A 479 -22.24 -25.16 25.02
CA GLU A 479 -22.72 -26.29 25.80
C GLU A 479 -22.29 -27.61 25.17
N ALA A 480 -22.17 -27.62 23.84
CA ALA A 480 -21.74 -28.79 23.10
C ALA A 480 -20.22 -28.87 22.97
N PHE A 481 -19.49 -28.20 23.85
CA PHE A 481 -18.03 -28.21 23.81
C PHE A 481 -17.51 -29.39 24.60
N PRO A 482 -16.73 -30.29 23.99
CA PRO A 482 -16.30 -31.50 24.72
C PRO A 482 -15.44 -31.23 25.94
N TYR A 483 -14.53 -30.25 25.86
CA TYR A 483 -13.62 -30.00 26.97
C TYR A 483 -14.28 -29.10 28.02
N ILE A 484 -13.49 -28.70 29.01
CA ILE A 484 -13.95 -27.80 30.06
C ILE A 484 -13.64 -26.37 29.64
N MET A 485 -14.67 -25.53 29.56
CA MET A 485 -14.52 -24.17 29.06
C MET A 485 -14.02 -23.26 30.18
N GLY A 486 -12.74 -22.91 30.12
CA GLY A 486 -12.16 -21.93 31.02
C GLY A 486 -11.36 -22.54 32.15
N ASP A 487 -10.04 -22.63 31.97
CA ASP A 487 -9.16 -23.06 33.05
C ASP A 487 -7.87 -22.25 33.17
N VAL A 488 -7.43 -21.55 32.13
CA VAL A 488 -6.11 -20.93 32.10
C VAL A 488 -6.21 -19.52 32.63
N ASP A 489 -5.22 -19.12 33.44
CA ASP A 489 -5.17 -17.76 33.95
C ASP A 489 -4.68 -16.81 32.86
N LEU A 490 -5.07 -15.54 33.00
CA LEU A 490 -4.67 -14.51 32.04
C LEU A 490 -3.32 -13.90 32.42
N LEU A 491 -2.32 -14.76 32.63
CA LEU A 491 -0.96 -14.32 32.89
C LEU A 491 0.08 -15.08 32.11
N LYS A 492 -0.21 -16.29 31.62
CA LYS A 492 0.73 -17.09 30.85
C LYS A 492 0.43 -16.97 29.36
N THR A 493 1.48 -17.18 28.56
CA THR A 493 1.41 -17.02 27.11
C THR A 493 0.85 -18.26 26.42
N THR A 494 0.17 -19.14 27.15
CA THR A 494 -0.39 -20.33 26.52
C THR A 494 -1.49 -19.98 25.54
N ASP A 495 -2.36 -19.05 25.91
CA ASP A 495 -3.42 -18.61 25.01
C ASP A 495 -2.84 -17.97 23.76
N LEU A 496 -1.85 -17.09 23.94
CA LEU A 496 -1.21 -16.47 22.79
C LEU A 496 -0.51 -17.51 21.91
N GLU A 497 0.08 -18.53 22.52
CA GLU A 497 0.75 -19.55 21.75
C GLU A 497 -0.25 -20.37 20.93
N ARG A 498 -1.38 -20.73 21.54
CA ARG A 498 -2.41 -21.45 20.80
C ARG A 498 -2.97 -20.60 19.69
N LEU A 499 -3.15 -19.30 19.94
CA LEU A 499 -3.62 -18.40 18.89
C LEU A 499 -2.62 -18.32 17.74
N SER A 500 -1.33 -18.29 18.07
CA SER A 500 -0.31 -18.25 17.02
C SER A 500 -0.33 -19.53 16.20
N SER A 501 -0.46 -20.67 16.86
CA SER A 501 -0.54 -21.94 16.13
C SER A 501 -1.75 -21.96 15.21
N LEU A 502 -2.89 -21.50 15.70
CA LEU A 502 -4.10 -21.49 14.89
C LEU A 502 -3.97 -20.55 13.70
N SER A 503 -3.41 -19.36 13.93
CA SER A 503 -3.25 -18.40 12.83
C SER A 503 -2.28 -18.92 11.79
N LEU A 504 -1.19 -19.57 12.22
CA LEU A 504 -0.26 -20.14 11.28
C LEU A 504 -0.92 -21.25 10.48
N ALA A 505 -1.74 -22.07 11.13
CA ALA A 505 -2.49 -23.10 10.41
C ALA A 505 -3.41 -22.47 9.37
N LEU A 506 -4.06 -21.36 9.73
CA LEU A 506 -4.97 -20.70 8.79
C LEU A 506 -4.21 -20.17 7.58
N VAL A 507 -3.11 -19.45 7.82
CA VAL A 507 -2.39 -18.85 6.70
C VAL A 507 -1.73 -19.92 5.84
N ASN A 508 -1.37 -21.06 6.43
CA ASN A 508 -0.83 -22.16 5.62
C ASN A 508 -1.93 -22.87 4.85
N SER A 509 -3.15 -22.87 5.38
CA SER A 509 -4.29 -23.41 4.64
C SER A 509 -4.67 -22.50 3.49
N MET A 510 -4.38 -21.22 3.61
CA MET A 510 -4.75 -20.26 2.57
C MET A 510 -4.12 -20.60 1.22
N LYS A 511 -3.01 -21.32 1.19
CA LYS A 511 -2.23 -21.53 -0.04
C LYS A 511 -2.45 -22.90 -0.65
N THR A 512 -3.51 -23.60 -0.29
CA THR A 512 -3.77 -24.90 -0.89
C THR A 512 -4.07 -24.75 -2.38
N SER A 513 -3.26 -25.41 -3.22
CA SER A 513 -3.43 -25.29 -4.66
C SER A 513 -4.77 -25.86 -5.12
N SER A 514 -5.25 -26.91 -4.45
CA SER A 514 -6.57 -27.49 -4.71
C SER A 514 -6.71 -27.93 -6.17
N THR A 515 -5.87 -28.88 -6.56
CA THR A 515 -5.92 -29.45 -7.90
C THR A 515 -7.09 -30.43 -7.99
N VAL A 516 -7.90 -30.26 -9.03
CA VAL A 516 -9.07 -31.11 -9.27
C VAL A 516 -9.99 -31.15 -8.05
N LYS A 534 -14.15 -38.47 0.73
CA LYS A 534 -14.19 -37.11 1.23
C LYS A 534 -13.19 -36.23 0.48
N GLU A 535 -13.62 -35.02 0.13
CA GLU A 535 -12.77 -34.07 -0.57
C GLU A 535 -12.26 -32.93 0.32
N ALA A 536 -12.65 -32.93 1.60
CA ALA A 536 -12.28 -31.83 2.49
C ALA A 536 -10.78 -31.84 2.75
N TYR A 537 -10.14 -30.71 2.45
CA TYR A 537 -8.73 -30.53 2.76
C TYR A 537 -8.56 -30.22 4.24
N CYS A 538 -7.32 -30.30 4.71
CA CYS A 538 -7.06 -30.01 6.11
C CYS A 538 -5.60 -29.68 6.31
N GLN A 539 -5.33 -28.70 7.15
CA GLN A 539 -4.01 -28.43 7.69
C GLN A 539 -3.90 -29.06 9.07
N GLU A 540 -2.67 -29.26 9.52
CA GLU A 540 -2.41 -29.79 10.85
C GLU A 540 -1.67 -28.75 11.66
N PHE A 541 -2.11 -28.52 12.89
CA PHE A 541 -1.39 -27.63 13.79
C PHE A 541 -1.08 -28.35 15.08
N SER A 542 0.18 -28.31 15.49
CA SER A 542 0.66 -29.05 16.63
C SER A 542 0.51 -28.25 17.91
N LEU A 543 0.63 -28.96 19.03
CA LEU A 543 0.52 -28.43 20.37
C LEU A 543 1.40 -29.27 21.27
N GLY A 544 1.10 -29.28 22.56
CA GLY A 544 1.90 -30.05 23.49
C GLY A 544 1.40 -31.48 23.51
N GLU A 545 0.75 -31.90 24.60
CA GLU A 545 0.32 -33.28 24.74
C GLU A 545 -0.67 -33.72 23.66
N THR A 546 -1.05 -32.82 22.75
CA THR A 546 -2.00 -33.15 21.70
C THR A 546 -1.63 -32.34 20.45
N GLU A 547 -2.31 -32.64 19.35
CA GLU A 547 -2.16 -31.91 18.10
C GLU A 547 -3.44 -32.08 17.29
N PHE A 548 -3.87 -31.03 16.61
CA PHE A 548 -5.21 -30.98 16.04
C PHE A 548 -5.16 -30.74 14.54
N GLN A 549 -6.32 -30.87 13.91
CA GLN A 549 -6.44 -30.72 12.46
C GLN A 549 -7.53 -29.70 12.15
N LEU A 550 -7.18 -28.71 11.33
CA LEU A 550 -8.12 -27.71 10.86
C LEU A 550 -8.60 -28.13 9.48
N ILE A 551 -9.88 -28.47 9.38
CA ILE A 551 -10.48 -28.99 8.16
C ILE A 551 -11.25 -27.87 7.47
N TYR A 552 -11.27 -27.91 6.14
CA TYR A 552 -11.94 -26.90 5.33
C TYR A 552 -12.15 -27.47 3.93
N GLN A 553 -13.27 -27.11 3.32
CA GLN A 553 -13.58 -27.54 1.96
C GLN A 553 -13.35 -26.46 0.92
N LYS A 554 -13.67 -25.21 1.23
CA LYS A 554 -13.47 -24.12 0.29
C LYS A 554 -11.98 -23.85 0.11
N THR A 555 -11.63 -23.33 -1.06
CA THR A 555 -10.25 -23.03 -1.41
C THR A 555 -10.11 -21.55 -1.75
N GLY A 556 -8.88 -21.14 -2.03
CA GLY A 556 -8.60 -19.77 -2.39
C GLY A 556 -8.27 -18.90 -1.21
N GLU A 557 -8.14 -17.60 -1.48
CA GLU A 557 -7.81 -16.61 -0.47
C GLU A 557 -9.05 -15.94 0.11
N CYS A 558 -10.25 -16.43 -0.22
CA CYS A 558 -11.48 -15.85 0.30
C CYS A 558 -11.75 -16.36 1.71
N SER A 559 -12.74 -15.75 2.35
CA SER A 559 -13.16 -16.17 3.69
C SER A 559 -14.04 -17.41 3.58
N LYS A 560 -13.80 -18.38 4.45
CA LYS A 560 -14.53 -19.64 4.39
C LYS A 560 -14.93 -20.10 5.79
N CYS A 561 -15.36 -21.36 5.91
CA CYS A 561 -15.77 -21.95 7.18
C CYS A 561 -14.80 -23.06 7.55
N TYR A 562 -14.08 -22.88 8.65
CA TYR A 562 -13.11 -23.84 9.14
C TYR A 562 -13.69 -24.66 10.29
N ALA A 563 -13.10 -25.83 10.52
CA ALA A 563 -13.53 -26.72 11.60
C ALA A 563 -12.32 -27.28 12.30
N ILE A 564 -12.19 -26.99 13.59
CA ILE A 564 -11.09 -27.52 14.41
C ILE A 564 -11.52 -28.87 14.96
N ASN A 565 -10.76 -29.91 14.63
CA ASN A 565 -11.07 -31.28 15.02
C ASN A 565 -9.87 -31.92 15.70
N ASP A 566 -10.17 -32.94 16.51
CA ASP A 566 -9.17 -33.75 17.18
C ASP A 566 -9.44 -35.21 16.89
N ASN A 567 -8.42 -36.04 17.09
CA ASN A 567 -8.57 -37.48 16.85
C ASN A 567 -9.24 -38.19 18.01
N ARG A 568 -8.99 -37.75 19.25
CA ARG A 568 -9.50 -38.44 20.41
C ARG A 568 -10.95 -38.08 20.74
N VAL A 569 -11.42 -36.91 20.34
CA VAL A 569 -12.75 -36.47 20.68
C VAL A 569 -13.61 -36.11 19.48
N GLY A 570 -13.04 -36.00 18.28
CA GLY A 570 -13.82 -35.64 17.12
C GLY A 570 -13.82 -34.16 16.86
N GLU A 571 -14.96 -33.62 16.42
CA GLU A 571 -15.05 -32.19 16.16
C GLU A 571 -15.05 -31.41 17.46
N VAL A 572 -14.27 -30.33 17.51
CA VAL A 572 -14.18 -29.48 18.68
C VAL A 572 -14.79 -28.11 18.43
N CYS A 573 -14.52 -27.51 17.28
CA CYS A 573 -15.05 -26.18 17.01
C CYS A 573 -15.35 -26.05 15.52
N SER A 574 -16.20 -25.06 15.19
CA SER A 574 -16.50 -24.73 13.81
C SER A 574 -16.82 -23.25 13.74
N PHE A 575 -16.22 -22.55 12.78
CA PHE A 575 -16.42 -21.11 12.71
C PHE A 575 -16.12 -20.59 11.31
N TYR A 576 -16.80 -19.52 10.94
CA TYR A 576 -16.60 -18.86 9.64
C TYR A 576 -15.59 -17.75 9.82
N ALA A 577 -14.42 -17.90 9.20
CA ALA A 577 -13.33 -16.97 9.38
C ALA A 577 -12.73 -16.55 8.03
N ASP A 578 -11.93 -15.49 8.08
CA ASP A 578 -11.21 -14.97 6.94
C ASP A 578 -9.72 -15.23 7.13
N PRO A 579 -9.07 -16.02 6.27
CA PRO A 579 -7.70 -16.43 6.57
C PRO A 579 -6.69 -15.30 6.55
N LYS A 580 -6.79 -14.40 5.59
CA LYS A 580 -5.75 -13.39 5.37
C LYS A 580 -5.71 -12.32 6.42
N ARG A 581 -6.44 -12.42 7.53
CA ARG A 581 -6.46 -11.35 8.53
C ARG A 581 -5.72 -11.68 9.81
N TYR A 582 -5.43 -12.95 10.09
CA TYR A 582 -4.75 -13.31 11.33
C TYR A 582 -3.25 -13.35 11.16
N PHE A 583 -2.68 -12.31 10.56
CA PHE A 583 -1.23 -12.26 10.38
C PHE A 583 -0.48 -11.75 11.62
N PRO A 584 -0.90 -10.62 12.24
CA PRO A 584 -0.06 -10.03 13.30
C PRO A 584 0.08 -10.91 14.55
N ALA A 585 -0.49 -12.12 14.50
CA ALA A 585 -0.39 -13.04 15.62
C ALA A 585 0.21 -14.38 15.20
N ILE A 586 0.93 -14.41 14.07
CA ILE A 586 1.46 -15.69 13.58
C ILE A 586 2.60 -16.19 14.48
N PHE A 587 3.54 -15.31 14.82
CA PHE A 587 4.63 -15.69 15.72
C PHE A 587 4.81 -14.70 16.85
N SER A 588 3.88 -13.77 17.04
CA SER A 588 3.98 -12.76 18.08
C SER A 588 3.65 -13.36 19.46
N ALA A 589 4.51 -14.28 19.88
CA ALA A 589 4.28 -14.97 21.15
C ALA A 589 4.70 -14.12 22.34
N GLU A 590 5.88 -13.52 22.27
CA GLU A 590 6.44 -12.80 23.41
C GLU A 590 6.31 -11.29 23.31
N VAL A 591 6.24 -10.75 22.08
CA VAL A 591 6.19 -9.30 21.93
C VAL A 591 4.87 -8.74 22.46
N LEU A 592 3.77 -9.48 22.28
CA LEU A 592 2.47 -8.99 22.75
C LEU A 592 2.41 -8.97 24.26
N GLN A 593 2.83 -10.06 24.90
CA GLN A 593 2.86 -10.08 26.36
C GLN A 593 3.75 -8.98 26.91
N THR A 594 4.88 -8.73 26.25
CA THR A 594 5.82 -7.74 26.76
C THR A 594 5.28 -6.33 26.58
N THR A 595 4.61 -6.06 25.45
CA THR A 595 4.04 -4.73 25.27
C THR A 595 2.87 -4.49 26.22
N VAL A 596 2.09 -5.53 26.52
CA VAL A 596 1.05 -5.38 27.52
C VAL A 596 1.67 -5.10 28.89
N SER A 597 2.76 -5.80 29.21
CA SER A 597 3.44 -5.54 30.48
C SER A 597 3.95 -4.11 30.54
N THR A 598 4.47 -3.58 29.43
CA THR A 598 4.96 -2.21 29.42
C THR A 598 3.81 -1.23 29.61
N MET A 599 2.71 -1.42 28.87
CA MET A 599 1.55 -0.54 29.04
C MET A 599 1.06 -0.54 30.47
N ILE A 600 1.07 -1.71 31.12
CA ILE A 600 0.63 -1.76 32.52
C ILE A 600 1.64 -1.06 33.43
N SER A 601 2.93 -1.21 33.13
CA SER A 601 3.95 -0.56 33.95
C SER A 601 3.91 0.96 33.81
N TRP A 602 3.33 1.48 32.73
CA TRP A 602 3.13 2.92 32.63
C TRP A 602 2.31 3.45 33.79
N ILE A 603 1.17 2.83 34.06
CA ILE A 603 0.27 3.28 35.11
C ILE A 603 0.44 2.44 36.38
N GLU A 604 1.53 1.69 36.47
CA GLU A 604 1.73 0.84 37.64
C GLU A 604 1.98 1.67 38.89
N ASP A 605 2.74 2.76 38.76
CA ASP A 605 3.02 3.64 39.89
C ASP A 605 1.95 4.74 39.98
N CYS A 606 0.71 4.29 40.12
CA CYS A 606 -0.43 5.20 40.21
C CYS A 606 -0.85 5.50 41.65
N ASN A 607 -0.64 4.55 42.56
CA ASN A 607 -0.97 4.64 43.99
C ASN A 607 -2.47 4.70 44.24
N GLU A 608 -3.30 4.65 43.20
CA GLU A 608 -4.75 4.62 43.37
C GLU A 608 -5.43 3.46 42.66
N LEU A 609 -4.76 2.80 41.72
CA LEU A 609 -5.31 1.64 41.04
C LEU A 609 -4.59 0.35 41.42
N GLU A 610 -3.80 0.37 42.50
CA GLU A 610 -3.01 -0.80 42.85
C GLU A 610 -3.89 -1.99 43.23
N GLU A 611 -5.01 -1.74 43.90
CA GLU A 611 -5.91 -2.83 44.26
C GLU A 611 -6.69 -3.36 43.07
N GLN A 612 -6.57 -2.74 41.90
CA GLN A 612 -7.30 -3.16 40.72
C GLN A 612 -6.43 -3.34 39.48
N LEU A 613 -5.12 -3.06 39.56
CA LEU A 613 -4.28 -3.09 38.38
C LEU A 613 -4.25 -4.47 37.74
N ASP A 614 -4.39 -5.52 38.55
CA ASP A 614 -4.45 -6.87 38.00
C ASP A 614 -5.68 -7.04 37.11
N LYS A 615 -6.83 -6.55 37.58
CA LYS A 615 -8.03 -6.55 36.75
C LYS A 615 -7.80 -5.74 35.49
N ILE A 616 -7.09 -4.62 35.61
CA ILE A 616 -6.78 -3.80 34.44
C ILE A 616 -5.97 -4.61 33.43
N ARG A 617 -4.96 -5.32 33.90
CA ARG A 617 -4.10 -6.13 33.03
C ARG A 617 -4.91 -7.21 32.33
N SER A 618 -5.75 -7.91 33.09
CA SER A 618 -6.60 -8.94 32.49
C SER A 618 -7.51 -8.33 31.43
N LEU A 619 -8.07 -7.15 31.71
CA LEU A 619 -8.94 -6.48 30.75
C LEU A 619 -8.19 -6.13 29.47
N THR A 620 -7.00 -5.54 29.61
CA THR A 620 -6.21 -5.17 28.43
C THR A 620 -5.87 -6.41 27.60
N LYS A 621 -5.44 -7.48 28.26
CA LYS A 621 -5.10 -8.69 27.53
C LYS A 621 -6.32 -9.28 26.84
N MET A 622 -7.48 -9.20 27.49
CA MET A 622 -8.71 -9.68 26.86
C MET A 622 -9.04 -8.85 25.63
N ILE A 623 -8.90 -7.53 25.72
CA ILE A 623 -9.13 -6.67 24.56
C ILE A 623 -8.22 -7.06 23.42
N LEU A 624 -6.93 -7.24 23.73
CA LEU A 624 -5.95 -7.57 22.70
C LEU A 624 -6.27 -8.90 22.03
N ILE A 625 -6.49 -9.94 22.84
CA ILE A 625 -6.80 -11.25 22.28
C ILE A 625 -8.11 -11.21 21.50
N LEU A 626 -9.06 -10.37 21.93
CA LEU A 626 -10.33 -10.29 21.26
C LEU A 626 -10.20 -9.63 19.89
N ILE A 627 -9.40 -8.56 19.79
CA ILE A 627 -9.23 -7.91 18.50
C ILE A 627 -8.29 -8.68 17.59
N LEU A 628 -7.44 -9.54 18.14
CA LEU A 628 -6.59 -10.38 17.30
C LEU A 628 -7.31 -11.64 16.80
N ALA A 629 -8.14 -12.25 17.65
CA ALA A 629 -8.90 -13.43 17.24
C ALA A 629 -10.15 -13.06 16.45
N HIS A 630 -10.59 -11.81 16.53
CA HIS A 630 -11.74 -11.32 15.77
C HIS A 630 -11.41 -9.96 15.19
N PRO A 631 -10.67 -9.93 14.09
CA PRO A 631 -10.38 -8.65 13.41
C PRO A 631 -11.58 -8.19 12.61
N SER A 632 -12.25 -7.15 13.10
CA SER A 632 -13.43 -6.61 12.44
C SER A 632 -13.28 -5.11 12.30
N LYS A 633 -13.73 -4.59 11.15
CA LYS A 633 -13.65 -3.15 10.92
C LYS A 633 -14.47 -2.36 11.92
N ARG A 634 -15.53 -2.97 12.45
CA ARG A 634 -16.35 -2.29 13.46
C ARG A 634 -15.55 -2.04 14.73
N SER A 635 -14.73 -3.01 15.13
CA SER A 635 -13.87 -2.82 16.30
C SER A 635 -12.86 -1.70 16.05
N GLN A 636 -12.32 -1.64 14.83
CA GLN A 636 -11.38 -0.59 14.48
C GLN A 636 -12.05 0.78 14.58
N LYS A 637 -13.25 0.92 14.01
CA LYS A 637 -13.96 2.17 14.07
C LYS A 637 -14.31 2.55 15.51
N LEU A 638 -14.68 1.56 16.32
CA LEU A 638 -14.98 1.85 17.72
C LEU A 638 -13.75 2.35 18.46
N LEU A 639 -12.59 1.74 18.20
CA LEU A 639 -11.38 2.17 18.87
C LEU A 639 -10.94 3.56 18.42
N GLN A 640 -11.15 3.88 17.14
CA GLN A 640 -10.80 5.21 16.66
C GLN A 640 -11.74 6.27 17.25
N ASN A 641 -13.03 5.96 17.33
CA ASN A 641 -13.95 6.88 17.99
C ASN A 641 -13.61 7.02 19.47
N LEU A 642 -13.11 5.95 20.08
CA LEU A 642 -12.63 6.05 21.46
C LEU A 642 -11.45 7.00 21.56
N ARG A 643 -10.55 6.95 20.57
CA ARG A 643 -9.46 7.92 20.51
C ARG A 643 -10.00 9.34 20.48
N TYR A 644 -10.99 9.59 19.62
CA TYR A 644 -11.58 10.93 19.54
C TYR A 644 -12.20 11.34 20.88
N PHE A 645 -12.90 10.41 21.52
CA PHE A 645 -13.54 10.71 22.81
C PHE A 645 -12.51 11.09 23.86
N ILE A 646 -11.48 10.26 24.04
CA ILE A 646 -10.48 10.56 25.06
C ILE A 646 -9.72 11.83 24.71
N MET A 647 -9.59 12.13 23.41
CA MET A 647 -8.98 13.40 23.03
C MET A 647 -9.83 14.57 23.48
N ALA A 648 -11.15 14.44 23.35
CA ALA A 648 -12.07 15.51 23.74
C ALA A 648 -12.44 15.48 25.22
N TYR A 649 -11.92 14.51 25.99
CA TYR A 649 -12.33 14.38 27.38
C TYR A 649 -11.60 15.37 28.30
N VAL A 650 -10.31 15.60 28.05
CA VAL A 650 -9.48 16.40 28.95
C VAL A 650 -9.41 17.86 28.50
N SER A 651 -10.25 18.26 27.56
CA SER A 651 -10.24 19.60 27.00
C SER A 651 -11.05 20.55 27.87
N ASP A 652 -11.40 21.71 27.33
CA ASP A 652 -12.26 22.68 28.00
C ASP A 652 -13.59 22.90 27.30
N TYR A 653 -13.66 22.67 25.99
CA TYR A 653 -14.89 22.82 25.22
C TYR A 653 -14.94 21.74 24.16
N TYR A 654 -16.15 21.30 23.82
CA TYR A 654 -16.32 20.28 22.81
C TYR A 654 -17.55 20.58 21.96
N HIS A 655 -17.72 19.78 20.92
CA HIS A 655 -18.81 19.97 19.97
C HIS A 655 -20.03 19.17 20.39
N LYS A 656 -21.21 19.71 20.09
CA LYS A 656 -22.45 19.08 20.54
C LYS A 656 -22.75 17.79 19.81
N ASP A 657 -22.20 17.59 18.61
CA ASP A 657 -22.42 16.37 17.84
C ASP A 657 -21.33 15.33 18.07
N LEU A 658 -20.62 15.40 19.20
CA LEU A 658 -19.52 14.48 19.45
C LEU A 658 -20.03 13.06 19.67
N ILE A 659 -21.08 12.92 20.50
CA ILE A 659 -21.55 11.59 20.87
C ILE A 659 -22.17 10.87 19.68
N ASP A 660 -22.85 11.61 18.79
CA ASP A 660 -23.41 10.97 17.61
C ASP A 660 -22.32 10.45 16.68
N LYS A 661 -21.13 11.05 16.73
CA LYS A 661 -20.04 10.56 15.90
C LYS A 661 -19.26 9.44 16.58
N VAL A 662 -19.19 9.44 17.92
CA VAL A 662 -18.50 8.37 18.62
C VAL A 662 -19.27 7.07 18.51
N ARG A 663 -20.60 7.13 18.53
CA ARG A 663 -21.41 5.92 18.46
C ARG A 663 -21.36 5.32 17.06
N GLU A 664 -21.03 4.03 16.99
CA GLU A 664 -20.97 3.30 15.73
C GLU A 664 -21.82 2.04 15.84
N GLU A 665 -22.57 1.75 14.77
CA GLU A 665 -23.45 0.59 14.76
C GLU A 665 -22.64 -0.70 14.88
N LEU A 666 -23.00 -1.53 15.86
CA LEU A 666 -22.29 -2.77 16.14
C LEU A 666 -23.26 -3.95 16.11
N ILE A 667 -22.83 -5.04 15.47
CA ILE A 667 -23.62 -6.26 15.38
C ILE A 667 -22.74 -7.40 15.88
N THR A 668 -23.23 -8.64 15.80
CA THR A 668 -22.53 -9.91 16.00
C THR A 668 -22.23 -10.21 17.47
N ASP A 669 -22.61 -9.36 18.41
CA ASP A 669 -22.62 -9.66 19.84
C ASP A 669 -21.21 -9.72 20.43
N VAL A 670 -20.19 -9.68 19.58
CA VAL A 670 -18.82 -9.66 20.09
C VAL A 670 -18.33 -8.23 20.29
N GLU A 671 -18.70 -7.34 19.36
CA GLU A 671 -18.38 -5.92 19.53
C GLU A 671 -19.01 -5.36 20.80
N PHE A 672 -20.18 -5.88 21.19
CA PHE A 672 -20.77 -5.46 22.45
C PHE A 672 -19.91 -5.87 23.64
N LEU A 673 -19.34 -7.07 23.59
CA LEU A 673 -18.41 -7.48 24.64
C LEU A 673 -17.18 -6.58 24.65
N LEU A 674 -16.66 -6.23 23.47
CA LEU A 674 -15.52 -5.32 23.43
C LEU A 674 -15.89 -3.97 24.02
N TYR A 675 -17.10 -3.48 23.74
CA TYR A 675 -17.53 -2.21 24.30
C TYR A 675 -17.66 -2.28 25.81
N ARG A 676 -18.20 -3.38 26.33
CA ARG A 676 -18.29 -3.54 27.77
C ARG A 676 -16.90 -3.56 28.41
N LEU A 677 -15.95 -4.22 27.75
CA LEU A 677 -14.58 -4.24 28.26
C LEU A 677 -13.99 -2.84 28.28
N LEU A 678 -14.18 -2.08 27.20
CA LEU A 678 -13.67 -0.71 27.15
C LEU A 678 -14.31 0.15 28.22
N ARG A 679 -15.62 -0.01 28.42
CA ARG A 679 -16.33 0.79 29.42
C ARG A 679 -15.81 0.48 30.82
N THR A 680 -15.62 -0.80 31.13
CA THR A 680 -15.09 -1.16 32.44
C THR A 680 -13.67 -0.65 32.62
N LEU A 681 -12.85 -0.75 31.58
CA LEU A 681 -11.48 -0.27 31.67
C LEU A 681 -11.43 1.22 31.93
N MET A 682 -12.26 1.99 31.22
CA MET A 682 -12.30 3.43 31.46
C MET A 682 -12.83 3.76 32.84
N GLY A 683 -13.86 3.03 33.28
CA GLY A 683 -14.39 3.25 34.62
C GLY A 683 -13.36 2.97 35.69
N LEU A 684 -12.44 2.04 35.42
CA LEU A 684 -11.38 1.75 36.38
C LEU A 684 -10.28 2.81 36.34
N VAL A 685 -9.81 3.16 35.14
CA VAL A 685 -8.70 4.10 35.03
C VAL A 685 -9.17 5.53 35.25
N LEU A 686 -10.35 5.88 34.72
CA LEU A 686 -10.88 7.24 34.81
C LEU A 686 -11.96 7.36 35.87
N SER A 687 -11.80 6.65 37.00
CA SER A 687 -12.75 6.77 38.09
C SER A 687 -12.73 8.18 38.66
N GLU A 688 -13.72 8.47 39.50
CA GLU A 688 -13.91 9.83 39.99
C GLU A 688 -12.79 10.25 40.92
N ASP A 689 -12.34 9.34 41.78
CA ASP A 689 -11.28 9.65 42.75
C ASP A 689 -9.97 9.04 42.26
N VAL A 690 -9.31 9.74 41.34
CA VAL A 690 -7.96 9.36 40.92
C VAL A 690 -7.03 10.54 41.14
N LYS A 691 -7.29 11.66 40.45
CA LYS A 691 -6.64 12.95 40.69
C LYS A 691 -5.12 12.81 40.88
N SER A 692 -4.49 12.08 39.97
CA SER A 692 -3.04 11.91 40.04
C SER A 692 -2.50 11.46 38.69
N MET A 693 -1.41 12.11 38.28
CA MET A 693 -0.67 11.80 37.05
C MET A 693 -1.60 11.48 35.89
N MET A 694 -2.40 12.48 35.52
CA MET A 694 -3.31 12.33 34.38
C MET A 694 -2.55 12.03 33.10
N THR A 695 -1.27 12.41 33.02
CA THR A 695 -0.49 12.19 31.81
C THR A 695 -0.38 10.71 31.50
N ASN A 696 -0.02 9.90 32.50
CA ASN A 696 0.18 8.48 32.28
C ASN A 696 -1.13 7.80 31.89
N ARG A 697 -2.22 8.13 32.57
CA ARG A 697 -3.51 7.54 32.26
C ARG A 697 -3.96 7.93 30.85
N PHE A 698 -3.75 9.18 30.47
CA PHE A 698 -4.11 9.62 29.13
C PHE A 698 -3.30 8.88 28.08
N LYS A 699 -2.00 8.72 28.32
CA LYS A 699 -1.17 7.95 27.39
C LYS A 699 -1.63 6.51 27.29
N PHE A 700 -1.99 5.91 28.43
CA PHE A 700 -2.49 4.54 28.44
C PHE A 700 -3.74 4.41 27.59
N ILE A 701 -4.71 5.31 27.79
CA ILE A 701 -5.95 5.22 27.04
C ILE A 701 -5.72 5.52 25.56
N LEU A 702 -4.81 6.43 25.26
CA LEU A 702 -4.51 6.74 23.86
C LEU A 702 -3.92 5.51 23.17
N ASN A 703 -3.06 4.77 23.86
CA ASN A 703 -2.53 3.55 23.27
C ASN A 703 -3.60 2.48 23.14
N ILE A 704 -4.47 2.36 24.13
CA ILE A 704 -5.58 1.42 24.03
C ILE A 704 -6.45 1.73 22.82
N SER A 705 -6.59 3.02 22.50
CA SER A 705 -7.37 3.40 21.33
C SER A 705 -6.61 3.12 20.04
N TYR A 706 -5.32 3.45 20.00
CA TYR A 706 -4.51 3.21 18.81
C TYR A 706 -4.25 1.73 18.58
N MET A 707 -4.63 0.87 19.53
CA MET A 707 -4.54 -0.58 19.35
C MET A 707 -5.26 -1.05 18.08
N CYS A 708 -6.08 -0.18 17.49
CA CYS A 708 -6.77 -0.51 16.25
C CYS A 708 -5.81 -0.88 15.12
N HIS A 709 -4.55 -0.45 15.21
CA HIS A 709 -3.59 -0.77 14.16
C HIS A 709 -3.28 -2.25 14.07
N PHE A 710 -3.49 -3.01 15.15
CA PHE A 710 -3.21 -4.44 15.12
C PHE A 710 -4.03 -5.14 14.04
N ILE A 711 -5.26 -4.68 13.82
CA ILE A 711 -6.07 -5.23 12.74
C ILE A 711 -5.54 -4.71 11.40
N THR A 712 -5.57 -5.58 10.39
CA THR A 712 -5.11 -5.18 9.07
C THR A 712 -5.98 -4.06 8.51
N LYS A 713 -5.35 -3.11 7.84
CA LYS A 713 -6.04 -1.97 7.27
C LYS A 713 -6.72 -2.28 5.95
N GLU A 714 -6.54 -3.49 5.43
CA GLU A 714 -7.17 -3.86 4.16
C GLU A 714 -8.66 -4.13 4.36
N THR A 715 -9.39 -4.10 3.25
CA THR A 715 -10.84 -4.20 3.30
C THR A 715 -11.28 -5.66 3.19
N PRO A 716 -12.23 -6.09 4.03
CA PRO A 716 -12.72 -7.48 3.92
C PRO A 716 -13.32 -7.80 2.57
N ASP A 717 -14.33 -7.03 2.15
CA ASP A 717 -14.93 -7.17 0.84
C ASP A 717 -14.94 -5.80 0.17
N ARG A 718 -14.40 -5.72 -1.04
CA ARG A 718 -14.23 -4.43 -1.69
C ARG A 718 -15.52 -3.89 -2.30
N LEU A 719 -16.52 -4.75 -2.55
CA LEU A 719 -17.77 -4.27 -3.14
C LEU A 719 -18.50 -3.34 -2.18
N THR A 720 -18.62 -3.74 -0.91
CA THR A 720 -19.32 -2.91 0.07
C THR A 720 -18.59 -1.61 0.31
N ASP A 721 -17.26 -1.65 0.44
CA ASP A 721 -16.52 -0.41 0.64
C ASP A 721 -16.57 0.49 -0.59
N GLN A 722 -16.62 -0.10 -1.79
CA GLN A 722 -16.76 0.72 -2.99
C GLN A 722 -18.13 1.39 -3.03
N ILE A 723 -19.18 0.67 -2.63
CA ILE A 723 -20.51 1.27 -2.55
C ILE A 723 -20.53 2.39 -1.53
N LYS A 724 -19.86 2.18 -0.39
CA LYS A 724 -19.80 3.21 0.63
C LYS A 724 -19.05 4.45 0.12
N CYS A 725 -17.95 4.25 -0.59
CA CYS A 725 -17.21 5.37 -1.15
C CYS A 725 -18.05 6.13 -2.16
N PHE A 726 -18.76 5.42 -3.04
CA PHE A 726 -19.63 6.10 -4.00
C PHE A 726 -20.76 6.84 -3.31
N GLU A 727 -21.28 6.29 -2.20
CA GLU A 727 -22.32 7.00 -1.45
C GLU A 727 -21.78 8.29 -0.86
N LYS A 728 -20.63 8.23 -0.21
CA LYS A 728 -20.01 9.45 0.31
C LYS A 728 -19.71 10.44 -0.81
N PHE A 729 -19.43 9.93 -2.01
CA PHE A 729 -19.14 10.79 -3.15
C PHE A 729 -20.40 11.48 -3.65
N LEU A 730 -21.52 10.76 -3.69
CA LEU A 730 -22.70 11.24 -4.39
C LEU A 730 -23.68 11.99 -3.49
N GLU A 731 -23.73 11.68 -2.19
CA GLU A 731 -24.75 12.27 -1.32
C GLU A 731 -24.80 13.80 -1.35
N PRO A 732 -23.70 14.54 -1.17
CA PRO A 732 -23.81 16.00 -1.16
C PRO A 732 -24.25 16.58 -2.50
N LYS A 733 -23.93 15.92 -3.61
CA LYS A 733 -24.35 16.44 -4.91
C LYS A 733 -25.87 16.40 -5.05
N VAL A 734 -26.48 15.26 -4.72
CA VAL A 734 -27.93 15.19 -4.75
C VAL A 734 -28.54 16.09 -3.68
N LYS A 735 -27.83 16.29 -2.57
CA LYS A 735 -28.32 17.21 -1.55
C LYS A 735 -28.31 18.64 -2.03
N PHE A 736 -27.41 18.98 -2.96
CA PHE A 736 -27.28 20.35 -3.47
C PHE A 736 -28.18 20.59 -4.69
N GLY A 737 -28.20 19.67 -5.63
CA GLY A 737 -29.07 19.79 -6.78
C GLY A 737 -28.36 19.95 -8.11
N HIS A 738 -27.17 19.36 -8.24
CA HIS A 738 -26.43 19.39 -9.51
C HIS A 738 -25.86 17.99 -9.75
N VAL A 739 -26.63 17.17 -10.45
CA VAL A 739 -26.28 15.77 -10.68
C VAL A 739 -26.35 15.46 -12.17
N SER A 740 -26.04 16.45 -13.01
CA SER A 740 -26.15 16.30 -14.45
C SER A 740 -25.48 15.03 -14.95
N ILE A 741 -26.23 14.23 -15.71
CA ILE A 741 -25.76 12.94 -16.18
C ILE A 741 -25.43 13.05 -17.66
N ASN A 742 -24.54 12.16 -18.13
CA ASN A 742 -24.06 12.12 -19.50
C ASN A 742 -23.52 13.48 -19.90
N PRO A 743 -22.30 13.83 -19.47
CA PRO A 743 -21.80 15.19 -19.69
C PRO A 743 -21.71 15.61 -21.14
N ALA A 744 -21.64 14.66 -22.08
CA ALA A 744 -21.69 14.96 -23.52
C ALA A 744 -20.56 15.93 -23.91
N ASP A 745 -19.33 15.38 -23.86
CA ASP A 745 -18.09 16.12 -24.08
C ASP A 745 -18.21 17.19 -25.16
N THR A 746 -18.88 16.88 -26.27
CA THR A 746 -19.21 17.91 -27.25
C THR A 746 -20.27 18.81 -26.64
N ALA A 747 -19.82 19.94 -26.08
CA ALA A 747 -20.63 20.70 -25.14
C ALA A 747 -21.92 21.21 -25.76
N THR A 748 -23.04 20.91 -25.11
CA THR A 748 -24.34 21.44 -25.48
C THR A 748 -24.69 22.63 -24.58
N GLU A 749 -25.70 23.38 -25.00
CA GLU A 749 -26.05 24.62 -24.30
C GLU A 749 -26.72 24.34 -22.95
N GLU A 750 -27.52 23.28 -22.86
CA GLU A 750 -28.31 23.05 -21.65
C GLU A 750 -27.41 22.80 -20.44
N GLU A 751 -26.38 21.98 -20.60
CA GLU A 751 -25.47 21.72 -19.48
C GLU A 751 -24.75 22.99 -19.07
N LEU A 752 -24.44 23.87 -20.03
CA LEU A 752 -23.82 25.15 -19.70
C LEU A 752 -24.78 26.03 -18.91
N ASP A 753 -26.06 26.04 -19.28
CA ASP A 753 -27.05 26.80 -18.53
C ASP A 753 -27.15 26.29 -17.09
N ASP A 754 -27.23 24.97 -16.92
CA ASP A 754 -27.28 24.41 -15.57
C ASP A 754 -26.01 24.74 -14.80
N MET A 755 -24.86 24.69 -15.46
CA MET A 755 -23.59 24.98 -14.81
C MET A 755 -23.55 26.41 -14.30
N VAL A 756 -23.94 27.37 -15.14
CA VAL A 756 -23.89 28.76 -14.71
C VAL A 756 -24.95 29.05 -13.66
N TYR A 757 -26.11 28.39 -13.74
CA TYR A 757 -27.13 28.60 -12.71
C TYR A 757 -26.68 28.05 -11.36
N ASN A 758 -26.07 26.87 -11.35
CA ASN A 758 -25.55 26.33 -10.10
C ASN A 758 -24.40 27.17 -9.57
N ALA A 759 -23.57 27.72 -10.46
CA ALA A 759 -22.50 28.60 -10.01
C ALA A 759 -23.05 29.86 -9.37
N LYS A 760 -24.14 30.40 -9.93
CA LYS A 760 -24.76 31.57 -9.32
C LYS A 760 -25.40 31.23 -7.97
N LYS A 761 -26.03 30.05 -7.88
CA LYS A 761 -26.62 29.65 -6.62
C LYS A 761 -25.57 29.41 -5.55
N PHE A 762 -24.40 28.89 -5.93
CA PHE A 762 -23.34 28.59 -4.98
C PHE A 762 -22.81 29.83 -4.28
N LEU A 763 -23.10 31.02 -4.79
CA LEU A 763 -22.53 32.25 -4.25
C LEU A 763 -23.49 33.02 -3.35
N SER A 764 -24.71 32.51 -3.12
CA SER A 764 -25.68 33.28 -2.35
C SER A 764 -25.35 33.21 -0.85
N LYS A 765 -25.50 32.03 -0.26
CA LYS A 765 -25.13 31.75 1.13
C LYS A 765 -25.53 32.90 2.07
N GLY A 766 -26.83 33.13 2.15
CA GLY A 766 -27.38 34.18 2.98
C GLY A 766 -26.84 34.19 4.40
N GLY A 767 -26.17 35.27 4.78
CA GLY A 767 -25.51 35.35 6.07
C GLY A 767 -26.43 35.47 7.25
N CYS A 768 -25.89 35.88 8.40
CA CYS A 768 -26.68 36.01 9.62
C CYS A 768 -27.65 37.18 9.58
N THR A 769 -27.51 38.08 8.62
CA THR A 769 -28.40 39.22 8.51
C THR A 769 -29.76 38.87 7.90
N SER A 770 -29.96 37.61 7.54
CA SER A 770 -31.23 37.18 6.95
C SER A 770 -32.27 36.92 8.05
N ALA A 771 -33.42 36.42 7.64
CA ALA A 771 -34.50 36.14 8.59
C ALA A 771 -34.29 34.82 9.30
N LYS A 772 -34.16 33.73 8.53
CA LYS A 772 -33.98 32.41 9.14
C LYS A 772 -32.63 32.31 9.84
N GLY A 773 -31.58 32.79 9.18
CA GLY A 773 -30.24 32.71 9.75
C GLY A 773 -29.38 31.76 8.95
N PRO A 774 -28.13 31.59 9.38
CA PRO A 774 -27.21 30.69 8.65
C PRO A 774 -27.62 29.24 8.83
N SER A 775 -27.72 28.53 7.71
CA SER A 775 -27.98 27.10 7.72
C SER A 775 -26.64 26.39 7.70
N TYR A 776 -26.23 25.86 8.85
CA TYR A 776 -24.93 25.24 8.96
C TYR A 776 -24.86 23.95 8.16
N LYS A 777 -23.64 23.51 7.88
CA LYS A 777 -23.38 22.29 7.10
C LYS A 777 -24.03 22.36 5.73
N LYS A 778 -24.22 23.56 5.20
CA LYS A 778 -24.79 23.76 3.88
C LYS A 778 -23.74 24.34 2.94
N PRO A 779 -23.53 23.74 1.78
CA PRO A 779 -22.48 24.24 0.88
C PRO A 779 -22.88 25.56 0.23
N GLY A 780 -21.94 26.47 0.16
CA GLY A 780 -22.15 27.78 -0.41
C GLY A 780 -21.27 28.80 0.27
N VAL A 781 -20.89 29.83 -0.48
CA VAL A 781 -20.02 30.89 0.01
C VAL A 781 -20.71 32.23 -0.20
N SER A 782 -20.62 33.09 0.80
CA SER A 782 -21.30 34.38 0.77
C SER A 782 -20.51 35.39 -0.05
N LYS A 783 -21.22 36.37 -0.59
CA LYS A 783 -20.57 37.41 -1.38
C LYS A 783 -19.89 38.45 -0.49
N LYS A 784 -20.53 38.81 0.62
CA LYS A 784 -19.99 39.84 1.49
C LYS A 784 -18.65 39.42 2.09
N TYR A 785 -18.60 38.23 2.67
CA TYR A 785 -17.36 37.78 3.29
C TYR A 785 -16.28 37.51 2.27
N LEU A 786 -16.65 37.03 1.07
CA LEU A 786 -15.65 36.84 0.03
C LEU A 786 -15.06 38.17 -0.41
N SER A 787 -15.91 39.20 -0.54
CA SER A 787 -15.40 40.52 -0.86
C SER A 787 -14.49 41.06 0.23
N LEU A 788 -14.87 40.84 1.49
CA LEU A 788 -14.01 41.26 2.60
C LEU A 788 -12.65 40.58 2.53
N LEU A 789 -12.64 39.27 2.27
CA LEU A 789 -11.38 38.53 2.18
C LEU A 789 -10.52 39.05 1.04
N THR A 790 -11.13 39.23 -0.15
CA THR A 790 -10.37 39.70 -1.30
C THR A 790 -9.79 41.08 -1.04
N SER A 791 -10.58 41.98 -0.45
CA SER A 791 -10.08 43.33 -0.19
C SER A 791 -8.98 43.31 0.86
N SER A 792 -9.12 42.47 1.89
CA SER A 792 -8.08 42.38 2.91
C SER A 792 -6.79 41.81 2.34
N PHE A 793 -6.89 40.94 1.33
CA PHE A 793 -5.67 40.43 0.72
C PHE A 793 -5.06 41.42 -0.26
N ASN A 794 -5.88 42.22 -0.95
CA ASN A 794 -5.34 43.16 -1.93
C ASN A 794 -4.45 44.20 -1.27
N ASN A 795 -4.86 44.73 -0.12
CA ASN A 795 -4.03 45.65 0.63
C ASN A 795 -3.13 44.87 1.59
N GLY A 796 -2.15 45.59 2.14
CA GLY A 796 -1.19 44.98 3.04
C GLY A 796 -1.71 44.78 4.44
N SER A 797 -2.59 43.79 4.61
CA SER A 797 -3.20 43.55 5.91
C SER A 797 -3.03 42.09 6.34
N LEU A 798 -3.05 41.16 5.39
CA LEU A 798 -3.03 39.75 5.74
C LEU A 798 -1.62 39.25 6.06
N PHE A 799 -0.73 39.33 5.09
CA PHE A 799 0.62 38.79 5.28
C PHE A 799 1.59 39.83 5.83
N LYS A 800 1.48 41.08 5.38
CA LYS A 800 2.31 42.18 5.85
C LYS A 800 3.80 41.86 5.72
N ASN A 846 -23.22 -20.11 -24.55
CA ASN A 846 -23.75 -18.97 -23.81
C ASN A 846 -25.28 -18.91 -23.94
N LYS A 847 -25.80 -19.36 -25.08
CA LYS A 847 -27.24 -19.37 -25.29
C LYS A 847 -27.92 -20.33 -24.34
N LEU A 848 -27.35 -21.53 -24.17
CA LEU A 848 -27.89 -22.48 -23.20
C LEU A 848 -27.81 -21.92 -21.79
N THR A 849 -26.72 -21.22 -21.45
CA THR A 849 -26.62 -20.59 -20.15
C THR A 849 -27.64 -19.50 -19.94
N ALA A 850 -27.93 -18.72 -21.00
CA ALA A 850 -28.93 -17.66 -20.87
C ALA A 850 -30.33 -18.27 -20.70
N LEU A 851 -30.63 -19.34 -21.45
CA LEU A 851 -31.91 -20.01 -21.27
C LEU A 851 -32.05 -20.62 -19.89
N ALA A 852 -30.95 -21.18 -19.35
CA ALA A 852 -31.00 -21.74 -18.00
C ALA A 852 -31.19 -20.64 -16.96
N VAL A 853 -30.55 -19.48 -17.16
CA VAL A 853 -30.74 -18.37 -16.25
C VAL A 853 -32.19 -17.87 -16.29
N SER A 854 -32.77 -17.80 -17.48
CA SER A 854 -34.17 -17.38 -17.60
C SER A 854 -35.10 -18.39 -16.91
N GLN A 855 -34.85 -19.68 -17.11
CA GLN A 855 -35.65 -20.69 -16.44
C GLN A 855 -35.49 -20.65 -14.93
N LEU A 856 -34.28 -20.34 -14.44
CA LEU A 856 -34.07 -20.24 -13.01
C LEU A 856 -34.79 -19.02 -12.44
N THR A 857 -34.78 -17.90 -13.16
CA THR A 857 -35.53 -16.74 -12.73
C THR A 857 -37.03 -17.03 -12.69
N GLU A 858 -37.53 -17.75 -13.70
CA GLU A 858 -38.94 -18.11 -13.71
C GLU A 858 -39.29 -19.04 -12.55
N VAL A 859 -38.40 -19.99 -12.25
CA VAL A 859 -38.63 -20.90 -11.13
C VAL A 859 -38.64 -20.14 -9.81
N PHE A 860 -37.67 -19.23 -9.61
CA PHE A 860 -37.65 -18.42 -8.41
C PHE A 860 -38.87 -17.53 -8.29
N SER A 861 -39.44 -17.10 -9.42
CA SER A 861 -40.67 -16.31 -9.38
C SER A 861 -41.87 -17.16 -9.00
N ARG A 862 -42.14 -18.20 -9.78
CA ARG A 862 -43.27 -19.08 -9.51
C ARG A 862 -42.82 -20.31 -8.71
N ASP A 872 -25.91 -23.01 -8.23
CA ASP A 872 -25.25 -22.86 -9.52
C ASP A 872 -26.10 -22.01 -10.46
N TYR A 873 -27.42 -22.21 -10.41
CA TYR A 873 -28.32 -21.45 -11.26
C TYR A 873 -28.38 -19.97 -10.84
N GLU A 874 -28.26 -19.71 -9.54
CA GLU A 874 -28.32 -18.33 -9.07
C GLU A 874 -27.11 -17.53 -9.56
N TYR A 875 -25.91 -18.12 -9.46
CA TYR A 875 -24.73 -17.46 -9.98
C TYR A 875 -24.81 -17.28 -11.49
N LYS A 876 -25.40 -18.26 -12.19
CA LYS A 876 -25.56 -18.15 -13.63
C LYS A 876 -26.48 -16.99 -13.99
N VAL A 877 -27.60 -16.87 -13.26
CA VAL A 877 -28.52 -15.75 -13.52
C VAL A 877 -27.88 -14.41 -13.17
N GLN A 878 -27.09 -14.36 -12.10
CA GLN A 878 -26.41 -13.11 -11.75
C GLN A 878 -25.40 -12.71 -12.82
N GLN A 879 -24.61 -13.67 -13.30
CA GLN A 879 -23.66 -13.38 -14.37
C GLN A 879 -24.37 -12.96 -15.65
N ALA A 880 -25.49 -13.61 -15.97
CA ALA A 880 -26.24 -13.25 -17.16
C ALA A 880 -26.78 -11.83 -17.06
N MET A 881 -27.30 -11.46 -15.89
CA MET A 881 -27.81 -10.10 -15.71
C MET A 881 -26.69 -9.08 -15.69
N SER A 882 -25.49 -9.46 -15.23
CA SER A 882 -24.40 -8.51 -15.15
C SER A 882 -23.71 -8.33 -16.50
N ASN A 883 -23.78 -9.34 -17.38
CA ASN A 883 -23.09 -9.27 -18.66
C ASN A 883 -24.02 -9.02 -19.85
N LEU A 884 -25.33 -9.15 -19.67
CA LEU A 884 -26.28 -8.99 -20.76
C LEU A 884 -27.12 -7.73 -20.65
N VAL A 885 -27.63 -7.40 -19.46
CA VAL A 885 -28.45 -6.21 -19.31
C VAL A 885 -27.63 -4.95 -19.54
N LEU A 886 -26.33 -4.99 -19.21
CA LEU A 886 -25.46 -3.84 -19.44
C LEU A 886 -25.21 -3.57 -20.91
N GLY A 887 -25.49 -4.55 -21.78
CA GLY A 887 -25.31 -4.34 -23.22
C GLY A 887 -26.30 -3.31 -23.75
N SER A 888 -27.54 -3.36 -23.29
CA SER A 888 -28.53 -2.38 -23.69
C SER A 888 -28.24 -0.99 -23.12
N LYS A 889 -27.28 -0.87 -22.22
CA LYS A 889 -26.88 0.41 -21.63
C LYS A 889 -25.36 0.55 -21.68
N GLN A 890 -24.80 0.31 -22.86
CA GLN A 890 -23.35 0.29 -23.05
C GLN A 890 -22.72 1.67 -22.90
N HIS A 891 -23.50 2.72 -22.69
CA HIS A 891 -23.00 4.08 -22.52
C HIS A 891 -22.13 4.53 -23.70
N ASP A 901 -14.97 1.88 -21.58
CA ASP A 901 -15.73 0.75 -22.13
C ASP A 901 -14.99 -0.57 -21.89
N GLU A 902 -14.32 -0.66 -20.74
CA GLU A 902 -13.57 -1.86 -20.41
C GLU A 902 -14.46 -3.05 -20.11
N ILE A 903 -15.32 -2.92 -19.10
CA ILE A 903 -16.16 -4.04 -18.70
C ILE A 903 -17.23 -4.36 -19.74
N LEU A 904 -17.72 -3.36 -20.47
CA LEU A 904 -18.64 -3.64 -21.58
C LEU A 904 -17.98 -4.49 -22.64
N LEU A 905 -16.77 -4.19 -23.11
CA LEU A 905 -16.11 -5.10 -24.06
C LEU A 905 -15.73 -6.43 -23.42
N ASP A 906 -15.43 -6.45 -22.12
CA ASP A 906 -15.14 -7.71 -21.46
C ASP A 906 -16.35 -8.63 -21.48
N GLY A 907 -17.54 -8.08 -21.23
CA GLY A 907 -18.76 -8.88 -21.28
C GLY A 907 -19.12 -9.25 -22.71
N GLY A 908 -18.81 -8.36 -23.67
CA GLY A 908 -19.11 -8.66 -25.07
C GLY A 908 -18.17 -9.72 -25.63
N ALA A 909 -16.96 -9.85 -25.09
CA ALA A 909 -16.02 -10.86 -25.55
C ALA A 909 -16.36 -12.26 -25.05
N SER A 910 -17.21 -12.36 -24.03
CA SER A 910 -17.65 -13.64 -23.49
C SER A 910 -18.93 -14.13 -24.13
N THR A 911 -19.27 -13.61 -25.31
CA THR A 911 -20.47 -14.02 -26.01
C THR A 911 -20.34 -13.77 -27.51
N GLN A 915 -25.01 -13.08 -32.95
CA GLN A 915 -25.45 -13.83 -31.79
C GLN A 915 -25.69 -12.91 -30.59
N LEU A 916 -24.76 -11.97 -30.39
CA LEU A 916 -24.88 -11.02 -29.29
C LEU A 916 -26.14 -10.18 -29.41
N LYS A 917 -26.37 -9.62 -30.59
CA LYS A 917 -27.52 -8.75 -30.80
C LYS A 917 -28.84 -9.52 -30.63
N GLU A 918 -28.92 -10.72 -31.21
CA GLU A 918 -30.16 -11.49 -31.11
C GLU A 918 -30.44 -11.91 -29.68
N THR A 919 -29.40 -12.35 -28.95
CA THR A 919 -29.58 -12.75 -27.56
C THR A 919 -29.98 -11.56 -26.70
N VAL A 920 -29.36 -10.39 -26.93
CA VAL A 920 -29.69 -9.20 -26.16
C VAL A 920 -31.13 -8.78 -26.42
N GLU A 921 -31.54 -8.83 -27.70
CA GLU A 921 -32.91 -8.44 -28.03
C GLU A 921 -33.93 -9.41 -27.43
N LYS A 922 -33.64 -10.71 -27.48
CA LYS A 922 -34.54 -11.68 -26.87
C LYS A 922 -34.61 -11.51 -25.37
N ILE A 923 -33.49 -11.20 -24.71
CA ILE A 923 -33.50 -11.00 -23.27
C ILE A 923 -34.29 -9.75 -22.91
N VAL A 924 -34.10 -8.67 -23.67
CA VAL A 924 -34.88 -7.45 -23.41
C VAL A 924 -36.36 -7.68 -23.64
N ASP A 925 -36.72 -8.43 -24.68
CA ASP A 925 -38.13 -8.73 -24.90
C ASP A 925 -38.74 -9.58 -23.80
N GLN A 926 -38.02 -10.61 -23.37
CA GLN A 926 -38.52 -11.45 -22.28
C GLN A 926 -38.60 -10.69 -20.97
N TYR A 927 -37.74 -9.70 -20.77
CA TYR A 927 -37.79 -8.90 -19.55
C TYR A 927 -38.90 -7.86 -19.60
N ARG A 928 -39.20 -7.32 -20.78
CA ARG A 928 -40.27 -6.35 -20.91
C ARG A 928 -41.65 -7.00 -21.03
N GLU A 929 -41.71 -8.29 -21.36
CA GLU A 929 -43.00 -8.96 -21.48
C GLU A 929 -43.72 -9.03 -20.13
N PRO A 930 -43.01 -9.49 -19.09
CA PRO A 930 -43.64 -9.60 -17.78
C PRO A 930 -43.97 -8.24 -17.18
N VAL A 931 -43.24 -7.21 -17.57
CA VAL A 931 -43.48 -5.86 -17.07
C VAL A 931 -44.77 -5.28 -17.65
N THR A 1091 -3.13 13.86 -46.13
CA THR A 1091 -4.49 13.43 -46.37
C THR A 1091 -5.03 12.61 -45.19
N THR A 1092 -4.35 12.72 -44.05
CA THR A 1092 -4.68 11.96 -42.83
C THR A 1092 -4.80 10.47 -43.14
N ALA A 1093 -3.78 9.94 -43.81
CA ALA A 1093 -3.78 8.55 -44.24
C ALA A 1093 -3.33 7.65 -43.09
N MET A 1094 -3.11 6.37 -43.40
CA MET A 1094 -2.72 5.37 -42.40
C MET A 1094 -1.24 5.02 -42.45
N LEU A 1095 -0.62 5.08 -43.63
CA LEU A 1095 0.77 4.65 -43.77
C LEU A 1095 1.73 5.62 -43.12
N LYS A 1096 1.38 6.91 -43.07
CA LYS A 1096 2.21 7.92 -42.41
C LYS A 1096 1.81 8.15 -40.95
N ASN A 1097 0.69 7.59 -40.53
CA ASN A 1097 0.17 7.80 -39.18
C ASN A 1097 0.87 6.92 -38.14
N LEU A 1098 1.50 5.83 -38.56
CA LEU A 1098 2.24 4.96 -37.64
C LEU A 1098 3.74 5.19 -37.68
N CYS A 1099 4.24 6.06 -38.56
CA CYS A 1099 5.67 6.22 -38.74
C CYS A 1099 6.18 7.59 -38.31
N PHE A 1100 5.58 8.68 -38.80
CA PHE A 1100 6.09 10.02 -38.54
C PHE A 1100 5.33 10.73 -37.44
N TYR A 1101 4.03 10.94 -37.62
CA TYR A 1101 3.22 11.72 -36.71
C TYR A 1101 2.18 10.84 -36.01
N SER A 1102 1.53 11.41 -35.01
CA SER A 1102 0.47 10.76 -34.26
C SER A 1102 -0.79 11.60 -34.31
N GLN A 1103 -1.94 10.94 -34.20
CA GLN A 1103 -3.21 11.64 -34.04
C GLN A 1103 -3.74 11.34 -32.64
N GLU A 1104 -3.17 12.02 -31.66
CA GLU A 1104 -3.69 12.01 -30.29
C GLU A 1104 -3.54 13.35 -29.58
N SER A 1105 -2.91 14.35 -30.21
CA SER A 1105 -2.52 15.59 -29.56
C SER A 1105 -3.59 16.66 -29.71
N PRO A 1106 -3.81 17.48 -28.67
CA PRO A 1106 -4.78 18.58 -28.78
C PRO A 1106 -4.21 19.73 -29.60
N GLN A 1107 -5.01 20.21 -30.55
CA GLN A 1107 -4.62 21.31 -31.41
C GLN A 1107 -5.34 22.62 -31.07
N SER A 1108 -6.57 22.53 -30.57
CA SER A 1108 -7.34 23.70 -30.16
C SER A 1108 -7.92 23.45 -28.77
N TYR A 1109 -8.56 24.48 -28.22
CA TYR A 1109 -9.14 24.36 -26.90
C TYR A 1109 -10.22 25.44 -26.73
N ASN A 1110 -11.30 25.06 -26.07
CA ASN A 1110 -12.40 25.99 -25.80
C ASN A 1110 -12.72 26.00 -24.32
N SER A 1111 -13.85 26.61 -23.94
CA SER A 1111 -14.20 26.78 -22.53
C SER A 1111 -14.48 25.47 -21.82
N VAL A 1112 -14.41 24.32 -22.49
CA VAL A 1112 -14.71 23.05 -21.86
C VAL A 1112 -13.50 22.14 -21.72
N GLY A 1113 -12.54 22.21 -22.64
CA GLY A 1113 -11.39 21.34 -22.61
C GLY A 1113 -10.54 21.44 -23.85
N PRO A 1114 -9.45 20.68 -23.90
CA PRO A 1114 -8.54 20.77 -25.05
C PRO A 1114 -9.02 19.95 -26.25
N ASP A 1115 -10.31 20.06 -26.58
CA ASP A 1115 -10.86 19.52 -27.82
C ASP A 1115 -10.74 18.00 -27.92
N THR A 1116 -10.22 17.35 -26.87
CA THR A 1116 -10.05 15.91 -26.86
C THR A 1116 -10.75 15.22 -25.71
N GLY A 1117 -10.87 15.88 -24.57
CA GLY A 1117 -11.55 15.32 -23.41
C GLY A 1117 -11.56 16.29 -22.25
N ARG A 1118 -12.72 16.44 -21.61
CA ARG A 1118 -12.87 17.43 -20.54
C ARG A 1118 -12.40 16.86 -19.20
N LEU A 1119 -11.15 16.39 -19.19
CA LEU A 1119 -10.47 15.93 -17.98
C LEU A 1119 -11.25 14.79 -17.31
N LYS A 1120 -11.33 13.68 -18.02
CA LYS A 1120 -12.00 12.50 -17.51
C LYS A 1120 -11.16 11.83 -16.43
N PHE A 1121 -11.72 11.67 -15.24
CA PHE A 1121 -11.09 10.97 -14.14
C PHE A 1121 -11.82 9.65 -13.87
N SER A 1122 -11.19 8.81 -13.07
CA SER A 1122 -11.78 7.57 -12.59
C SER A 1122 -11.65 7.52 -11.07
N LEU A 1123 -12.69 7.02 -10.41
CA LEU A 1123 -12.76 7.02 -8.96
C LEU A 1123 -12.37 5.66 -8.41
N SER A 1124 -11.45 5.66 -7.45
CA SER A 1124 -11.02 4.44 -6.79
C SER A 1124 -10.93 4.70 -5.29
N TYR A 1125 -10.75 3.62 -4.52
CA TYR A 1125 -10.66 3.71 -3.07
C TYR A 1125 -9.25 3.39 -2.60
N LYS A 1126 -8.83 4.06 -1.53
CA LYS A 1126 -7.54 3.82 -0.90
C LYS A 1126 -7.78 3.37 0.53
N GLU A 1127 -7.15 2.27 0.92
CA GLU A 1127 -7.36 1.70 2.25
C GLU A 1127 -6.71 2.57 3.32
N GLN A 1128 -7.39 2.68 4.45
CA GLN A 1128 -6.87 3.41 5.61
C GLN A 1128 -7.30 2.66 6.86
N VAL A 1129 -6.83 3.14 8.02
CA VAL A 1129 -7.15 2.48 9.27
C VAL A 1129 -8.63 2.59 9.58
N GLY A 1130 -9.14 3.81 9.72
CA GLY A 1130 -10.53 4.02 10.04
C GLY A 1130 -11.46 3.91 8.85
N GLY A 1131 -11.32 4.81 7.91
CA GLY A 1131 -12.18 4.82 6.73
C GLY A 1131 -11.38 5.05 5.46
N ASN A 1132 -11.77 4.34 4.41
CA ASN A 1132 -11.07 4.44 3.14
C ASN A 1132 -11.28 5.82 2.52
N ARG A 1133 -10.26 6.31 1.83
CA ARG A 1133 -10.30 7.59 1.17
C ARG A 1133 -10.57 7.42 -0.32
N GLU A 1134 -10.88 8.54 -0.98
CA GLU A 1134 -11.15 8.54 -2.40
C GLU A 1134 -9.87 8.85 -3.18
N LEU A 1135 -9.87 8.45 -4.46
CA LEU A 1135 -8.74 8.72 -5.33
C LEU A 1135 -9.25 8.98 -6.74
N TYR A 1136 -8.80 10.07 -7.33
CA TYR A 1136 -9.13 10.44 -8.71
C TYR A 1136 -7.90 10.18 -9.56
N ILE A 1137 -7.99 9.17 -10.44
CA ILE A 1137 -6.89 8.81 -11.32
C ILE A 1137 -7.21 9.28 -12.73
N GLY A 1138 -6.23 9.89 -13.39
CA GLY A 1138 -6.44 10.43 -14.72
C GLY A 1138 -5.29 10.08 -15.65
N ASP A 1139 -5.48 10.39 -16.93
CA ASP A 1139 -4.47 10.12 -17.94
C ASP A 1139 -3.34 11.15 -17.82
N LEU A 1140 -2.37 11.04 -18.73
CA LEU A 1140 -1.14 11.83 -18.61
C LEU A 1140 -1.40 13.31 -18.87
N ARG A 1141 -2.31 13.65 -19.78
CA ARG A 1141 -2.60 15.05 -20.05
C ARG A 1141 -3.20 15.73 -18.82
N THR A 1142 -4.22 15.10 -18.23
CA THR A 1142 -4.77 15.60 -16.99
C THR A 1142 -3.72 15.67 -15.90
N LYS A 1143 -2.84 14.66 -15.84
CA LYS A 1143 -1.78 14.66 -14.85
C LYS A 1143 -0.89 15.89 -14.98
N MET A 1144 -0.48 16.21 -16.21
CA MET A 1144 0.44 17.34 -16.37
C MET A 1144 -0.28 18.67 -16.19
N PHE A 1145 -1.56 18.75 -16.54
CA PHE A 1145 -2.32 19.98 -16.30
C PHE A 1145 -2.45 20.26 -14.80
N THR A 1146 -2.89 19.25 -14.04
CA THR A 1146 -2.97 19.41 -12.60
C THR A 1146 -1.61 19.67 -11.99
N ARG A 1147 -0.55 19.07 -12.55
CA ARG A 1147 0.79 19.33 -12.04
C ARG A 1147 1.19 20.77 -12.29
N LEU A 1148 0.82 21.32 -13.44
CA LEU A 1148 1.10 22.74 -13.72
C LEU A 1148 0.40 23.63 -12.70
N ILE A 1149 -0.90 23.40 -12.49
CA ILE A 1149 -1.64 24.22 -11.52
C ILE A 1149 -1.04 24.05 -10.12
N GLU A 1150 -0.66 22.82 -9.77
CA GLU A 1150 -0.11 22.54 -8.44
C GLU A 1150 1.21 23.26 -8.23
N ASP A 1151 2.12 23.21 -9.22
CA ASP A 1151 3.40 23.86 -9.04
C ASP A 1151 3.24 25.39 -9.03
N TYR A 1152 2.32 25.92 -9.84
CA TYR A 1152 2.08 27.35 -9.79
C TYR A 1152 1.60 27.79 -8.41
N PHE A 1153 0.59 27.12 -7.88
CA PHE A 1153 0.09 27.48 -6.56
C PHE A 1153 1.11 27.19 -5.45
N GLU A 1154 1.99 26.20 -5.66
CA GLU A 1154 3.03 25.94 -4.67
C GLU A 1154 4.07 27.06 -4.68
N ALA A 1155 4.39 27.58 -5.86
CA ALA A 1155 5.24 28.76 -5.95
C ALA A 1155 4.59 29.95 -5.27
N LEU A 1156 3.27 30.10 -5.47
CA LEU A 1156 2.55 31.18 -4.80
C LEU A 1156 2.63 31.05 -3.28
N SER A 1157 2.38 29.84 -2.76
CA SER A 1157 2.36 29.65 -1.31
C SER A 1157 3.74 29.76 -0.71
N SER A 1158 4.78 29.31 -1.44
CA SER A 1158 6.14 29.41 -0.93
C SER A 1158 6.55 30.85 -0.71
N GLN A 1159 5.94 31.78 -1.44
CA GLN A 1159 6.14 33.20 -1.17
C GLN A 1159 5.64 33.60 0.20
N LEU A 1160 4.81 32.75 0.82
CA LEU A 1160 4.32 32.96 2.17
C LEU A 1160 5.08 32.06 3.14
N SER A 1161 4.73 32.15 4.42
CA SER A 1161 5.41 31.36 5.44
C SER A 1161 4.44 30.81 6.48
N GLY A 1162 3.21 30.49 6.06
CA GLY A 1162 2.19 30.05 7.01
C GLY A 1162 1.85 28.58 6.95
N SER A 1163 1.87 28.00 5.76
CA SER A 1163 1.45 26.63 5.56
C SER A 1163 2.58 25.65 5.86
N CYS A 1164 2.21 24.43 6.24
CA CYS A 1164 3.15 23.33 6.47
C CYS A 1164 2.52 22.06 5.90
N LEU A 1165 2.80 21.76 4.64
CA LEU A 1165 2.29 20.55 4.01
C LEU A 1165 3.40 19.66 3.48
N ASN A 1166 4.27 20.16 2.60
CA ASN A 1166 5.26 19.33 1.93
C ASN A 1166 6.69 19.80 2.14
N ASN A 1167 6.91 20.80 2.99
CA ASN A 1167 8.24 21.29 3.31
C ASN A 1167 8.53 20.96 4.77
N GLU A 1168 9.60 20.20 5.00
CA GLU A 1168 9.92 19.76 6.36
C GLU A 1168 10.30 20.92 7.26
N LYS A 1169 10.81 22.02 6.69
CA LYS A 1169 11.28 23.13 7.51
C LYS A 1169 10.13 23.84 8.21
N GLU A 1170 9.08 24.20 7.45
CA GLU A 1170 7.95 24.87 8.06
C GLU A 1170 7.22 23.97 9.04
N PHE A 1171 7.19 22.66 8.76
CA PHE A 1171 6.56 21.72 9.69
C PHE A 1171 7.35 21.61 10.98
N GLU A 1172 8.68 21.59 10.89
CA GLU A 1172 9.52 21.60 12.08
C GLU A 1172 9.32 22.89 12.88
N ASN A 1173 9.21 24.02 12.18
CA ASN A 1173 8.95 25.29 12.87
C ASN A 1173 7.60 25.26 13.56
N ALA A 1174 6.60 24.66 12.93
CA ALA A 1174 5.29 24.52 13.56
C ALA A 1174 5.37 23.66 14.81
N ILE A 1175 6.14 22.57 14.75
CA ILE A 1175 6.32 21.73 15.93
C ILE A 1175 6.98 22.51 17.05
N LEU A 1176 8.00 23.30 16.73
CA LEU A 1176 8.68 24.08 17.76
C LEU A 1176 7.75 25.12 18.38
N SER A 1177 6.99 25.82 17.54
CA SER A 1177 6.06 26.82 18.07
C SER A 1177 4.99 26.16 18.92
N MET A 1178 4.52 24.98 18.52
CA MET A 1178 3.51 24.27 19.29
C MET A 1178 4.06 23.84 20.65
N LYS A 1179 5.28 23.31 20.67
CA LYS A 1179 5.92 22.96 21.94
C LYS A 1179 6.05 24.19 22.84
N LEU A 1180 6.50 25.30 22.28
CA LEU A 1180 6.68 26.51 23.07
C LEU A 1180 5.36 27.01 23.63
N ASN A 1181 4.29 26.94 22.82
CA ASN A 1181 3.00 27.44 23.28
C ASN A 1181 2.39 26.53 24.33
N VAL A 1182 2.50 25.22 24.16
CA VAL A 1182 1.93 24.30 25.13
C VAL A 1182 2.72 24.35 26.44
N SER A 1183 4.03 24.59 26.36
CA SER A 1183 4.84 24.67 27.57
C SER A 1183 4.39 25.79 28.50
N MET A 1184 3.70 26.81 27.99
CA MET A 1184 3.22 27.92 28.79
C MET A 1184 1.74 27.80 29.11
N ALA A 1185 1.13 26.63 28.86
CA ALA A 1185 -0.27 26.37 29.19
C ALA A 1185 -1.20 27.35 28.47
N HIS A 1186 -1.01 27.47 27.16
CA HIS A 1186 -1.87 28.31 26.34
C HIS A 1186 -2.98 27.49 25.72
N VAL A 1187 -4.03 28.19 25.26
CA VAL A 1187 -5.15 27.54 24.62
C VAL A 1187 -4.76 27.08 23.22
N SER A 1188 -5.23 25.90 22.83
CA SER A 1188 -4.97 25.35 21.51
C SER A 1188 -6.27 24.85 20.91
N TYR A 1189 -6.55 25.25 19.68
CA TYR A 1189 -7.76 24.89 18.97
C TYR A 1189 -7.38 23.92 17.86
N SER A 1190 -7.64 22.63 18.09
CA SER A 1190 -7.37 21.61 17.09
C SER A 1190 -8.63 21.38 16.28
N MET A 1191 -8.58 21.72 15.00
CA MET A 1191 -9.76 21.67 14.15
C MET A 1191 -9.57 20.64 13.05
N ASP A 1192 -10.62 19.88 12.78
CA ASP A 1192 -10.72 19.09 11.56
C ASP A 1192 -11.95 19.56 10.81
N HIS A 1193 -11.94 19.36 9.50
CA HIS A 1193 -12.99 19.90 8.62
C HIS A 1193 -13.67 18.75 7.89
N SER A 1194 -14.93 18.52 8.23
CA SER A 1194 -15.67 17.41 7.65
C SER A 1194 -15.97 17.67 6.18
N LYS A 1195 -15.87 16.61 5.38
CA LYS A 1195 -16.19 16.65 3.96
C LYS A 1195 -15.39 17.74 3.24
N TRP A 1196 -14.08 17.74 3.48
CA TRP A 1196 -13.22 18.74 2.84
C TRP A 1196 -13.18 18.56 1.33
N GLY A 1197 -13.33 17.32 0.85
CA GLY A 1197 -13.26 17.03 -0.55
C GLY A 1197 -14.52 17.39 -1.31
N PRO A 1198 -15.64 16.71 -0.98
CA PRO A 1198 -16.88 16.94 -1.74
C PRO A 1198 -17.45 18.33 -1.59
N MET A 1199 -17.11 19.08 -0.54
CA MET A 1199 -17.70 20.39 -0.32
C MET A 1199 -16.91 21.53 -0.95
N MET A 1200 -15.63 21.34 -1.25
CA MET A 1200 -14.86 22.37 -1.91
C MET A 1200 -15.28 22.47 -3.38
N CYS A 1201 -14.70 23.45 -4.09
CA CYS A 1201 -15.16 23.74 -5.43
C CYS A 1201 -14.06 24.42 -6.23
N PRO A 1202 -13.84 24.03 -7.48
CA PRO A 1202 -12.89 24.78 -8.32
C PRO A 1202 -13.37 26.18 -8.64
N PHE A 1203 -14.69 26.36 -8.80
CA PHE A 1203 -15.23 27.67 -9.11
C PHE A 1203 -14.89 28.67 -8.01
N LEU A 1204 -14.86 28.23 -6.76
CA LEU A 1204 -14.45 29.11 -5.67
C LEU A 1204 -13.02 29.56 -5.85
N PHE A 1205 -12.13 28.65 -6.24
CA PHE A 1205 -10.75 29.03 -6.50
C PHE A 1205 -10.65 30.02 -7.65
N LEU A 1206 -11.40 29.78 -8.73
CA LEU A 1206 -11.41 30.69 -9.85
C LEU A 1206 -11.87 32.08 -9.43
N THR A 1207 -12.91 32.13 -8.60
CA THR A 1207 -13.45 33.42 -8.17
C THR A 1207 -12.46 34.16 -7.28
N VAL A 1208 -11.87 33.46 -6.31
CA VAL A 1208 -10.92 34.13 -5.43
C VAL A 1208 -9.63 34.49 -6.17
N LEU A 1209 -9.36 33.82 -7.30
CA LEU A 1209 -8.19 34.19 -8.09
C LEU A 1209 -8.45 35.41 -8.96
N GLN A 1210 -9.62 35.47 -9.61
CA GLN A 1210 -9.93 36.57 -10.52
C GLN A 1210 -10.04 37.92 -9.81
N ASN A 1211 -10.09 37.93 -8.48
CA ASN A 1211 -10.27 39.18 -7.75
C ASN A 1211 -8.99 39.67 -7.08
N LEU A 1212 -7.90 38.90 -7.13
CA LEU A 1212 -6.64 39.35 -6.59
C LEU A 1212 -5.83 40.08 -7.64
N ILE A 1213 -4.80 40.79 -7.20
CA ILE A 1213 -3.96 41.59 -8.08
C ILE A 1213 -2.66 40.87 -8.43
N PHE A 1214 -2.01 40.28 -7.43
CA PHE A 1214 -0.72 39.59 -7.62
C PHE A 1214 0.29 40.52 -8.30
N LEU A 1215 0.64 41.58 -7.56
CA LEU A 1215 1.56 42.58 -8.08
C LEU A 1215 2.89 41.95 -8.48
N SER A 1216 3.43 42.41 -9.60
CA SER A 1216 4.68 41.87 -10.14
C SER A 1216 5.88 42.50 -9.46
N ILE A 1223 -2.70 39.41 -19.09
CA ILE A 1223 -1.31 39.08 -18.80
C ILE A 1223 -1.10 37.58 -19.04
N LYS A 1224 0.09 37.23 -19.52
CA LYS A 1224 0.42 35.83 -19.76
C LYS A 1224 0.41 35.05 -18.45
N GLY A 1225 0.04 33.78 -18.54
CA GLY A 1225 -0.02 32.91 -17.37
C GLY A 1225 -1.29 32.94 -16.56
N ARG A 1226 -1.80 34.14 -16.23
CA ARG A 1226 -2.97 34.23 -15.39
C ARG A 1226 -4.23 33.77 -16.12
N ASP A 1227 -4.38 34.16 -17.38
CA ASP A 1227 -5.49 33.64 -18.18
C ASP A 1227 -5.37 32.13 -18.36
N TYR A 1228 -4.14 31.61 -18.41
CA TYR A 1228 -3.94 30.17 -18.54
C TYR A 1228 -4.40 29.45 -17.28
N LEU A 1229 -4.04 29.96 -16.10
CA LEU A 1229 -4.56 29.39 -14.87
C LEU A 1229 -6.08 29.49 -14.81
N SER A 1230 -6.63 30.61 -15.29
CA SER A 1230 -8.07 30.77 -15.28
C SER A 1230 -8.76 29.71 -16.13
N THR A 1231 -8.28 29.52 -17.37
CA THR A 1231 -8.93 28.54 -18.23
C THR A 1231 -8.66 27.11 -17.76
N LEU A 1232 -7.54 26.87 -17.07
CA LEU A 1232 -7.30 25.54 -16.52
C LEU A 1232 -8.27 25.25 -15.37
N LEU A 1233 -8.51 26.24 -14.51
CA LEU A 1233 -9.50 26.04 -13.46
C LEU A 1233 -10.89 25.87 -14.05
N MET A 1234 -11.19 26.60 -15.13
CA MET A 1234 -12.47 26.43 -15.82
C MET A 1234 -12.61 25.01 -16.36
N TRP A 1235 -11.55 24.47 -16.95
CA TRP A 1235 -11.54 23.07 -17.34
C TRP A 1235 -11.82 22.17 -16.15
N HIS A 1236 -11.17 22.44 -15.03
CA HIS A 1236 -11.42 21.65 -13.82
C HIS A 1236 -12.87 21.71 -13.39
N MET A 1237 -13.54 22.83 -13.65
CA MET A 1237 -14.96 22.95 -13.30
C MET A 1237 -15.80 22.00 -14.14
N HIS A 1238 -15.49 21.85 -15.43
CA HIS A 1238 -16.18 20.92 -16.30
C HIS A 1238 -15.40 19.62 -16.29
N LYS A 1239 -15.71 18.76 -15.32
CA LYS A 1239 -14.93 17.57 -15.05
C LYS A 1239 -15.82 16.33 -15.13
N MET A 1240 -15.36 15.31 -15.85
CA MET A 1240 -16.03 14.02 -15.93
C MET A 1240 -15.43 13.07 -14.91
N VAL A 1241 -16.27 12.28 -14.27
CA VAL A 1241 -15.84 11.23 -13.35
C VAL A 1241 -16.53 9.93 -13.74
N GLU A 1242 -15.75 8.91 -14.05
CA GLU A 1242 -16.29 7.63 -14.49
C GLU A 1242 -16.76 6.82 -13.28
N ILE A 1243 -18.01 6.38 -13.32
CA ILE A 1243 -18.54 5.55 -12.24
C ILE A 1243 -17.94 4.14 -12.35
N PRO A 1244 -17.41 3.58 -11.27
CA PRO A 1244 -16.84 2.23 -11.34
C PRO A 1244 -17.88 1.22 -11.78
N PHE A 1245 -17.40 0.16 -12.44
CA PHE A 1245 -18.32 -0.85 -12.98
C PHE A 1245 -18.93 -1.71 -11.88
N ASN A 1246 -18.21 -1.92 -10.78
CA ASN A 1246 -18.70 -2.78 -9.71
C ASN A 1246 -19.97 -2.21 -9.09
N VAL A 1247 -19.96 -0.92 -8.75
CA VAL A 1247 -21.09 -0.34 -8.06
C VAL A 1247 -22.31 -0.25 -8.97
N VAL A 1248 -22.10 0.11 -10.24
CA VAL A 1248 -23.24 0.21 -11.15
C VAL A 1248 -23.81 -1.18 -11.44
N SER A 1249 -22.94 -2.20 -11.52
CA SER A 1249 -23.43 -3.55 -11.69
C SER A 1249 -24.24 -4.01 -10.48
N ALA A 1250 -23.78 -3.67 -9.28
CA ALA A 1250 -24.51 -4.02 -8.07
C ALA A 1250 -25.87 -3.32 -8.04
N MET A 1251 -25.91 -2.05 -8.42
CA MET A 1251 -27.18 -1.34 -8.44
C MET A 1251 -28.12 -1.90 -9.50
N MET A 1252 -27.57 -2.33 -10.64
CA MET A 1252 -28.39 -2.95 -11.67
C MET A 1252 -28.97 -4.27 -11.18
N LYS A 1253 -28.16 -5.07 -10.50
CA LYS A 1253 -28.66 -6.32 -9.93
C LYS A 1253 -29.74 -6.06 -8.89
N SER A 1254 -29.54 -5.06 -8.03
CA SER A 1254 -30.55 -4.73 -7.03
C SER A 1254 -31.84 -4.24 -7.68
N PHE A 1255 -31.72 -3.45 -8.75
CA PHE A 1255 -32.91 -2.99 -9.46
C PHE A 1255 -33.67 -4.14 -10.09
N ILE A 1256 -32.94 -5.08 -10.70
CA ILE A 1256 -33.59 -6.25 -11.29
C ILE A 1256 -34.30 -7.07 -10.21
N LYS A 1257 -33.63 -7.29 -9.08
CA LYS A 1257 -34.24 -8.05 -8.00
C LYS A 1257 -35.47 -7.35 -7.44
N ALA A 1258 -35.44 -6.02 -7.37
CA ALA A 1258 -36.60 -5.28 -6.87
C ALA A 1258 -37.75 -5.28 -7.87
N GLN A 1259 -37.44 -5.25 -9.16
CA GLN A 1259 -38.51 -5.33 -10.17
C GLN A 1259 -39.11 -6.72 -10.23
N LEU A 1260 -38.32 -7.75 -9.91
CA LEU A 1260 -38.81 -9.13 -9.95
C LEU A 1260 -39.33 -9.56 -8.59
N GLY A 1261 -38.48 -9.52 -7.56
CA GLY A 1261 -38.89 -9.92 -6.23
C GLY A 1261 -39.24 -8.74 -5.33
N THR A 1266 -37.49 -1.54 0.04
CA THR A 1266 -37.26 -1.79 1.45
C THR A 1266 -36.21 -0.83 2.00
N LYS A 1267 -36.63 0.39 2.32
CA LYS A 1267 -35.76 1.45 2.83
C LYS A 1267 -34.57 1.67 1.89
N GLN A 1268 -34.89 2.05 0.65
CA GLN A 1268 -33.86 2.28 -0.35
C GLN A 1268 -33.09 3.55 -0.03
N SER A 1269 -31.79 3.52 -0.33
CA SER A 1269 -30.91 4.64 -0.05
C SER A 1269 -31.06 5.71 -1.12
N ILE A 1270 -30.33 6.82 -0.95
CA ILE A 1270 -30.41 7.92 -1.90
C ILE A 1270 -29.82 7.49 -3.25
N THR A 1271 -28.63 6.90 -3.23
CA THR A 1271 -28.03 6.45 -4.49
C THR A 1271 -28.85 5.33 -5.12
N GLU A 1272 -29.49 4.50 -4.30
CA GLU A 1272 -30.34 3.45 -4.85
C GLU A 1272 -31.52 4.04 -5.62
N ASP A 1273 -32.20 5.01 -5.00
CA ASP A 1273 -33.29 5.69 -5.70
C ASP A 1273 -32.79 6.41 -6.95
N PHE A 1274 -31.61 7.01 -6.88
CA PHE A 1274 -31.04 7.69 -8.03
C PHE A 1274 -30.83 6.72 -9.19
N PHE A 1275 -30.18 5.59 -8.90
CA PHE A 1275 -29.93 4.60 -9.95
C PHE A 1275 -31.22 4.01 -10.49
N TYR A 1276 -32.20 3.78 -9.62
CA TYR A 1276 -33.47 3.24 -10.08
C TYR A 1276 -34.19 4.22 -11.00
N SER A 1277 -34.21 5.50 -10.62
CA SER A 1277 -34.85 6.51 -11.45
C SER A 1277 -34.13 6.65 -12.79
N ASN A 1278 -32.81 6.54 -12.79
CA ASN A 1278 -32.07 6.62 -14.05
C ASN A 1278 -32.34 5.39 -14.92
N PHE A 1279 -32.47 4.22 -14.31
CA PHE A 1279 -32.73 3.01 -15.07
C PHE A 1279 -34.14 2.99 -15.62
N GLN A 1280 -35.09 3.60 -14.91
CA GLN A 1280 -36.48 3.60 -15.36
C GLN A 1280 -36.70 4.34 -16.68
N ILE A 1281 -35.73 5.14 -17.12
CA ILE A 1281 -35.85 5.84 -18.40
C ILE A 1281 -34.93 5.25 -19.47
N GLY A 1282 -34.06 4.31 -19.12
CA GLY A 1282 -33.25 3.58 -20.08
C GLY A 1282 -31.76 3.90 -20.01
N VAL A 1283 -31.41 5.11 -19.60
CA VAL A 1283 -30.01 5.51 -19.56
C VAL A 1283 -29.36 4.98 -18.29
N VAL A 1284 -28.07 4.64 -18.40
CA VAL A 1284 -27.28 4.15 -17.27
C VAL A 1284 -26.21 5.19 -16.98
N PRO A 1285 -25.98 5.55 -15.72
CA PRO A 1285 -24.97 6.58 -15.42
C PRO A 1285 -23.55 6.12 -15.70
N SER A 1286 -22.89 6.79 -16.63
CA SER A 1286 -21.49 6.53 -16.94
C SER A 1286 -20.56 7.62 -16.43
N HIS A 1287 -20.92 8.88 -16.57
CA HIS A 1287 -20.16 9.99 -16.01
C HIS A 1287 -21.14 11.03 -15.49
N ILE A 1288 -20.84 11.60 -14.32
CA ILE A 1288 -21.66 12.61 -13.69
C ILE A 1288 -20.81 13.85 -13.45
N SER A 1289 -20.95 14.84 -14.31
CA SER A 1289 -20.27 16.12 -14.11
C SER A 1289 -21.06 16.97 -13.12
N SER A 1290 -20.34 17.62 -12.22
CA SER A 1290 -20.96 18.47 -11.22
C SER A 1290 -20.03 19.62 -10.87
N ILE A 1291 -20.56 20.55 -10.08
CA ILE A 1291 -19.80 21.72 -9.66
C ILE A 1291 -19.04 21.47 -8.37
N LEU A 1292 -19.61 20.69 -7.47
CA LEU A 1292 -19.12 20.62 -6.10
C LEU A 1292 -18.25 19.38 -5.92
N ASP A 1293 -17.04 19.44 -6.48
CA ASP A 1293 -16.12 18.31 -6.37
C ASP A 1293 -14.69 18.81 -6.57
N MET A 1294 -13.94 18.91 -5.47
CA MET A 1294 -12.51 19.09 -5.54
C MET A 1294 -11.84 17.73 -5.42
N GLY A 1295 -10.95 17.42 -6.36
CA GLY A 1295 -10.31 16.12 -6.35
C GLY A 1295 -9.47 15.93 -5.10
N GLN A 1296 -9.56 14.73 -4.52
CA GLN A 1296 -8.81 14.38 -3.32
C GLN A 1296 -7.36 14.13 -3.70
N GLY A 1297 -6.62 15.22 -3.85
CA GLY A 1297 -5.21 15.13 -4.18
C GLY A 1297 -4.83 15.87 -5.45
N ILE A 1298 -5.70 15.82 -6.46
CA ILE A 1298 -5.39 16.46 -7.74
C ILE A 1298 -5.37 17.98 -7.65
N LEU A 1299 -5.86 18.54 -6.55
CA LEU A 1299 -5.85 19.99 -6.32
C LEU A 1299 -5.37 20.27 -4.91
N HIS A 1300 -4.25 19.66 -4.53
CA HIS A 1300 -3.80 19.71 -3.14
C HIS A 1300 -3.23 21.08 -2.79
N ASN A 1301 -2.25 21.56 -3.57
CA ASN A 1301 -1.57 22.79 -3.20
C ASN A 1301 -2.49 24.00 -3.32
N THR A 1302 -3.37 24.02 -4.31
CA THR A 1302 -4.31 25.13 -4.42
C THR A 1302 -5.28 25.15 -3.25
N SER A 1303 -5.71 23.97 -2.80
CA SER A 1303 -6.56 23.90 -1.61
C SER A 1303 -5.81 24.39 -0.38
N ASP A 1304 -4.53 24.01 -0.27
CA ASP A 1304 -3.74 24.47 0.86
C ASP A 1304 -3.60 25.99 0.85
N PHE A 1305 -3.36 26.57 -0.32
CA PHE A 1305 -3.24 28.02 -0.42
C PHE A 1305 -4.54 28.72 -0.06
N TYR A 1306 -5.66 28.20 -0.56
CA TYR A 1306 -6.96 28.78 -0.22
C TYR A 1306 -7.22 28.70 1.28
N ALA A 1307 -6.97 27.55 1.87
CA ALA A 1307 -7.16 27.40 3.31
C ALA A 1307 -6.25 28.35 4.07
N LEU A 1308 -5.02 28.53 3.59
CA LEU A 1308 -4.08 29.42 4.26
C LEU A 1308 -4.58 30.85 4.27
N ILE A 1309 -4.98 31.37 3.10
CA ILE A 1309 -5.44 32.76 3.05
C ILE A 1309 -6.72 32.94 3.84
N THR A 1310 -7.65 31.98 3.75
CA THR A 1310 -8.91 32.11 4.48
C THR A 1310 -8.68 32.09 5.98
N GLU A 1311 -7.85 31.17 6.46
CA GLU A 1311 -7.59 31.09 7.90
C GLU A 1311 -6.83 32.31 8.38
N ARG A 1312 -5.92 32.84 7.57
CA ARG A 1312 -5.23 34.07 7.95
C ARG A 1312 -6.22 35.22 8.08
N PHE A 1313 -7.16 35.33 7.14
CA PHE A 1313 -8.18 36.39 7.24
C PHE A 1313 -9.07 36.20 8.46
N ILE A 1314 -9.45 34.96 8.75
CA ILE A 1314 -10.30 34.69 9.91
C ILE A 1314 -9.59 35.09 11.20
N ASN A 1315 -8.30 34.71 11.31
CA ASN A 1315 -7.54 35.07 12.50
C ASN A 1315 -7.35 36.58 12.60
N TYR A 1316 -7.18 37.25 11.46
CA TYR A 1316 -7.08 38.70 11.48
C TYR A 1316 -8.37 39.33 11.98
N ALA A 1317 -9.52 38.81 11.53
CA ALA A 1317 -10.80 39.33 11.99
C ALA A 1317 -10.98 39.12 13.48
N ILE A 1318 -10.63 37.92 13.97
CA ILE A 1318 -10.74 37.65 15.40
C ILE A 1318 -9.84 38.59 16.19
N SER A 1319 -8.61 38.80 15.72
CA SER A 1319 -7.69 39.68 16.43
C SER A 1319 -8.20 41.11 16.47
N CYS A 1320 -8.73 41.60 15.35
CA CYS A 1320 -9.25 42.96 15.32
C CYS A 1320 -10.52 43.11 16.12
N VAL A 1321 -11.28 42.04 16.32
CA VAL A 1321 -12.53 42.15 17.08
C VAL A 1321 -12.33 41.91 18.58
N CYS A 1322 -11.27 41.22 18.98
CA CYS A 1322 -11.03 40.98 20.40
C CYS A 1322 -9.79 41.68 20.93
N GLY A 1323 -8.66 41.57 20.24
CA GLY A 1323 -7.43 42.15 20.70
C GLY A 1323 -6.37 41.13 21.06
N GLY A 1324 -6.33 40.02 20.32
CA GLY A 1324 -5.35 38.98 20.55
C GLY A 1324 -4.91 38.29 19.29
N THR A 1325 -3.63 37.99 19.16
CA THR A 1325 -3.10 37.36 17.96
C THR A 1325 -3.39 35.86 17.97
N ILE A 1326 -3.43 35.28 16.77
CA ILE A 1326 -3.68 33.85 16.59
C ILE A 1326 -2.74 33.34 15.51
N ASP A 1327 -1.90 32.36 15.86
CA ASP A 1327 -1.10 31.66 14.87
C ASP A 1327 -1.89 30.48 14.31
N ALA A 1328 -1.62 30.13 13.06
CA ALA A 1328 -2.35 29.05 12.40
C ALA A 1328 -1.38 28.17 11.64
N TYR A 1329 -1.66 26.87 11.62
CA TYR A 1329 -0.90 25.92 10.82
C TYR A 1329 -1.87 24.93 10.21
N THR A 1330 -1.86 24.82 8.88
CA THR A 1330 -2.81 24.01 8.15
C THR A 1330 -2.10 22.88 7.41
N SER A 1331 -2.90 21.85 7.08
CA SER A 1331 -2.39 20.72 6.31
C SER A 1331 -3.40 20.26 5.25
N SER A 1332 -4.32 21.15 4.84
CA SER A 1332 -5.28 20.93 3.77
C SER A 1332 -6.39 19.97 4.17
N ASP A 1333 -6.26 19.33 5.32
CA ASP A 1333 -7.35 18.52 5.87
C ASP A 1333 -7.74 18.97 7.28
N ASP A 1334 -6.77 19.16 8.16
CA ASP A 1334 -7.02 19.59 9.52
C ASP A 1334 -5.90 20.52 9.95
N GLN A 1335 -6.18 21.36 10.93
CA GLN A 1335 -5.29 22.45 11.27
C GLN A 1335 -5.25 22.66 12.78
N ILE A 1336 -4.32 23.52 13.20
CA ILE A 1336 -4.17 23.91 14.59
C ILE A 1336 -4.08 25.42 14.67
N SER A 1337 -4.77 25.98 15.67
CA SER A 1337 -4.74 27.41 15.95
C SER A 1337 -4.20 27.62 17.34
N LEU A 1338 -3.18 28.46 17.47
CA LEU A 1338 -2.52 28.73 18.73
C LEU A 1338 -2.83 30.16 19.15
N PHE A 1339 -3.40 30.31 20.35
CA PHE A 1339 -3.82 31.61 20.86
C PHE A 1339 -2.74 32.21 21.74
N ASP A 1340 -2.84 33.51 21.95
CA ASP A 1340 -1.86 34.25 22.73
C ASP A 1340 -2.30 34.34 24.19
N GLN A 1341 -1.64 35.21 24.96
CA GLN A 1341 -1.95 35.32 26.38
C GLN A 1341 -3.30 35.97 26.64
N THR A 1342 -3.69 36.93 25.78
CA THR A 1342 -4.94 37.66 25.99
C THR A 1342 -6.14 36.72 25.94
N LEU A 1343 -6.17 35.83 24.94
CA LEU A 1343 -7.29 34.89 24.85
C LEU A 1343 -7.29 33.90 26.01
N THR A 1344 -6.11 33.51 26.49
CA THR A 1344 -6.05 32.59 27.63
C THR A 1344 -6.65 33.24 28.88
N GLU A 1345 -6.21 34.47 29.19
CA GLU A 1345 -6.77 35.13 30.36
C GLU A 1345 -8.24 35.46 30.17
N LEU A 1346 -8.66 35.71 28.92
CA LEU A 1346 -10.08 35.94 28.66
C LEU A 1346 -10.90 34.70 28.98
N LEU A 1347 -10.46 33.53 28.50
CA LEU A 1347 -11.12 32.29 28.86
C LEU A 1347 -11.11 32.07 30.36
N HIS A 1348 -10.01 32.43 31.02
CA HIS A 1348 -9.91 32.22 32.46
C HIS A 1348 -10.86 33.14 33.23
N ARG A 1349 -11.21 34.30 32.68
CA ARG A 1349 -12.05 35.25 33.37
C ARG A 1349 -13.46 35.38 32.81
N ASP A 1350 -13.69 34.95 31.57
CA ASP A 1350 -15.01 35.09 30.94
C ASP A 1350 -15.24 33.91 30.01
N PRO A 1351 -16.05 32.94 30.42
CA PRO A 1351 -16.36 31.82 29.52
C PRO A 1351 -17.39 32.19 28.46
N GLU A 1352 -18.31 33.09 28.81
CA GLU A 1352 -19.38 33.43 27.89
C GLU A 1352 -18.85 34.16 26.66
N GLU A 1353 -18.02 35.19 26.88
CA GLU A 1353 -17.43 35.89 25.75
C GLU A 1353 -16.52 34.98 24.94
N PHE A 1354 -15.83 34.04 25.59
CA PHE A 1354 -14.97 33.12 24.87
C PHE A 1354 -15.79 32.21 23.97
N ARG A 1355 -16.88 31.65 24.49
CA ARG A 1355 -17.72 30.80 23.65
C ARG A 1355 -18.40 31.63 22.56
N ALA A 1356 -18.68 32.90 22.83
CA ALA A 1356 -19.22 33.77 21.78
C ALA A 1356 -18.21 33.94 20.66
N LEU A 1357 -16.95 34.19 21.00
CA LEU A 1357 -15.90 34.32 19.99
C LEU A 1357 -15.73 33.01 19.21
N MET A 1358 -15.80 31.87 19.91
CA MET A 1358 -15.63 30.59 19.23
C MET A 1358 -16.78 30.32 18.27
N GLU A 1359 -18.02 30.63 18.69
CA GLU A 1359 -19.15 30.45 17.79
C GLU A 1359 -19.10 31.43 16.63
N PHE A 1360 -18.56 32.64 16.85
CA PHE A 1360 -18.37 33.56 15.74
C PHE A 1360 -17.33 33.03 14.75
N HIS A 1361 -16.27 32.42 15.27
CA HIS A 1361 -15.28 31.77 14.41
C HIS A 1361 -15.94 30.66 13.60
N TYR A 1362 -16.76 29.84 14.26
CA TYR A 1362 -17.48 28.79 13.55
C TYR A 1362 -18.37 29.37 12.47
N TYR A 1363 -19.05 30.48 12.76
CA TYR A 1363 -19.97 31.08 11.80
C TYR A 1363 -19.21 31.64 10.60
N MET A 1364 -18.11 32.34 10.84
CA MET A 1364 -17.33 32.87 9.73
C MET A 1364 -16.73 31.75 8.90
N SER A 1365 -16.28 30.67 9.55
CA SER A 1365 -15.72 29.55 8.81
C SER A 1365 -16.79 28.86 7.96
N ASP A 1366 -18.02 28.77 8.48
CA ASP A 1366 -19.10 28.16 7.74
C ASP A 1366 -19.61 29.08 6.63
N GLN A 1367 -19.40 30.40 6.76
CA GLN A 1367 -19.71 31.29 5.66
C GLN A 1367 -18.83 31.00 4.46
N LEU A 1368 -17.59 30.58 4.70
CA LEU A 1368 -16.74 30.04 3.65
C LEU A 1368 -17.04 28.54 3.53
N ASN A 1369 -16.25 27.83 2.74
CA ASN A 1369 -16.37 26.37 2.68
C ASN A 1369 -15.37 25.71 3.64
N LYS A 1370 -15.56 26.03 4.92
CA LYS A 1370 -14.69 25.57 6.00
C LYS A 1370 -15.52 24.97 7.13
N PHE A 1371 -16.43 24.04 6.79
CA PHE A 1371 -17.27 23.39 7.79
C PHE A 1371 -16.43 22.73 8.87
N VAL A 1372 -16.51 23.25 10.09
CA VAL A 1372 -15.76 22.67 11.19
C VAL A 1372 -16.39 21.35 11.61
N SER A 1373 -15.58 20.30 11.66
CA SER A 1373 -16.06 18.96 11.99
C SER A 1373 -16.23 18.81 13.50
N PRO A 1374 -17.19 17.99 13.94
CA PRO A 1374 -17.43 17.82 15.38
C PRO A 1374 -16.24 17.28 16.15
N LYS A 1375 -15.24 16.69 15.48
CA LYS A 1375 -14.06 16.23 16.18
C LYS A 1375 -13.25 17.36 16.79
N SER A 1376 -13.57 18.62 16.44
CA SER A 1376 -12.75 19.75 16.85
C SER A 1376 -12.77 19.91 18.36
N VAL A 1377 -11.69 20.49 18.88
CA VAL A 1377 -11.45 20.56 20.32
C VAL A 1377 -10.75 21.86 20.65
N ILE A 1378 -11.16 22.48 21.77
CA ILE A 1378 -10.49 23.65 22.29
C ILE A 1378 -9.90 23.31 23.65
N GLY A 1379 -8.63 22.93 23.67
CA GLY A 1379 -8.01 22.45 24.90
C GLY A 1379 -6.71 23.18 25.19
N ARG A 1380 -6.47 23.41 26.47
CA ARG A 1380 -5.29 24.16 26.90
C ARG A 1380 -4.14 23.25 27.33
N PHE A 1381 -4.32 21.93 27.26
CA PHE A 1381 -3.28 20.99 27.65
C PHE A 1381 -2.82 20.10 26.51
N VAL A 1382 -3.75 19.43 25.83
CA VAL A 1382 -3.42 18.50 24.75
C VAL A 1382 -3.60 19.21 23.41
N ALA A 1383 -2.73 18.88 22.45
CA ALA A 1383 -2.80 19.46 21.12
C ALA A 1383 -2.55 18.36 20.09
N GLU A 1384 -3.40 18.31 19.07
CA GLU A 1384 -3.32 17.31 18.02
C GLU A 1384 -2.98 17.99 16.70
N PHE A 1385 -2.04 17.41 15.96
CA PHE A 1385 -1.68 17.94 14.65
C PHE A 1385 -0.98 16.86 13.86
N LYS A 1386 -1.57 16.46 12.74
CA LYS A 1386 -1.00 15.43 11.86
C LYS A 1386 -0.69 14.16 12.62
N SER A 1387 -1.68 13.67 13.36
CA SER A 1387 -1.58 12.47 14.18
C SER A 1387 -0.45 12.56 15.20
N ARG A 1388 -0.01 13.77 15.53
CA ARG A 1388 1.00 14.01 16.54
C ARG A 1388 0.31 14.67 17.73
N PHE A 1389 0.46 14.07 18.91
CA PHE A 1389 -0.18 14.55 20.12
C PHE A 1389 0.86 15.12 21.08
N PHE A 1390 0.55 16.27 21.67
CA PHE A 1390 1.46 16.94 22.59
C PHE A 1390 0.70 17.28 23.86
N VAL A 1391 1.21 16.85 25.01
CA VAL A 1391 0.55 17.02 26.29
C VAL A 1391 1.22 18.10 27.13
N TRP A 1392 2.55 18.10 27.21
CA TRP A 1392 3.26 19.08 28.01
C TRP A 1392 4.51 19.52 27.27
N GLY A 1393 4.39 19.76 25.97
CA GLY A 1393 5.53 20.06 25.14
C GLY A 1393 6.26 18.85 24.60
N ASP A 1394 6.17 17.71 25.29
CA ASP A 1394 6.77 16.48 24.82
C ASP A 1394 5.84 15.83 23.79
N GLU A 1395 6.11 14.59 23.43
CA GLU A 1395 5.30 13.87 22.46
C GLU A 1395 4.95 12.50 23.01
N VAL A 1396 3.71 12.08 22.79
CA VAL A 1396 3.28 10.77 23.28
C VAL A 1396 3.90 9.68 22.42
N PRO A 1397 4.26 8.53 22.98
CA PRO A 1397 4.97 7.52 22.19
C PRO A 1397 4.12 6.86 21.12
N LEU A 1398 2.85 6.57 21.41
CA LEU A 1398 2.00 5.77 20.52
C LEU A 1398 2.67 4.43 20.20
N LEU A 1399 2.92 3.68 21.27
CA LEU A 1399 3.70 2.46 21.18
C LEU A 1399 3.02 1.42 20.30
N THR A 1400 1.74 1.17 20.56
CA THR A 1400 1.03 0.11 19.84
C THR A 1400 0.99 0.37 18.34
N LYS A 1401 0.97 1.64 17.93
CA LYS A 1401 0.95 1.96 16.52
C LYS A 1401 2.20 1.42 15.82
N PHE A 1402 3.38 1.78 16.34
CA PHE A 1402 4.62 1.31 15.74
C PHE A 1402 4.78 -0.19 15.88
N VAL A 1403 4.32 -0.77 16.99
CA VAL A 1403 4.43 -2.22 17.16
C VAL A 1403 3.62 -2.94 16.09
N ALA A 1404 2.38 -2.48 15.85
CA ALA A 1404 1.57 -3.11 14.82
C ALA A 1404 2.14 -2.86 13.42
N ALA A 1405 2.68 -1.66 13.19
CA ALA A 1405 3.31 -1.39 11.90
C ALA A 1405 4.48 -2.33 11.65
N ALA A 1406 5.26 -2.63 12.68
CA ALA A 1406 6.37 -3.55 12.53
C ALA A 1406 5.88 -4.98 12.32
N LEU A 1407 4.84 -5.39 13.06
CA LEU A 1407 4.32 -6.74 12.92
C LEU A 1407 3.57 -6.94 11.60
N HIS A 1408 3.22 -5.87 10.91
CA HIS A 1408 2.42 -5.98 9.69
C HIS A 1408 3.27 -6.01 8.43
N ASN A 1409 4.27 -5.14 8.34
CA ASN A 1409 4.97 -4.87 7.08
C ASN A 1409 5.92 -6.01 6.76
N ILE A 1410 5.43 -6.99 6.01
CA ILE A 1410 6.25 -8.08 5.49
C ILE A 1410 5.88 -8.32 4.03
N LYS A 1411 6.75 -7.88 3.13
CA LYS A 1411 6.50 -8.01 1.69
C LYS A 1411 7.09 -9.31 1.15
N CYS A 1412 6.90 -9.54 -0.14
CA CYS A 1412 7.33 -10.77 -0.79
C CYS A 1412 8.60 -10.58 -1.61
N LYS A 1413 9.43 -9.60 -1.27
CA LYS A 1413 10.60 -9.29 -2.06
C LYS A 1413 11.80 -10.09 -1.55
N GLU A 1414 12.99 -9.72 -2.02
CA GLU A 1414 14.21 -10.42 -1.65
C GLU A 1414 14.48 -10.27 -0.15
N PRO A 1415 14.97 -11.32 0.52
CA PRO A 1415 15.09 -11.28 1.98
C PRO A 1415 15.90 -10.12 2.53
N HIS A 1416 17.01 -9.75 1.87
CA HIS A 1416 17.80 -8.63 2.40
C HIS A 1416 17.03 -7.32 2.31
N GLN A 1417 16.23 -7.15 1.26
CA GLN A 1417 15.36 -5.97 1.18
C GLN A 1417 14.33 -5.98 2.30
N LEU A 1418 13.80 -7.16 2.63
CA LEU A 1418 12.86 -7.27 3.74
C LEU A 1418 13.53 -6.88 5.06
N ALA A 1419 14.77 -7.34 5.26
CA ALA A 1419 15.50 -6.96 6.46
C ALA A 1419 15.75 -5.46 6.50
N GLU A 1420 16.03 -4.85 5.35
CA GLU A 1420 16.20 -3.41 5.28
C GLU A 1420 14.92 -2.69 5.68
N THR A 1421 13.78 -3.14 5.16
CA THR A 1421 12.50 -2.52 5.49
C THR A 1421 12.23 -2.62 6.98
N ILE A 1422 12.41 -3.82 7.55
CA ILE A 1422 12.15 -4.01 8.96
C ILE A 1422 13.10 -3.17 9.80
N ASP A 1423 14.34 -3.02 9.35
CA ASP A 1423 15.30 -2.21 10.10
C ASP A 1423 14.92 -0.74 10.07
N THR A 1424 14.45 -0.24 8.92
CA THR A 1424 14.00 1.15 8.86
C THR A 1424 12.80 1.37 9.79
N ILE A 1425 11.84 0.43 9.77
CA ILE A 1425 10.66 0.60 10.60
C ILE A 1425 11.02 0.56 12.08
N VAL A 1426 11.88 -0.38 12.47
CA VAL A 1426 12.25 -0.47 13.88
C VAL A 1426 13.10 0.73 14.28
N ASP A 1427 13.90 1.27 13.36
CA ASP A 1427 14.62 2.51 13.64
C ASP A 1427 13.65 3.64 13.95
N GLN A 1428 12.64 3.82 13.10
CA GLN A 1428 11.63 4.85 13.38
C GLN A 1428 10.97 4.64 14.74
N SER A 1429 10.57 3.39 15.02
CA SER A 1429 9.84 3.12 16.25
C SER A 1429 10.70 3.41 17.48
N VAL A 1430 11.94 2.92 17.48
CA VAL A 1430 12.83 3.20 18.60
C VAL A 1430 13.11 4.69 18.70
N ALA A 1431 13.09 5.38 17.56
CA ALA A 1431 13.30 6.83 17.58
C ALA A 1431 12.17 7.54 18.29
N ASN A 1432 10.92 7.10 18.06
CA ASN A 1432 9.80 7.85 18.64
C ASN A 1432 9.56 7.48 20.10
N GLY A 1433 9.10 6.25 20.37
CA GLY A 1433 8.81 5.90 21.75
C GLY A 1433 9.17 4.50 22.23
N VAL A 1434 9.50 3.60 21.32
CA VAL A 1434 9.55 2.18 21.67
C VAL A 1434 10.85 1.89 22.40
N PRO A 1435 10.80 1.12 23.49
CA PRO A 1435 12.05 0.70 24.15
C PRO A 1435 12.78 -0.39 23.36
N VAL A 1436 13.90 -0.87 23.90
CA VAL A 1436 14.76 -1.78 23.15
C VAL A 1436 14.24 -3.22 23.21
N HIS A 1437 13.56 -3.62 24.28
CA HIS A 1437 13.17 -5.02 24.41
C HIS A 1437 12.11 -5.41 23.39
N LEU A 1438 11.09 -4.56 23.21
CA LEU A 1438 10.05 -4.85 22.23
C LEU A 1438 10.64 -4.92 20.82
N CYS A 1439 11.58 -4.02 20.51
CA CYS A 1439 12.15 -4.00 19.17
C CYS A 1439 13.02 -5.22 18.92
N ASN A 1440 13.80 -5.64 19.94
CA ASN A 1440 14.54 -6.88 19.83
C ASN A 1440 13.61 -8.07 19.60
N LEU A 1441 12.50 -8.11 20.32
CA LEU A 1441 11.56 -9.21 20.15
C LEU A 1441 10.92 -9.19 18.76
N ILE A 1442 10.67 -8.00 18.21
CA ILE A 1442 10.14 -7.91 16.85
C ILE A 1442 11.16 -8.44 15.85
N GLN A 1443 12.43 -8.07 16.04
CA GLN A 1443 13.48 -8.58 15.16
C GLN A 1443 13.57 -10.10 15.23
N ILE A 1444 13.52 -10.65 16.43
CA ILE A 1444 13.59 -12.10 16.58
C ILE A 1444 12.36 -12.77 15.96
N ARG A 1445 11.20 -12.12 16.05
CA ARG A 1445 10.00 -12.67 15.41
C ARG A 1445 10.16 -12.69 13.89
N THR A 1446 10.73 -11.63 13.32
CA THR A 1446 10.97 -11.62 11.89
C THR A 1446 11.96 -12.71 11.50
N LEU A 1447 13.02 -12.89 12.29
CA LEU A 1447 13.97 -13.95 12.00
C LEU A 1447 13.33 -15.33 12.09
N SER A 1448 12.40 -15.50 13.03
CA SER A 1448 11.70 -16.79 13.14
C SER A 1448 10.79 -17.02 11.94
N LEU A 1449 10.06 -15.98 11.51
CA LEU A 1449 9.28 -16.08 10.29
C LEU A 1449 10.15 -16.48 9.12
N LEU A 1450 11.37 -15.96 9.06
CA LEU A 1450 12.28 -16.31 7.98
C LEU A 1450 12.79 -17.73 8.12
N GLN A 1451 13.03 -18.19 9.35
CA GLN A 1451 13.43 -19.57 9.57
C GLN A 1451 12.36 -20.54 9.11
N TYR A 1452 11.09 -20.20 9.36
CA TYR A 1452 10.00 -21.07 8.92
C TYR A 1452 9.98 -21.23 7.41
N ALA A 1453 10.46 -20.23 6.68
CA ALA A 1453 10.50 -20.28 5.23
C ALA A 1453 11.70 -21.08 4.71
N ARG A 1454 12.46 -21.72 5.59
CA ARG A 1454 13.58 -22.57 5.22
C ARG A 1454 14.64 -21.77 4.45
N TYR A 1455 15.14 -20.73 5.09
CA TYR A 1455 16.16 -19.89 4.47
C TYR A 1455 17.49 -20.02 5.20
N PRO A 1456 18.61 -20.01 4.47
CA PRO A 1456 19.92 -20.05 5.12
C PRO A 1456 20.30 -18.71 5.73
N ILE A 1457 19.86 -18.47 6.98
CA ILE A 1457 20.16 -17.21 7.66
C ILE A 1457 21.65 -16.92 7.58
N ASP A 1458 22.00 -15.73 7.12
CA ASP A 1458 23.37 -15.25 7.05
C ASP A 1458 23.59 -14.12 8.06
N PRO A 1459 24.82 -13.88 8.48
CA PRO A 1459 25.05 -12.84 9.50
C PRO A 1459 24.74 -11.43 9.03
N PHE A 1460 24.64 -11.20 7.73
CA PHE A 1460 24.29 -9.87 7.22
C PHE A 1460 22.78 -9.70 7.06
N LEU A 1461 22.02 -10.05 8.11
CA LEU A 1461 20.57 -9.96 8.05
C LEU A 1461 20.00 -9.04 9.12
N LEU A 1462 20.31 -9.28 10.39
CA LEU A 1462 19.74 -8.51 11.49
C LEU A 1462 20.57 -8.72 12.74
N ASN A 1463 20.51 -7.75 13.64
CA ASN A 1463 21.22 -7.79 14.92
C ASN A 1463 20.19 -7.77 16.04
N CYS A 1464 20.07 -8.88 16.76
CA CYS A 1464 19.08 -9.03 17.81
C CYS A 1464 19.72 -9.14 19.20
N GLU A 1465 20.80 -8.38 19.41
CA GLU A 1465 21.48 -8.30 20.70
C GLU A 1465 21.76 -6.84 21.03
N THR A 1466 20.74 -6.00 20.87
CA THR A 1466 20.91 -4.57 20.99
C THR A 1466 20.99 -4.14 22.45
N ASP A 1467 21.78 -3.10 22.69
CA ASP A 1467 21.98 -2.54 24.05
C ASP A 1467 21.74 -1.04 23.93
N VAL A 1468 20.93 -0.71 22.92
CA VAL A 1468 20.51 0.61 22.42
C VAL A 1468 21.64 1.63 22.49
N ARG A 1469 22.54 1.74 21.52
CA ARG A 1469 23.34 2.91 21.24
C ARG A 1469 23.33 3.12 19.72
N ASP A 1470 23.11 2.03 19.00
CA ASP A 1470 23.18 2.01 17.55
C ASP A 1470 21.91 2.47 16.86
N TRP A 1471 20.88 2.84 17.62
CA TRP A 1471 19.67 3.40 17.02
C TRP A 1471 19.65 4.92 17.08
N VAL A 1472 20.29 5.53 18.07
CA VAL A 1472 20.31 6.99 18.16
C VAL A 1472 21.34 7.57 17.21
N ASP A 1473 22.56 7.03 17.21
CA ASP A 1473 23.65 7.54 16.39
C ASP A 1473 24.38 6.40 15.69
N GLY A 1474 23.61 5.52 15.06
CA GLY A 1474 24.19 4.40 14.33
C GLY A 1474 23.31 4.02 13.16
N ASN A 1475 23.95 3.55 12.10
CA ASN A 1475 23.27 3.08 10.91
C ASN A 1475 23.23 1.56 10.90
N ARG A 1476 22.66 1.00 9.83
CA ARG A 1476 22.52 -0.46 9.74
C ARG A 1476 23.89 -1.13 9.68
N SER A 1477 24.84 -0.52 8.99
CA SER A 1477 26.17 -1.10 8.86
C SER A 1477 26.82 -1.26 10.21
N TYR A 1478 26.66 -0.29 11.11
CA TYR A 1478 27.23 -0.42 12.45
C TYR A 1478 26.59 -1.58 13.20
N ARG A 1479 25.29 -1.80 13.01
CA ARG A 1479 24.62 -2.90 13.68
C ARG A 1479 25.14 -4.25 13.17
N ILE A 1480 25.30 -4.38 11.85
CA ILE A 1480 25.83 -5.63 11.30
C ILE A 1480 27.27 -5.84 11.76
N MET A 1481 28.05 -4.76 11.86
CA MET A 1481 29.40 -4.87 12.37
C MET A 1481 29.40 -5.35 13.81
N ARG A 1482 28.49 -4.84 14.63
CA ARG A 1482 28.38 -5.29 16.01
C ARG A 1482 28.02 -6.76 16.08
N GLN A 1483 27.09 -7.21 15.22
CA GLN A 1483 26.72 -8.62 15.19
C GLN A 1483 27.92 -9.48 14.85
N ILE A 1484 28.69 -9.09 13.84
CA ILE A 1484 29.83 -9.90 13.43
C ILE A 1484 30.89 -9.90 14.52
N GLU A 1485 31.10 -8.76 15.19
CA GLU A 1485 32.00 -8.72 16.34
C GLU A 1485 31.56 -9.71 17.40
N GLY A 1486 30.25 -9.79 17.67
CA GLY A 1486 29.75 -10.78 18.58
C GLY A 1486 29.98 -12.20 18.09
N LEU A 1487 29.99 -12.41 16.78
CA LEU A 1487 30.20 -13.74 16.24
C LEU A 1487 31.64 -14.20 16.44
N ILE A 1488 32.59 -13.47 15.86
CA ILE A 1488 34.00 -13.82 15.96
C ILE A 1488 34.71 -12.77 16.81
N PRO A 1489 34.92 -13.04 18.10
CA PRO A 1489 35.35 -11.96 19.01
C PRO A 1489 36.83 -11.65 19.00
N ASP A 1490 37.66 -12.44 18.32
CA ASP A 1490 39.11 -12.24 18.37
C ASP A 1490 39.64 -11.49 17.14
N ALA A 1491 39.30 -11.94 15.94
CA ALA A 1491 39.83 -11.29 14.73
C ALA A 1491 39.29 -9.88 14.57
N CYS A 1492 38.09 -9.60 15.09
CA CYS A 1492 37.52 -8.27 14.96
C CYS A 1492 38.40 -7.22 15.62
N SER A 1493 39.02 -7.56 16.75
CA SER A 1493 39.88 -6.60 17.43
C SER A 1493 41.10 -6.25 16.59
N LYS A 1494 41.74 -7.27 15.99
CA LYS A 1494 42.90 -7.02 15.14
C LYS A 1494 42.52 -6.20 13.92
N ILE A 1495 41.41 -6.55 13.28
CA ILE A 1495 40.98 -5.79 12.09
C ILE A 1495 40.62 -4.37 12.47
N ARG A 1496 40.04 -4.17 13.66
CA ARG A 1496 39.69 -2.83 14.09
C ARG A 1496 40.92 -2.00 14.39
N SER A 1497 41.95 -2.61 14.99
CA SER A 1497 43.20 -1.89 15.20
C SER A 1497 43.83 -1.49 13.86
N MET A 1498 43.89 -2.44 12.93
CA MET A 1498 44.41 -2.16 11.59
C MET A 1498 43.66 -0.99 10.96
N LEU A 1499 42.33 -1.05 10.99
CA LEU A 1499 41.55 -0.02 10.31
C LEU A 1499 41.59 1.31 11.05
N ARG A 1500 41.76 1.29 12.38
CA ARG A 1500 41.95 2.53 13.11
C ARG A 1500 43.24 3.21 12.69
N ARG A 1501 44.33 2.45 12.60
CA ARG A 1501 45.58 3.02 12.13
C ARG A 1501 45.45 3.52 10.70
N LEU A 1502 44.76 2.77 9.86
CA LEU A 1502 44.59 3.16 8.46
C LEU A 1502 43.78 4.46 8.34
N TYR A 1503 42.69 4.57 9.12
CA TYR A 1503 41.87 5.78 9.08
C TYR A 1503 42.63 6.98 9.63
N ASN A 1504 43.44 6.76 10.67
CA ASN A 1504 44.26 7.85 11.21
C ASN A 1504 45.28 8.32 10.18
N ARG A 1505 45.88 7.38 9.45
CA ARG A 1505 46.84 7.75 8.41
C ARG A 1505 46.16 8.31 7.17
N LEU A 1506 44.86 8.08 7.01
CA LEU A 1506 44.12 8.61 5.88
C LEU A 1506 43.64 10.03 6.11
N LYS A 1507 43.01 10.30 7.26
CA LYS A 1507 42.36 11.59 7.45
C LYS A 1507 43.38 12.72 7.54
N THR A 1508 44.50 12.50 8.20
CA THR A 1508 45.47 13.55 8.45
C THR A 1508 46.90 13.03 8.31
N GLY A 1509 47.12 12.14 7.35
CA GLY A 1509 48.44 11.58 7.16
C GLY A 1509 48.83 11.43 5.71
N GLN A 1510 49.60 10.39 5.40
CA GLN A 1510 50.03 10.15 4.03
C GLN A 1510 48.84 9.80 3.16
N LEU A 1511 48.81 10.36 1.95
CA LEU A 1511 47.69 10.13 1.04
C LEU A 1511 47.76 8.71 0.49
N HIS A 1512 46.69 7.94 0.72
CA HIS A 1512 46.60 6.57 0.25
C HIS A 1512 45.32 6.28 -0.53
N GLU A 1513 44.39 7.24 -0.60
CA GLU A 1513 43.09 7.02 -1.24
C GLU A 1513 43.19 6.80 -2.74
N GLU A 1514 44.35 7.06 -3.34
CA GLU A 1514 44.49 6.98 -4.79
C GLU A 1514 44.64 5.55 -5.28
N PHE A 1515 45.31 4.69 -4.52
CA PHE A 1515 45.56 3.32 -4.96
C PHE A 1515 44.64 2.30 -4.31
N THR A 1516 43.92 2.68 -3.25
CA THR A 1516 43.00 1.73 -2.61
C THR A 1516 41.87 1.32 -3.54
N THR A 1517 41.44 2.23 -4.42
CA THR A 1517 40.35 1.92 -5.34
C THR A 1517 40.68 0.71 -6.22
N ASN A 1518 41.94 0.59 -6.64
CA ASN A 1518 42.36 -0.58 -7.40
C ASN A 1518 42.84 -1.72 -6.51
N TYR A 1519 43.33 -1.41 -5.30
CA TYR A 1519 43.77 -2.47 -4.39
C TYR A 1519 42.59 -3.31 -3.91
N LEU A 1520 41.41 -2.73 -3.80
CA LEU A 1520 40.23 -3.44 -3.33
C LEU A 1520 39.53 -4.23 -4.44
N SER A 1521 40.21 -4.51 -5.55
CA SER A 1521 39.65 -5.30 -6.64
C SER A 1521 40.42 -6.59 -6.88
N SER A 1522 41.41 -6.90 -6.05
CA SER A 1522 42.21 -8.10 -6.20
C SER A 1522 41.59 -9.23 -5.38
N GLU A 1523 42.34 -10.32 -5.19
CA GLU A 1523 41.89 -11.40 -4.33
C GLU A 1523 41.83 -10.91 -2.89
N HIS A 1524 40.66 -11.05 -2.26
CA HIS A 1524 40.45 -10.44 -0.95
C HIS A 1524 41.27 -11.13 0.12
N LEU A 1525 41.25 -12.47 0.14
CA LEU A 1525 41.91 -13.20 1.21
C LEU A 1525 43.41 -12.94 1.25
N SER A 1526 44.02 -12.74 0.08
CA SER A 1526 45.43 -12.36 0.04
C SER A 1526 45.61 -10.89 0.36
N SER A 1527 44.68 -10.05 -0.11
CA SER A 1527 44.80 -8.61 0.11
C SER A 1527 44.76 -8.26 1.59
N LEU A 1528 44.01 -9.01 2.39
CA LEU A 1528 44.02 -8.77 3.83
C LEU A 1528 45.42 -8.91 4.41
N LYS A 1529 46.07 -10.05 4.14
CA LYS A 1529 47.42 -10.25 4.65
C LYS A 1529 48.38 -9.21 4.08
N ASN A 1530 48.21 -8.85 2.80
CA ASN A 1530 49.08 -7.86 2.19
C ASN A 1530 48.99 -6.51 2.91
N LEU A 1531 47.77 -6.04 3.15
CA LEU A 1531 47.59 -4.77 3.81
C LEU A 1531 48.02 -4.82 5.28
N CYS A 1532 47.81 -5.96 5.94
CA CYS A 1532 48.30 -6.09 7.31
C CYS A 1532 49.81 -6.01 7.37
N GLU A 1533 50.49 -6.62 6.39
CA GLU A 1533 51.95 -6.52 6.34
C GLU A 1533 52.39 -5.10 5.97
N LEU A 1534 51.60 -4.41 5.13
CA LEU A 1534 51.97 -3.05 4.74
C LEU A 1534 51.83 -2.07 5.90
N LEU A 1535 50.81 -2.25 6.74
CA LEU A 1535 50.57 -1.33 7.85
C LEU A 1535 51.39 -1.66 9.09
N GLY A 1536 51.85 -2.90 9.23
CA GLY A 1536 52.67 -3.31 10.35
C GLY A 1536 51.94 -4.13 11.40
N VAL A 1537 50.61 -4.14 11.36
CA VAL A 1537 49.85 -4.93 12.32
C VAL A 1537 49.95 -6.41 11.97
N GLU A 1538 50.00 -7.26 12.99
CA GLU A 1538 50.07 -8.69 12.76
C GLU A 1538 48.83 -9.17 12.02
N PRO A 1539 48.98 -9.94 10.93
CA PRO A 1539 47.80 -10.41 10.20
C PRO A 1539 47.09 -11.49 10.98
N PRO A 1540 45.80 -11.71 10.73
CA PRO A 1540 45.09 -12.79 11.40
C PRO A 1540 45.65 -14.15 11.00
N SER A 1541 45.63 -15.08 11.96
CA SER A 1541 46.12 -16.42 11.70
C SER A 1541 45.18 -17.16 10.75
N GLU A 1542 45.59 -18.36 10.36
CA GLU A 1542 44.77 -19.17 9.46
C GLU A 1542 43.45 -19.55 10.09
N SER A 1543 43.44 -19.77 11.41
CA SER A 1543 42.23 -20.19 12.09
C SER A 1543 41.14 -19.12 12.02
N ASP A 1544 41.48 -17.88 12.36
CA ASP A 1544 40.53 -16.79 12.34
C ASP A 1544 40.47 -16.08 11.00
N LEU A 1545 40.84 -16.76 9.92
CA LEU A 1545 40.74 -16.20 8.58
C LEU A 1545 39.89 -17.05 7.64
N GLU A 1546 39.67 -18.32 7.96
CA GLU A 1546 38.90 -19.22 7.11
C GLU A 1546 37.40 -19.06 7.27
N TYR A 1547 36.94 -18.20 8.18
CA TYR A 1547 35.50 -18.03 8.39
C TYR A 1547 34.86 -17.41 7.14
N SER A 1548 33.75 -17.99 6.71
CA SER A 1548 33.03 -17.50 5.54
C SER A 1548 31.53 -17.64 5.76
N TRP A 1549 30.77 -16.93 4.94
CA TRP A 1549 29.32 -16.98 4.99
C TRP A 1549 28.77 -17.37 3.62
N LEU A 1550 27.61 -18.02 3.64
CA LEU A 1550 27.00 -18.56 2.43
C LEU A 1550 26.17 -17.47 1.76
N ASN A 1551 26.57 -17.07 0.55
CA ASN A 1551 25.86 -16.07 -0.23
C ASN A 1551 25.23 -16.76 -1.43
N LEU A 1552 23.93 -17.05 -1.35
CA LEU A 1552 23.25 -17.65 -2.49
C LEU A 1552 23.16 -16.69 -3.66
N ALA A 1553 23.13 -15.38 -3.39
CA ALA A 1553 23.10 -14.37 -4.44
C ALA A 1553 24.51 -13.88 -4.78
N ALA A 1554 25.41 -14.81 -5.09
CA ALA A 1554 26.78 -14.45 -5.46
C ALA A 1554 26.92 -14.28 -6.96
N HIS A 1555 26.31 -15.16 -7.75
CA HIS A 1555 26.36 -15.08 -9.20
C HIS A 1555 25.23 -14.22 -9.75
N HIS A 1556 24.01 -14.45 -9.27
CA HIS A 1556 22.83 -13.72 -9.70
C HIS A 1556 21.91 -13.50 -8.50
N PRO A 1557 21.10 -12.45 -8.52
CA PRO A 1557 20.12 -12.27 -7.46
C PRO A 1557 19.03 -13.33 -7.52
N LEU A 1558 18.34 -13.50 -6.40
CA LEU A 1558 17.29 -14.50 -6.31
C LEU A 1558 16.13 -14.15 -7.24
N ARG A 1559 15.55 -15.18 -7.86
CA ARG A 1559 14.41 -14.99 -8.76
C ARG A 1559 13.14 -14.83 -7.93
N MET A 1560 13.02 -13.65 -7.32
CA MET A 1560 11.87 -13.33 -6.47
C MET A 1560 10.70 -12.92 -7.35
N VAL A 1561 9.99 -13.91 -7.86
CA VAL A 1561 8.82 -13.67 -8.69
C VAL A 1561 7.62 -13.36 -7.82
N ILE A 1579 27.19 -7.57 -11.97
CA ILE A 1579 26.50 -6.28 -11.88
C ILE A 1579 26.23 -5.92 -10.42
N PRO A 1580 26.64 -4.73 -10.00
CA PRO A 1580 26.34 -4.27 -8.64
C PRO A 1580 24.89 -3.85 -8.51
N THR A 1581 24.50 -3.59 -7.27
CA THR A 1581 23.14 -3.13 -6.98
C THR A 1581 23.03 -1.61 -6.90
N ILE A 1582 24.16 -0.90 -6.78
CA ILE A 1582 24.11 0.55 -6.74
C ILE A 1582 23.59 1.13 -8.04
N VAL A 1583 23.92 0.49 -9.17
CA VAL A 1583 23.47 0.97 -10.47
C VAL A 1583 22.02 0.65 -10.76
N LYS A 1584 21.33 -0.05 -9.85
CA LYS A 1584 19.95 -0.43 -10.04
C LYS A 1584 18.99 0.23 -9.05
N THR A 1585 19.48 0.65 -7.87
CA THR A 1585 18.60 1.23 -6.87
C THR A 1585 18.12 2.63 -7.26
N ILE A 1586 18.89 3.37 -8.06
CA ILE A 1586 18.52 4.73 -8.43
C ILE A 1586 17.51 4.77 -9.57
N GLN A 1587 17.19 3.64 -10.18
CA GLN A 1587 16.25 3.59 -11.28
C GLN A 1587 14.82 3.78 -10.78
N SER A 1613 -1.05 -7.06 -3.49
CA SER A 1613 -2.12 -7.83 -2.87
C SER A 1613 -2.25 -7.51 -1.39
N SER A 1614 -1.90 -8.48 -0.55
CA SER A 1614 -2.00 -8.32 0.89
C SER A 1614 -0.67 -8.66 1.57
N ILE A 1615 -0.68 -8.73 2.90
CA ILE A 1615 0.54 -9.09 3.63
C ILE A 1615 0.68 -10.61 3.73
N ALA A 1616 -0.41 -11.30 4.06
CA ALA A 1616 -0.36 -12.75 4.17
C ALA A 1616 -0.03 -13.39 2.82
N SER A 1617 -0.61 -12.87 1.74
CA SER A 1617 -0.27 -13.37 0.41
C SER A 1617 1.20 -13.15 0.11
N GLY A 1618 1.75 -12.00 0.51
CA GLY A 1618 3.17 -11.76 0.29
C GLY A 1618 4.05 -12.73 1.06
N PHE A 1619 3.73 -12.96 2.33
CA PHE A 1619 4.53 -13.87 3.14
C PHE A 1619 4.44 -15.30 2.62
N VAL A 1620 3.25 -15.73 2.20
CA VAL A 1620 3.14 -17.10 1.71
C VAL A 1620 3.81 -17.25 0.35
N GLY A 1621 3.81 -16.19 -0.46
CA GLY A 1621 4.58 -16.24 -1.70
C GLY A 1621 6.07 -16.30 -1.44
N LEU A 1622 6.55 -15.56 -0.43
CA LEU A 1622 7.95 -15.65 -0.05
C LEU A 1622 8.30 -17.05 0.40
N CYS A 1623 7.43 -17.68 1.20
CA CYS A 1623 7.67 -19.04 1.63
C CYS A 1623 7.61 -20.03 0.48
N ARG A 1624 6.79 -19.76 -0.53
CA ARG A 1624 6.68 -20.65 -1.67
C ARG A 1624 7.87 -20.56 -2.62
N THR A 1625 8.40 -19.36 -2.83
CA THR A 1625 9.52 -19.21 -3.76
C THR A 1625 10.82 -19.75 -3.15
N LEU A 1626 11.07 -19.44 -1.88
CA LEU A 1626 12.29 -19.90 -1.23
C LEU A 1626 12.36 -21.42 -1.08
N GLY A 1627 11.36 -22.15 -1.53
CA GLY A 1627 11.43 -23.60 -1.54
C GLY A 1627 11.60 -24.15 -2.94
N SER A 1628 11.26 -23.35 -3.94
CA SER A 1628 11.33 -23.77 -5.33
C SER A 1628 12.70 -23.41 -5.91
N LYS A 1629 12.85 -23.52 -7.22
CA LYS A 1629 14.11 -23.22 -7.90
C LYS A 1629 14.31 -21.71 -7.90
N CYS A 1630 14.85 -21.21 -6.79
CA CYS A 1630 15.03 -19.78 -6.59
C CYS A 1630 16.47 -19.32 -6.82
N VAL A 1631 17.45 -20.09 -6.39
CA VAL A 1631 18.85 -19.71 -6.54
C VAL A 1631 19.33 -20.11 -7.92
N ARG A 1632 20.23 -19.31 -8.49
CA ARG A 1632 20.76 -19.53 -9.82
C ARG A 1632 22.23 -19.94 -9.74
N GLY A 1633 22.66 -20.71 -10.73
CA GLY A 1633 24.03 -21.16 -10.80
C GLY A 1633 24.87 -20.29 -11.72
N PRO A 1634 26.17 -20.59 -11.81
CA PRO A 1634 27.04 -19.79 -12.68
C PRO A 1634 26.70 -19.94 -14.16
N ASN A 1635 26.15 -21.08 -14.57
CA ASN A 1635 25.76 -21.30 -15.96
C ASN A 1635 24.35 -20.83 -16.26
N LYS A 1636 23.80 -19.93 -15.44
CA LYS A 1636 22.43 -19.42 -15.60
C LYS A 1636 21.42 -20.56 -15.58
N GLU A 1637 21.49 -21.38 -14.53
CA GLU A 1637 20.58 -22.49 -14.34
C GLU A 1637 19.96 -22.41 -12.95
N ASN A 1638 18.71 -22.86 -12.85
CA ASN A 1638 17.95 -22.79 -11.62
C ASN A 1638 18.03 -24.11 -10.87
N LEU A 1639 17.95 -24.02 -9.54
CA LEU A 1639 18.04 -25.18 -8.67
C LEU A 1639 17.50 -24.80 -7.30
N TYR A 1640 17.37 -25.81 -6.44
CA TYR A 1640 16.81 -25.62 -5.12
C TYR A 1640 17.89 -25.34 -4.09
N ILE A 1641 17.49 -24.66 -3.01
CA ILE A 1641 18.43 -24.41 -1.92
C ILE A 1641 18.83 -25.71 -1.26
N LYS A 1642 17.87 -26.62 -1.06
CA LYS A 1642 18.17 -27.91 -0.47
C LYS A 1642 19.30 -28.63 -1.21
N SER A 1643 19.38 -28.43 -2.53
CA SER A 1643 20.52 -28.96 -3.28
C SER A 1643 21.83 -28.33 -2.82
N ILE A 1644 21.81 -27.03 -2.52
CA ILE A 1644 23.03 -26.37 -2.05
C ILE A 1644 23.45 -26.92 -0.69
N GLN A 1645 22.49 -27.07 0.24
CA GLN A 1645 22.84 -27.68 1.52
C GLN A 1645 23.34 -29.11 1.33
N SER A 1646 22.77 -29.85 0.39
CA SER A 1646 23.23 -31.21 0.15
C SER A 1646 24.67 -31.23 -0.33
N LEU A 1647 25.00 -30.38 -1.30
CA LEU A 1647 26.37 -30.33 -1.78
C LEU A 1647 27.34 -29.83 -0.72
N ILE A 1648 26.88 -28.96 0.18
CA ILE A 1648 27.72 -28.56 1.31
C ILE A 1648 27.96 -29.75 2.24
N THR A 1649 26.93 -30.57 2.48
CA THR A 1649 27.09 -31.74 3.32
C THR A 1649 28.02 -32.78 2.71
N GLY A 1650 28.33 -32.67 1.42
CA GLY A 1650 29.26 -33.58 0.78
C GLY A 1650 30.70 -33.11 0.90
N THR A 1651 31.01 -32.38 1.97
CA THR A 1651 32.35 -31.89 2.22
C THR A 1651 32.75 -32.23 3.65
N GLN A 1652 34.05 -32.27 3.89
CA GLN A 1652 34.60 -32.72 5.16
C GLN A 1652 35.26 -31.62 5.97
N GLY A 1653 35.21 -30.37 5.50
CA GLY A 1653 35.91 -29.29 6.17
C GLY A 1653 35.05 -28.46 7.11
N ILE A 1654 33.84 -28.11 6.66
CA ILE A 1654 33.05 -27.10 7.37
C ILE A 1654 32.43 -27.73 8.63
N GLU A 1655 32.05 -26.85 9.57
CA GLU A 1655 31.41 -27.29 10.81
C GLU A 1655 30.01 -26.75 11.04
N LEU A 1656 29.62 -25.64 10.42
CA LEU A 1656 28.27 -25.07 10.52
C LEU A 1656 27.92 -24.77 11.99
N LEU A 1657 28.62 -23.78 12.53
CA LEU A 1657 28.46 -23.38 13.92
C LEU A 1657 27.70 -22.06 14.00
N THR A 1658 26.72 -22.00 14.90
CA THR A 1658 25.96 -20.78 15.18
C THR A 1658 26.03 -20.45 16.66
N ASN A 1659 25.74 -19.19 16.99
CA ASN A 1659 25.95 -18.74 18.37
C ASN A 1659 24.77 -19.09 19.28
N SER A 1660 23.62 -18.44 19.06
CA SER A 1660 22.47 -18.66 19.94
C SER A 1660 21.13 -18.74 19.25
N ILE A 1661 20.93 -18.14 18.09
CA ILE A 1661 19.60 -18.02 17.52
C ILE A 1661 19.61 -18.41 16.05
N GLY A 1662 20.70 -19.02 15.59
CA GLY A 1662 20.75 -19.52 14.24
C GLY A 1662 21.28 -18.52 13.23
N VAL A 1663 22.39 -17.84 13.56
CA VAL A 1663 23.03 -16.96 12.58
C VAL A 1663 23.63 -17.76 11.44
N GLN A 1664 24.05 -19.00 11.71
CA GLN A 1664 24.39 -19.98 10.68
C GLN A 1664 25.53 -19.48 9.78
N TYR A 1665 26.70 -19.32 10.40
CA TYR A 1665 27.91 -18.96 9.67
C TYR A 1665 28.84 -20.15 9.58
N TRP A 1666 29.43 -20.34 8.41
CA TRP A 1666 30.27 -21.50 8.13
C TRP A 1666 31.74 -21.19 8.43
N ARG A 1667 32.56 -22.25 8.43
CA ARG A 1667 33.99 -22.13 8.71
C ARG A 1667 34.78 -23.01 7.74
N VAL A 1668 34.51 -22.83 6.44
CA VAL A 1668 35.17 -23.65 5.42
C VAL A 1668 36.67 -23.39 5.43
N PRO A 1669 37.52 -24.41 5.26
CA PRO A 1669 38.96 -24.16 5.15
C PRO A 1669 39.32 -23.53 3.81
N LEU A 1670 40.54 -23.00 3.75
CA LEU A 1670 41.04 -22.34 2.55
C LEU A 1670 41.69 -23.31 1.57
N GLY A 1671 41.79 -24.59 1.91
CA GLY A 1671 42.36 -25.55 0.99
C GLY A 1671 41.55 -25.68 -0.29
N LEU A 1672 40.25 -25.92 -0.14
CA LEU A 1672 39.33 -26.03 -1.27
C LEU A 1672 38.81 -24.67 -1.74
N ARG A 1673 39.39 -23.57 -1.25
CA ARG A 1673 38.87 -22.23 -1.53
C ARG A 1673 39.04 -21.93 -3.02
N ASN A 1674 37.93 -21.99 -3.76
CA ASN A 1674 37.89 -21.67 -5.18
C ASN A 1674 38.92 -22.48 -5.95
N LYS A 1675 38.87 -23.80 -5.76
CA LYS A 1675 39.84 -24.68 -6.39
C LYS A 1675 39.33 -25.26 -7.72
N SER A 1676 38.21 -25.96 -7.68
CA SER A 1676 37.70 -26.68 -8.85
C SER A 1676 36.25 -26.29 -9.14
N GLU A 1677 35.93 -25.00 -8.94
CA GLU A 1677 34.60 -24.47 -9.24
C GLU A 1677 33.51 -25.26 -8.52
N SER A 1678 33.75 -25.52 -7.24
CA SER A 1678 32.80 -26.25 -6.41
C SER A 1678 31.86 -25.25 -5.73
N VAL A 1679 31.08 -25.73 -4.76
CA VAL A 1679 30.15 -24.89 -4.03
C VAL A 1679 30.85 -23.84 -3.19
N VAL A 1680 32.18 -23.92 -3.06
CA VAL A 1680 32.93 -22.89 -2.35
C VAL A 1680 32.84 -21.55 -3.05
N SER A 1681 32.42 -21.53 -4.31
CA SER A 1681 32.20 -20.26 -5.00
C SER A 1681 31.09 -19.45 -4.36
N TYR A 1682 30.09 -20.13 -3.78
CA TYR A 1682 29.02 -19.42 -3.10
C TYR A 1682 29.48 -18.83 -1.77
N PHE A 1683 30.48 -19.44 -1.15
CA PHE A 1683 30.98 -18.94 0.13
C PHE A 1683 31.79 -17.68 -0.09
N ARG A 1684 31.72 -16.76 0.86
CA ARG A 1684 32.46 -15.51 0.78
C ARG A 1684 33.11 -15.25 2.14
N PRO A 1685 34.40 -14.91 2.17
CA PRO A 1685 35.08 -14.74 3.46
C PRO A 1685 34.46 -13.63 4.29
N LEU A 1686 34.49 -13.84 5.61
CA LEU A 1686 33.84 -12.90 6.52
C LEU A 1686 34.72 -11.70 6.84
N LEU A 1687 36.04 -11.89 6.93
CA LEU A 1687 36.91 -10.80 7.36
C LEU A 1687 36.93 -9.68 6.34
N TRP A 1688 36.88 -10.01 5.05
CA TRP A 1688 36.91 -8.98 4.02
C TRP A 1688 35.66 -8.10 4.09
N ASP A 1689 34.48 -8.72 4.20
CA ASP A 1689 33.25 -7.96 4.30
C ASP A 1689 33.19 -7.19 5.61
N TYR A 1690 33.73 -7.77 6.69
CA TYR A 1690 33.81 -7.04 7.95
C TYR A 1690 34.64 -5.79 7.80
N MET A 1691 35.79 -5.89 7.12
CA MET A 1691 36.62 -4.71 6.87
C MET A 1691 35.88 -3.70 6.00
N CYS A 1692 35.17 -4.17 4.96
CA CYS A 1692 34.38 -3.28 4.13
C CYS A 1692 33.39 -2.48 4.97
N ILE A 1693 32.60 -3.17 5.79
CA ILE A 1693 31.56 -2.50 6.56
C ILE A 1693 32.16 -1.57 7.60
N SER A 1694 33.25 -1.99 8.25
CA SER A 1694 33.87 -1.13 9.24
C SER A 1694 34.42 0.13 8.61
N LEU A 1695 35.01 0.02 7.41
CA LEU A 1695 35.47 1.21 6.72
C LEU A 1695 34.31 2.10 6.30
N SER A 1696 33.20 1.49 5.88
CA SER A 1696 32.02 2.27 5.51
C SER A 1696 31.52 3.09 6.70
N THR A 1697 31.41 2.47 7.88
CA THR A 1697 30.99 3.21 9.05
C THR A 1697 32.02 4.25 9.46
N ALA A 1698 33.30 3.95 9.32
CA ALA A 1698 34.33 4.93 9.63
C ALA A 1698 34.21 6.16 8.74
N ILE A 1699 33.83 5.97 7.48
CA ILE A 1699 33.61 7.10 6.59
C ILE A 1699 32.33 7.85 6.97
N GLU A 1700 31.28 7.10 7.31
CA GLU A 1700 29.97 7.74 7.52
C GLU A 1700 29.94 8.52 8.84
N LEU A 1701 30.18 7.84 9.96
CA LEU A 1701 29.98 8.43 11.28
C LEU A 1701 31.25 8.27 12.12
N GLY A 1702 32.14 9.26 12.02
CA GLY A 1702 33.28 9.39 12.90
C GLY A 1702 34.27 8.24 12.87
N ALA A 1703 35.31 8.35 13.71
CA ALA A 1703 36.31 7.30 13.88
C ALA A 1703 36.25 6.65 15.25
N TRP A 1704 35.33 7.07 16.12
CA TRP A 1704 35.16 6.45 17.43
C TRP A 1704 34.57 5.04 17.32
N VAL A 1705 34.06 4.66 16.15
CA VAL A 1705 33.50 3.33 15.99
C VAL A 1705 34.58 2.27 16.04
N LEU A 1706 35.81 2.63 15.66
CA LEU A 1706 36.91 1.67 15.67
C LEU A 1706 37.39 1.33 17.07
N GLY A 1707 36.98 2.07 18.08
CA GLY A 1707 37.41 1.77 19.44
C GLY A 1707 36.90 0.42 19.91
N ASP A 1708 37.54 -0.07 20.96
CA ASP A 1708 37.17 -1.36 21.52
C ASP A 1708 35.79 -1.27 22.17
N PRO A 1709 34.91 -2.25 21.95
CA PRO A 1709 33.59 -2.23 22.58
C PRO A 1709 33.67 -2.41 24.09
N LYS A 1710 33.29 -1.37 24.83
CA LYS A 1710 33.32 -1.43 26.29
C LYS A 1710 31.92 -1.36 26.87
N ASN A 1743 24.42 12.87 -6.74
CA ASN A 1743 25.49 13.86 -6.62
C ASN A 1743 26.66 13.49 -7.53
N HIS A 1744 27.88 13.65 -7.03
CA HIS A 1744 29.07 13.33 -7.80
C HIS A 1744 29.36 11.83 -7.80
N ILE A 1745 28.52 11.04 -7.14
CA ILE A 1745 28.70 9.59 -7.15
C ILE A 1745 28.54 9.04 -8.56
N ILE A 1746 27.64 9.64 -9.36
CA ILE A 1746 27.49 9.22 -10.74
C ILE A 1746 28.73 9.59 -11.54
N HIS A 1747 29.40 10.68 -11.18
CA HIS A 1747 30.65 11.05 -11.83
C HIS A 1747 31.71 9.97 -11.62
N SER A 1748 31.87 9.52 -10.37
CA SER A 1748 32.84 8.47 -10.09
C SER A 1748 32.42 7.16 -10.75
N LEU A 1749 31.12 6.89 -10.81
CA LEU A 1749 30.64 5.68 -11.49
C LEU A 1749 31.01 5.71 -12.97
N ARG A 1750 30.83 6.85 -13.62
CA ARG A 1750 31.19 6.97 -15.03
C ARG A 1750 32.70 6.95 -15.23
N ARG A 1751 33.46 7.46 -14.24
CA ARG A 1751 34.90 7.50 -14.38
C ARG A 1751 35.53 6.11 -14.21
N LEU A 1752 35.05 5.32 -13.25
CA LEU A 1752 35.65 4.02 -12.99
C LEU A 1752 35.01 2.91 -13.79
N TYR A 1753 33.68 2.89 -13.88
CA TYR A 1753 32.94 1.86 -14.61
C TYR A 1753 32.26 2.49 -15.82
N PRO A 1754 32.94 2.61 -16.95
CA PRO A 1754 32.32 3.25 -18.12
C PRO A 1754 31.19 2.42 -18.72
N SER A 1755 31.44 1.14 -18.95
CA SER A 1755 30.42 0.28 -19.54
C SER A 1755 29.22 0.13 -18.62
N VAL A 1756 29.46 -0.04 -17.31
CA VAL A 1756 28.37 -0.12 -16.35
C VAL A 1756 27.64 1.21 -16.26
N PHE A 1757 28.31 2.32 -16.56
CA PHE A 1757 27.63 3.61 -16.62
C PHE A 1757 26.79 3.74 -17.90
N GLU A 1758 27.18 3.03 -18.96
CA GLU A 1758 26.39 3.10 -20.20
C GLU A 1758 25.14 2.24 -20.11
N LYS A 1759 25.29 0.99 -19.70
CA LYS A 1759 24.17 0.07 -19.61
C LYS A 1759 23.55 0.10 -18.22
N HIS A 1760 22.23 0.00 -18.17
CA HIS A 1760 21.46 -0.04 -16.92
C HIS A 1760 21.67 1.20 -16.06
N ILE A 1761 22.11 2.30 -16.65
CA ILE A 1761 22.30 3.56 -15.94
C ILE A 1761 21.83 4.70 -16.84
N LEU A 1762 20.98 5.57 -16.30
CA LEU A 1762 20.37 6.69 -17.01
C LEU A 1762 19.64 6.20 -18.26
N PRO A 1763 18.57 5.42 -18.12
CA PRO A 1763 17.79 5.01 -19.31
C PRO A 1763 16.70 6.02 -19.64
N PHE A 1764 16.34 6.85 -18.66
CA PHE A 1764 15.29 7.85 -18.85
C PHE A 1764 15.64 9.20 -18.27
N MET A 1765 16.81 9.36 -17.63
CA MET A 1765 17.18 10.62 -17.03
C MET A 1765 18.02 11.47 -17.98
N ILE A 1779 39.77 17.24 -4.48
CA ILE A 1779 38.81 16.18 -4.69
C ILE A 1779 38.00 15.94 -3.41
N LYS A 1780 36.78 15.45 -3.57
CA LYS A 1780 35.94 15.12 -2.42
C LYS A 1780 36.20 13.69 -2.00
N PHE A 1781 36.18 13.46 -0.68
CA PHE A 1781 36.52 12.15 -0.11
C PHE A 1781 35.29 11.23 -0.10
N LEU A 1782 34.80 10.94 -1.30
CA LEU A 1782 33.66 10.06 -1.47
C LEU A 1782 33.91 8.89 -2.41
N ASP A 1783 35.06 8.84 -3.08
CA ASP A 1783 35.34 7.75 -4.01
C ASP A 1783 35.35 6.40 -3.30
N LEU A 1784 35.72 6.37 -2.02
CA LEU A 1784 35.66 5.13 -1.28
C LEU A 1784 34.21 4.71 -1.03
N CYS A 1785 33.30 5.66 -0.82
CA CYS A 1785 31.91 5.32 -0.57
C CYS A 1785 31.28 4.63 -1.78
N VAL A 1786 31.79 4.90 -2.98
CA VAL A 1786 31.29 4.24 -4.19
C VAL A 1786 32.17 3.05 -4.58
N ALA A 1787 33.41 3.00 -4.09
CA ALA A 1787 34.29 1.88 -4.44
C ALA A 1787 34.11 0.68 -3.53
N LEU A 1788 33.65 0.90 -2.30
CA LEU A 1788 33.51 -0.17 -1.32
C LEU A 1788 32.24 -1.00 -1.50
N ASP A 1789 31.42 -0.70 -2.49
CA ASP A 1789 30.19 -1.47 -2.72
C ASP A 1789 30.04 -2.00 -4.13
N VAL A 1790 30.74 -1.43 -5.12
CA VAL A 1790 30.65 -1.96 -6.48
C VAL A 1790 31.40 -3.28 -6.61
N ASN A 1791 32.27 -3.60 -5.66
CA ASN A 1791 33.02 -4.85 -5.66
C ASN A 1791 32.77 -5.69 -4.42
N CYS A 1792 32.68 -5.06 -3.25
CA CYS A 1792 32.49 -5.78 -1.99
C CYS A 1792 31.00 -5.95 -1.76
N GLU A 1793 30.45 -7.04 -2.31
CA GLU A 1793 29.01 -7.27 -2.36
C GLU A 1793 28.49 -7.65 -0.98
N ALA A 1794 28.31 -6.62 -0.14
CA ALA A 1794 27.73 -6.82 1.19
C ALA A 1794 26.39 -6.14 1.34
N LEU A 1795 26.32 -4.83 1.10
CA LEU A 1795 25.08 -4.07 1.23
C LEU A 1795 25.06 -3.02 0.12
N SER A 1796 24.15 -2.05 0.25
CA SER A 1796 24.11 -0.91 -0.67
C SER A 1796 25.00 0.23 -0.19
N LEU A 1797 25.15 0.39 1.12
CA LEU A 1797 26.07 1.34 1.75
C LEU A 1797 25.64 2.78 1.56
N VAL A 1798 24.60 3.02 0.76
CA VAL A 1798 24.10 4.37 0.53
C VAL A 1798 22.58 4.38 0.56
N HIS B 25 11.60 31.73 34.30
CA HIS B 25 11.75 30.95 35.52
C HIS B 25 10.96 29.65 35.44
N LEU B 26 10.16 29.39 36.48
CA LEU B 26 9.34 28.19 36.51
C LEU B 26 8.20 28.29 35.49
N GLY B 27 7.50 27.16 35.32
CA GLY B 27 6.41 27.10 34.37
C GLY B 27 5.14 27.74 34.89
N PRO B 28 4.00 27.32 34.35
CA PRO B 28 2.73 27.90 34.78
C PRO B 28 2.36 27.48 36.20
N GLN B 29 1.28 28.07 36.70
CA GLN B 29 0.85 27.84 38.07
C GLN B 29 -0.23 26.74 38.11
N PHE B 30 0.23 25.51 37.95
CA PHE B 30 -0.66 24.35 37.97
C PHE B 30 0.06 23.15 38.58
N CYS B 31 -0.73 22.19 39.01
CA CYS B 31 -0.23 20.92 39.52
C CYS B 31 -0.09 19.96 38.34
N LYS B 32 1.13 19.56 38.02
CA LYS B 32 1.40 18.73 36.84
C LYS B 32 0.83 17.33 36.95
N SER B 33 0.15 16.98 38.04
CA SER B 33 -0.38 15.64 38.23
C SER B 33 -1.86 15.55 37.91
N CYS B 34 -2.68 16.38 38.55
CA CYS B 34 -4.11 16.35 38.34
C CYS B 34 -4.59 17.34 37.27
N TRP B 35 -3.73 18.27 36.86
CA TRP B 35 -3.94 19.19 35.74
C TRP B 35 -5.01 20.24 36.00
N PHE B 36 -5.71 20.22 37.13
CA PHE B 36 -6.85 21.11 37.32
C PHE B 36 -6.79 21.97 38.57
N GLU B 37 -6.07 21.57 39.61
CA GLU B 37 -5.97 22.40 40.80
C GLU B 37 -4.98 23.54 40.57
N ASN B 38 -5.38 24.75 40.94
CA ASN B 38 -4.52 25.92 40.75
C ASN B 38 -4.56 26.87 41.94
N LYS B 39 -4.91 26.38 43.13
CA LYS B 39 -4.97 27.21 44.33
C LYS B 39 -4.21 26.51 45.45
N GLY B 40 -3.27 27.24 46.07
CA GLY B 40 -2.49 26.69 47.16
C GLY B 40 -1.48 25.66 46.71
N LEU B 41 -0.50 26.08 45.92
CA LEU B 41 0.50 25.19 45.36
C LEU B 41 1.83 25.38 46.07
N VAL B 42 2.56 24.28 46.23
CA VAL B 42 3.88 24.28 46.85
C VAL B 42 4.91 23.96 45.78
N GLU B 43 6.05 24.64 45.84
CA GLU B 43 7.05 24.55 44.77
C GLU B 43 7.86 23.27 44.88
N CYS B 44 7.96 22.54 43.76
CA CYS B 44 8.88 21.42 43.64
C CYS B 44 10.27 21.99 43.32
N ASN B 45 11.20 21.12 42.91
CA ASN B 45 12.52 21.61 42.55
C ASN B 45 12.45 22.55 41.34
N ASN B 46 11.48 22.35 40.45
CA ASN B 46 11.33 23.23 39.30
C ASN B 46 9.88 23.53 38.93
N HIS B 47 8.89 23.05 39.67
CA HIS B 47 7.50 23.29 39.31
C HIS B 47 6.64 23.22 40.59
N TYR B 48 5.33 23.16 40.41
CA TYR B 48 4.38 23.26 41.52
C TYR B 48 3.58 21.97 41.66
N LEU B 49 3.17 21.69 42.90
CA LEU B 49 2.29 20.58 43.21
C LEU B 49 1.20 21.07 44.15
N CYS B 50 0.02 20.45 44.05
CA CYS B 50 -1.01 20.75 45.03
C CYS B 50 -0.80 19.88 46.28
N LEU B 51 -1.46 20.29 47.38
CA LEU B 51 -1.26 19.59 48.64
C LEU B 51 -1.79 18.17 48.58
N ASN B 52 -2.93 17.97 47.90
CA ASN B 52 -3.48 16.62 47.78
C ASN B 52 -2.54 15.71 47.01
N CYS B 53 -2.02 16.19 45.88
CA CYS B 53 -1.07 15.39 45.11
C CYS B 53 0.20 15.14 45.91
N LEU B 54 0.64 16.11 46.72
CA LEU B 54 1.84 15.91 47.52
C LEU B 54 1.64 14.81 48.56
N THR B 55 0.54 14.88 49.33
CA THR B 55 0.31 13.85 50.34
C THR B 55 -0.08 12.51 49.70
N LEU B 56 -0.49 12.51 48.42
CA LEU B 56 -0.78 11.25 47.75
C LEU B 56 0.48 10.59 47.18
N LEU B 57 1.43 11.40 46.71
CA LEU B 57 2.67 10.87 46.15
C LEU B 57 3.77 10.72 47.18
N LEU B 58 3.57 11.21 48.40
CA LEU B 58 4.57 10.99 49.45
C LEU B 58 4.60 9.55 49.92
N GLY B 59 3.55 8.76 49.64
CA GLY B 59 3.46 7.40 50.11
C GLY B 59 4.15 6.36 49.27
N VAL B 60 4.62 6.71 48.09
CA VAL B 60 5.29 5.76 47.20
C VAL B 60 6.80 5.86 47.32
N SER B 61 7.34 7.08 47.31
CA SER B 61 8.78 7.30 47.39
C SER B 61 9.02 8.78 47.67
N SER B 62 10.28 9.11 47.94
CA SER B 62 10.68 10.48 48.20
C SER B 62 11.10 11.21 46.92
N ARG B 63 11.23 10.52 45.80
CA ARG B 63 11.66 11.12 44.56
C ARG B 63 10.45 11.60 43.75
N CYS B 64 10.56 12.78 43.18
CA CYS B 64 9.51 13.34 42.34
C CYS B 64 9.31 12.45 41.12
N PRO B 65 8.11 11.91 40.89
CA PRO B 65 7.90 11.02 39.74
C PRO B 65 7.99 11.70 38.40
N ILE B 66 8.19 13.01 38.36
CA ILE B 66 8.36 13.76 37.13
C ILE B 66 9.75 14.36 37.01
N CYS B 67 10.27 14.92 38.11
CA CYS B 67 11.57 15.55 38.11
C CYS B 67 12.72 14.58 38.37
N LYS B 68 12.41 13.37 38.85
CA LYS B 68 13.43 12.40 39.23
C LYS B 68 14.39 12.99 40.27
N MET B 69 13.84 13.80 41.17
CA MET B 69 14.59 14.49 42.21
C MET B 69 13.83 14.36 43.52
N PRO B 70 14.53 14.38 44.66
CA PRO B 70 13.85 14.24 45.94
C PRO B 70 12.93 15.42 46.22
N LEU B 71 11.78 15.13 46.82
CA LEU B 71 10.79 16.15 47.13
C LEU B 71 11.11 16.82 48.45
N PRO B 72 11.04 18.15 48.52
CA PRO B 72 11.26 18.86 49.79
C PRO B 72 10.04 18.73 50.69
N THR B 73 10.17 19.26 51.90
CA THR B 73 9.09 19.22 52.87
C THR B 73 8.63 20.62 53.24
MN MN C . -6.99 16.14 13.39
ZN ZN D . -2.78 18.04 41.81
ZN ZN E . 8.22 18.00 40.52
#